data_1OD7
# 
_entry.id   1OD7 
# 
_audit_conform.dict_name       mmcif_pdbx.dic 
_audit_conform.dict_version    5.397 
_audit_conform.dict_location   http://mmcif.pdb.org/dictionaries/ascii/mmcif_pdbx.dic 
# 
loop_
_database_2.database_id 
_database_2.database_code 
_database_2.pdbx_database_accession 
_database_2.pdbx_DOI 
PDB   1OD7         pdb_00001od7 10.2210/pdb1od7/pdb 
PDBE  EBI-12180    ?            ?                   
WWPDB D_1290012180 ?            ?                   
# 
loop_
_pdbx_audit_revision_history.ordinal 
_pdbx_audit_revision_history.data_content_type 
_pdbx_audit_revision_history.major_revision 
_pdbx_audit_revision_history.minor_revision 
_pdbx_audit_revision_history.revision_date 
1 'Structure model' 1 0 2003-05-16 
2 'Structure model' 1 1 2011-05-08 
3 'Structure model' 1 2 2011-07-13 
4 'Structure model' 1 3 2023-12-13 
5 'Structure model' 1 4 2024-10-23 
# 
_pdbx_audit_revision_details.ordinal             1 
_pdbx_audit_revision_details.revision_ordinal    1 
_pdbx_audit_revision_details.data_content_type   'Structure model' 
_pdbx_audit_revision_details.provider            repository 
_pdbx_audit_revision_details.type                'Initial release' 
_pdbx_audit_revision_details.description         ? 
_pdbx_audit_revision_details.details             ? 
# 
loop_
_pdbx_audit_revision_group.ordinal 
_pdbx_audit_revision_group.revision_ordinal 
_pdbx_audit_revision_group.data_content_type 
_pdbx_audit_revision_group.group 
1 2 'Structure model' 'Version format compliance' 
2 3 'Structure model' 'Version format compliance' 
3 4 'Structure model' 'Data collection'           
4 4 'Structure model' 'Database references'       
5 4 'Structure model' 'Derived calculations'      
6 4 'Structure model' Other                       
7 4 'Structure model' 'Refinement description'    
8 5 'Structure model' 'Structure summary'         
# 
loop_
_pdbx_audit_revision_category.ordinal 
_pdbx_audit_revision_category.revision_ordinal 
_pdbx_audit_revision_category.data_content_type 
_pdbx_audit_revision_category.category 
1 4 'Structure model' chem_comp_atom                
2 4 'Structure model' chem_comp_bond                
3 4 'Structure model' database_2                    
4 4 'Structure model' pdbx_database_status          
5 4 'Structure model' pdbx_initial_refinement_model 
6 4 'Structure model' struct_site                   
7 5 'Structure model' pdbx_entry_details            
8 5 'Structure model' pdbx_modification_feature     
# 
loop_
_pdbx_audit_revision_item.ordinal 
_pdbx_audit_revision_item.revision_ordinal 
_pdbx_audit_revision_item.data_content_type 
_pdbx_audit_revision_item.item 
1 4 'Structure model' '_database_2.pdbx_DOI'                         
2 4 'Structure model' '_database_2.pdbx_database_accession'          
3 4 'Structure model' '_pdbx_database_status.status_code_sf'         
4 4 'Structure model' '_struct_site.pdbx_auth_asym_id'               
5 4 'Structure model' '_struct_site.pdbx_auth_comp_id'               
6 4 'Structure model' '_struct_site.pdbx_auth_seq_id'                
7 5 'Structure model' '_pdbx_entry_details.has_protein_modification' 
# 
_pdbx_database_status.status_code                     REL 
_pdbx_database_status.entry_id                        1OD7 
_pdbx_database_status.deposit_site                    PDBE 
_pdbx_database_status.process_site                    PDBE 
_pdbx_database_status.SG_entry                        . 
_pdbx_database_status.recvd_initial_deposition_date   2003-02-14 
_pdbx_database_status.pdb_format_compatible           Y 
_pdbx_database_status.status_code_sf                  REL 
_pdbx_database_status.status_code_mr                  ? 
_pdbx_database_status.status_code_cs                  ? 
_pdbx_database_status.methods_development_category    ? 
_pdbx_database_status.status_code_nmr_data            ? 
# 
loop_
_pdbx_database_related.db_name 
_pdbx_database_related.db_id 
_pdbx_database_related.content_type 
_pdbx_database_related.details 
PDB 1QFO unspecified 
;N-TERMINAL DOMAIN OF SIALOADHESIN (MOUSE) IN COMPLEX WITH 3'SIALYLLACTOSE
;
PDB 1QFP unspecified 'N-TERMINAL DOMAIN OF SIALOADHESIN (MOUSE)'                                 
# 
loop_
_audit_author.name 
_audit_author.pdbx_ordinal 
'Zaccai, N.R.'  1 
'Maenaka, K.'   2 
'Maenaka, T.'   3 
'Crocker, P.R.' 4 
'Brossmer, R.'  5 
'Kelm, S.'      6 
'Jones, E.Y.'   7 
# 
_citation.id                        primary 
_citation.title                     
'Structure-Guided Design of Sialic Acid-Based Siglec Inhibitors and Crystallographic Analysis in Complex with Sialoadhesin' 
_citation.journal_abbrev            Structure 
_citation.journal_volume            11 
_citation.page_first                557 
_citation.page_last                 ? 
_citation.year                      2003 
_citation.journal_id_ASTM           STRUE6 
_citation.country                   UK 
_citation.journal_id_ISSN           0969-2126 
_citation.journal_id_CSD            2005 
_citation.book_publisher            ? 
_citation.pdbx_database_id_PubMed   12737821 
_citation.pdbx_database_id_DOI      '10.1016/S0969-2126(03)00073-X' 
# 
loop_
_citation_author.citation_id 
_citation_author.name 
_citation_author.ordinal 
_citation_author.identifier_ORCID 
primary 'Zaccai, N.R.'  1 ? 
primary 'Maenaka, K.'   2 ? 
primary 'Maenaka, T.'   3 ? 
primary 'Crocker, P.R.' 4 ? 
primary 'Brossmer, R.'  5 ? 
primary 'Kelm, S.'      6 ? 
primary 'Jones, E.Y.'   7 ? 
# 
loop_
_entity.id 
_entity.type 
_entity.src_method 
_entity.pdbx_description 
_entity.formula_weight 
_entity.pdbx_number_of_molecules 
_entity.pdbx_ec 
_entity.pdbx_mutation 
_entity.pdbx_fragment 
_entity.details 
1 polymer     man SIALOADHESIN                                          13319.107 1 ? ? 
'DOMAIN ONE, IG-LIKE V-TYPE DOMAIN, RESIDUES 20-138' 'BOUND TO ME-A-9-N-(NAPHTHYL-2-CARBONYL)-AMINO-9-DEOXY-NEU5AC' 
2 non-polymer syn 'ME-A-9-N-(NAPHTHYL-2-CARBONYL)-AMINO-9-DEOXY-NEU5AC' 476.476   1 ? ? ? ? 
# 
_entity_name_com.entity_id   1 
_entity_name_com.name        'SND1, SIALIC ACID BINDING IG-LIKE LECTIN-1, SIGLEC-1' 
# 
_entity_poly.entity_id                      1 
_entity_poly.type                           'polypeptide(L)' 
_entity_poly.nstd_linkage                   no 
_entity_poly.nstd_monomer                   no 
_entity_poly.pdbx_seq_one_letter_code       
;TWGVSSPKNVQGLSGSCLLIPCIFSYPADVPVSNGITAIWYYDYSGKRQVVIHSGDPKLVDKRFRGRAELMGNMDHKVCN
LLLKDLKPEDSGTYNFRFEISDSNRWLDVKGTTVTVTTD
;
_entity_poly.pdbx_seq_one_letter_code_can   
;TWGVSSPKNVQGLSGSCLLIPCIFSYPADVPVSNGITAIWYYDYSGKRQVVIHSGDPKLVDKRFRGRAELMGNMDHKVCN
LLLKDLKPEDSGTYNFRFEISDSNRWLDVKGTTVTVTTD
;
_entity_poly.pdbx_strand_id                 A 
_entity_poly.pdbx_target_identifier         ? 
# 
_pdbx_entity_nonpoly.entity_id   2 
_pdbx_entity_nonpoly.name        'ME-A-9-N-(NAPHTHYL-2-CARBONYL)-AMINO-9-DEOXY-NEU5AC' 
_pdbx_entity_nonpoly.comp_id     SUW 
# 
loop_
_entity_poly_seq.entity_id 
_entity_poly_seq.num 
_entity_poly_seq.mon_id 
_entity_poly_seq.hetero 
1 1   THR n 
1 2   TRP n 
1 3   GLY n 
1 4   VAL n 
1 5   SER n 
1 6   SER n 
1 7   PRO n 
1 8   LYS n 
1 9   ASN n 
1 10  VAL n 
1 11  GLN n 
1 12  GLY n 
1 13  LEU n 
1 14  SER n 
1 15  GLY n 
1 16  SER n 
1 17  CYS n 
1 18  LEU n 
1 19  LEU n 
1 20  ILE n 
1 21  PRO n 
1 22  CYS n 
1 23  ILE n 
1 24  PHE n 
1 25  SER n 
1 26  TYR n 
1 27  PRO n 
1 28  ALA n 
1 29  ASP n 
1 30  VAL n 
1 31  PRO n 
1 32  VAL n 
1 33  SER n 
1 34  ASN n 
1 35  GLY n 
1 36  ILE n 
1 37  THR n 
1 38  ALA n 
1 39  ILE n 
1 40  TRP n 
1 41  TYR n 
1 42  TYR n 
1 43  ASP n 
1 44  TYR n 
1 45  SER n 
1 46  GLY n 
1 47  LYS n 
1 48  ARG n 
1 49  GLN n 
1 50  VAL n 
1 51  VAL n 
1 52  ILE n 
1 53  HIS n 
1 54  SER n 
1 55  GLY n 
1 56  ASP n 
1 57  PRO n 
1 58  LYS n 
1 59  LEU n 
1 60  VAL n 
1 61  ASP n 
1 62  LYS n 
1 63  ARG n 
1 64  PHE n 
1 65  ARG n 
1 66  GLY n 
1 67  ARG n 
1 68  ALA n 
1 69  GLU n 
1 70  LEU n 
1 71  MET n 
1 72  GLY n 
1 73  ASN n 
1 74  MET n 
1 75  ASP n 
1 76  HIS n 
1 77  LYS n 
1 78  VAL n 
1 79  CYS n 
1 80  ASN n 
1 81  LEU n 
1 82  LEU n 
1 83  LEU n 
1 84  LYS n 
1 85  ASP n 
1 86  LEU n 
1 87  LYS n 
1 88  PRO n 
1 89  GLU n 
1 90  ASP n 
1 91  SER n 
1 92  GLY n 
1 93  THR n 
1 94  TYR n 
1 95  ASN n 
1 96  PHE n 
1 97  ARG n 
1 98  PHE n 
1 99  GLU n 
1 100 ILE n 
1 101 SER n 
1 102 ASP n 
1 103 SER n 
1 104 ASN n 
1 105 ARG n 
1 106 TRP n 
1 107 LEU n 
1 108 ASP n 
1 109 VAL n 
1 110 LYS n 
1 111 GLY n 
1 112 THR n 
1 113 THR n 
1 114 VAL n 
1 115 THR n 
1 116 VAL n 
1 117 THR n 
1 118 THR n 
1 119 ASP n 
# 
_entity_src_gen.entity_id                          1 
_entity_src_gen.pdbx_src_id                        1 
_entity_src_gen.pdbx_alt_source_flag               sample 
_entity_src_gen.pdbx_seq_type                      ? 
_entity_src_gen.pdbx_beg_seq_num                   ? 
_entity_src_gen.pdbx_end_seq_num                   ? 
_entity_src_gen.gene_src_common_name               MOUSE 
_entity_src_gen.gene_src_genus                     ? 
_entity_src_gen.pdbx_gene_src_gene                 ? 
_entity_src_gen.gene_src_species                   ? 
_entity_src_gen.gene_src_strain                    ? 
_entity_src_gen.gene_src_tissue                    ? 
_entity_src_gen.gene_src_tissue_fraction           ? 
_entity_src_gen.gene_src_details                   ? 
_entity_src_gen.pdbx_gene_src_fragment             ? 
_entity_src_gen.pdbx_gene_src_scientific_name      'MUS MUSCULUS' 
_entity_src_gen.pdbx_gene_src_ncbi_taxonomy_id     10090 
_entity_src_gen.pdbx_gene_src_variant              ? 
_entity_src_gen.pdbx_gene_src_cell_line            ? 
_entity_src_gen.pdbx_gene_src_atcc                 ? 
_entity_src_gen.pdbx_gene_src_organ                ? 
_entity_src_gen.pdbx_gene_src_organelle            ? 
_entity_src_gen.pdbx_gene_src_cell                 ? 
_entity_src_gen.pdbx_gene_src_cellular_location    ? 
_entity_src_gen.host_org_common_name               ? 
_entity_src_gen.pdbx_host_org_scientific_name      'CRICETULUS GRISEUS' 
_entity_src_gen.pdbx_host_org_ncbi_taxonomy_id     10029 
_entity_src_gen.host_org_genus                     ? 
_entity_src_gen.pdbx_host_org_gene                 ? 
_entity_src_gen.pdbx_host_org_organ                ? 
_entity_src_gen.host_org_species                   ? 
_entity_src_gen.pdbx_host_org_tissue               ? 
_entity_src_gen.pdbx_host_org_tissue_fraction      ? 
_entity_src_gen.pdbx_host_org_strain               ? 
_entity_src_gen.pdbx_host_org_variant              ? 
_entity_src_gen.pdbx_host_org_cell_line            'CHO CELL' 
_entity_src_gen.pdbx_host_org_atcc                 ? 
_entity_src_gen.pdbx_host_org_culture_collection   ? 
_entity_src_gen.pdbx_host_org_cell                 ? 
_entity_src_gen.pdbx_host_org_organelle            ? 
_entity_src_gen.pdbx_host_org_cellular_location    ? 
_entity_src_gen.pdbx_host_org_vector_type          ? 
_entity_src_gen.pdbx_host_org_vector               ? 
_entity_src_gen.host_org_details                   ? 
_entity_src_gen.expression_system_id               ? 
_entity_src_gen.plasmid_name                       PEE14 
_entity_src_gen.plasmid_details                    ? 
_entity_src_gen.pdbx_description                   'CHO CELL STABLE EXPRESSION WITH PEE14 PLASMID' 
# 
loop_
_chem_comp.id 
_chem_comp.type 
_chem_comp.mon_nstd_flag 
_chem_comp.name 
_chem_comp.pdbx_synonyms 
_chem_comp.formula 
_chem_comp.formula_weight 
ALA 'L-peptide linking' y ALANINE                                               ? 'C3 H7 N O2'     89.093  
ARG 'L-peptide linking' y ARGININE                                              ? 'C6 H15 N4 O2 1' 175.209 
ASN 'L-peptide linking' y ASPARAGINE                                            ? 'C4 H8 N2 O3'    132.118 
ASP 'L-peptide linking' y 'ASPARTIC ACID'                                       ? 'C4 H7 N O4'     133.103 
CYS 'L-peptide linking' y CYSTEINE                                              ? 'C3 H7 N O2 S'   121.158 
GLN 'L-peptide linking' y GLUTAMINE                                             ? 'C5 H10 N2 O3'   146.144 
GLU 'L-peptide linking' y 'GLUTAMIC ACID'                                       ? 'C5 H9 N O4'     147.129 
GLY 'peptide linking'   y GLYCINE                                               ? 'C2 H5 N O2'     75.067  
HIS 'L-peptide linking' y HISTIDINE                                             ? 'C6 H10 N3 O2 1' 156.162 
ILE 'L-peptide linking' y ISOLEUCINE                                            ? 'C6 H13 N O2'    131.173 
LEU 'L-peptide linking' y LEUCINE                                               ? 'C6 H13 N O2'    131.173 
LYS 'L-peptide linking' y LYSINE                                                ? 'C6 H15 N2 O2 1' 147.195 
MET 'L-peptide linking' y METHIONINE                                            ? 'C5 H11 N O2 S'  149.211 
PHE 'L-peptide linking' y PHENYLALANINE                                         ? 'C9 H11 N O2'    165.189 
PRO 'L-peptide linking' y PROLINE                                               ? 'C5 H9 N O2'     115.130 
SER 'L-peptide linking' y SERINE                                                ? 'C3 H7 N O3'     105.093 
SUW non-polymer         . 'ME-A-9-N-(NAPHTHYL-2-CARBONYL)-AMINO-9-DEOXY-NEU5AC' ? 'C23 H28 N2 O9'  476.476 
THR 'L-peptide linking' y THREONINE                                             ? 'C4 H9 N O3'     119.119 
TRP 'L-peptide linking' y TRYPTOPHAN                                            ? 'C11 H12 N2 O2'  204.225 
TYR 'L-peptide linking' y TYROSINE                                              ? 'C9 H11 N O3'    181.189 
VAL 'L-peptide linking' y VALINE                                                ? 'C5 H11 N O2'    117.146 
# 
loop_
_pdbx_poly_seq_scheme.asym_id 
_pdbx_poly_seq_scheme.entity_id 
_pdbx_poly_seq_scheme.seq_id 
_pdbx_poly_seq_scheme.mon_id 
_pdbx_poly_seq_scheme.ndb_seq_num 
_pdbx_poly_seq_scheme.pdb_seq_num 
_pdbx_poly_seq_scheme.auth_seq_num 
_pdbx_poly_seq_scheme.pdb_mon_id 
_pdbx_poly_seq_scheme.auth_mon_id 
_pdbx_poly_seq_scheme.pdb_strand_id 
_pdbx_poly_seq_scheme.pdb_ins_code 
_pdbx_poly_seq_scheme.hetero 
A 1 1   THR 1   1   1   THR THR A . n 
A 1 2   TRP 2   2   2   TRP TRP A . n 
A 1 3   GLY 3   3   3   GLY GLY A . n 
A 1 4   VAL 4   4   4   VAL VAL A . n 
A 1 5   SER 5   5   5   SER SER A . n 
A 1 6   SER 6   6   6   SER SER A . n 
A 1 7   PRO 7   7   7   PRO PRO A . n 
A 1 8   LYS 8   8   8   LYS LYS A . n 
A 1 9   ASN 9   9   9   ASN ASN A . n 
A 1 10  VAL 10  10  10  VAL VAL A . n 
A 1 11  GLN 11  11  11  GLN GLN A . n 
A 1 12  GLY 12  12  12  GLY GLY A . n 
A 1 13  LEU 13  13  13  LEU LEU A . n 
A 1 14  SER 14  14  14  SER SER A . n 
A 1 15  GLY 15  15  15  GLY GLY A . n 
A 1 16  SER 16  16  16  SER SER A . n 
A 1 17  CYS 17  17  17  CYS CYS A . n 
A 1 18  LEU 18  18  18  LEU LEU A . n 
A 1 19  LEU 19  19  19  LEU LEU A . n 
A 1 20  ILE 20  20  20  ILE ILE A . n 
A 1 21  PRO 21  21  21  PRO PRO A . n 
A 1 22  CYS 22  22  22  CYS CYS A . n 
A 1 23  ILE 23  23  23  ILE ILE A . n 
A 1 24  PHE 24  24  24  PHE PHE A . n 
A 1 25  SER 25  25  25  SER SER A . n 
A 1 26  TYR 26  26  26  TYR TYR A . n 
A 1 27  PRO 27  27  27  PRO PRO A . n 
A 1 28  ALA 28  28  28  ALA ALA A . n 
A 1 29  ASP 29  29  29  ASP ASP A . n 
A 1 30  VAL 30  30  30  VAL VAL A . n 
A 1 31  PRO 31  31  31  PRO PRO A . n 
A 1 32  VAL 32  32  32  VAL VAL A . n 
A 1 33  SER 33  33  33  SER SER A . n 
A 1 34  ASN 34  34  34  ASN ASN A . n 
A 1 35  GLY 35  35  35  GLY GLY A . n 
A 1 36  ILE 36  36  36  ILE ILE A . n 
A 1 37  THR 37  37  37  THR THR A . n 
A 1 38  ALA 38  38  38  ALA ALA A . n 
A 1 39  ILE 39  39  39  ILE ILE A . n 
A 1 40  TRP 40  40  40  TRP TRP A . n 
A 1 41  TYR 41  41  41  TYR TYR A . n 
A 1 42  TYR 42  42  42  TYR TYR A . n 
A 1 43  ASP 43  43  43  ASP ASP A . n 
A 1 44  TYR 44  44  44  TYR TYR A . n 
A 1 45  SER 45  45  45  SER SER A . n 
A 1 46  GLY 46  46  46  GLY GLY A . n 
A 1 47  LYS 47  47  47  LYS LYS A . n 
A 1 48  ARG 48  48  48  ARG ARG A . n 
A 1 49  GLN 49  49  49  GLN GLN A . n 
A 1 50  VAL 50  50  50  VAL VAL A . n 
A 1 51  VAL 51  51  51  VAL VAL A . n 
A 1 52  ILE 52  52  52  ILE ILE A . n 
A 1 53  HIS 53  53  53  HIS HIS A . n 
A 1 54  SER 54  54  54  SER SER A . n 
A 1 55  GLY 55  55  55  GLY GLY A . n 
A 1 56  ASP 56  56  56  ASP ASP A . n 
A 1 57  PRO 57  57  57  PRO PRO A . n 
A 1 58  LYS 58  58  58  LYS LYS A . n 
A 1 59  LEU 59  59  59  LEU LEU A . n 
A 1 60  VAL 60  60  60  VAL VAL A . n 
A 1 61  ASP 61  61  61  ASP ASP A . n 
A 1 62  LYS 62  62  62  LYS LYS A . n 
A 1 63  ARG 63  63  63  ARG ARG A . n 
A 1 64  PHE 64  64  64  PHE PHE A . n 
A 1 65  ARG 65  65  65  ARG ARG A . n 
A 1 66  GLY 66  66  66  GLY GLY A . n 
A 1 67  ARG 67  67  67  ARG ARG A . n 
A 1 68  ALA 68  68  68  ALA ALA A . n 
A 1 69  GLU 69  69  69  GLU GLU A . n 
A 1 70  LEU 70  70  70  LEU LEU A . n 
A 1 71  MET 71  71  71  MET MET A . n 
A 1 72  GLY 72  72  72  GLY GLY A . n 
A 1 73  ASN 73  73  73  ASN ASN A . n 
A 1 74  MET 74  74  74  MET MET A . n 
A 1 75  ASP 75  75  75  ASP ASP A . n 
A 1 76  HIS 76  76  76  HIS HIS A . n 
A 1 77  LYS 77  77  77  LYS LYS A . n 
A 1 78  VAL 78  78  78  VAL VAL A . n 
A 1 79  CYS 79  79  79  CYS CYS A . n 
A 1 80  ASN 80  80  80  ASN ASN A . n 
A 1 81  LEU 81  81  81  LEU LEU A . n 
A 1 82  LEU 82  82  82  LEU LEU A . n 
A 1 83  LEU 83  83  83  LEU LEU A . n 
A 1 84  LYS 84  84  84  LYS LYS A . n 
A 1 85  ASP 85  85  85  ASP ASP A . n 
A 1 86  LEU 86  86  86  LEU LEU A . n 
A 1 87  LYS 87  87  87  LYS LYS A . n 
A 1 88  PRO 88  88  88  PRO PRO A . n 
A 1 89  GLU 89  89  89  GLU GLU A . n 
A 1 90  ASP 90  90  90  ASP ASP A . n 
A 1 91  SER 91  91  91  SER SER A . n 
A 1 92  GLY 92  92  92  GLY GLY A . n 
A 1 93  THR 93  93  93  THR THR A . n 
A 1 94  TYR 94  94  94  TYR TYR A . n 
A 1 95  ASN 95  95  95  ASN ASN A . n 
A 1 96  PHE 96  96  96  PHE PHE A . n 
A 1 97  ARG 97  97  97  ARG ARG A . n 
A 1 98  PHE 98  98  98  PHE PHE A . n 
A 1 99  GLU 99  99  99  GLU GLU A . n 
A 1 100 ILE 100 100 100 ILE ILE A . n 
A 1 101 SER 101 101 101 SER SER A . n 
A 1 102 ASP 102 102 102 ASP ASP A . n 
A 1 103 SER 103 103 103 SER SER A . n 
A 1 104 ASN 104 104 104 ASN ASN A . n 
A 1 105 ARG 105 105 105 ARG ARG A . n 
A 1 106 TRP 106 106 106 TRP TRP A . n 
A 1 107 LEU 107 107 107 LEU LEU A . n 
A 1 108 ASP 108 108 108 ASP ASP A . n 
A 1 109 VAL 109 109 109 VAL VAL A . n 
A 1 110 LYS 110 110 110 LYS LYS A . n 
A 1 111 GLY 111 111 111 GLY GLY A . n 
A 1 112 THR 112 112 112 THR THR A . n 
A 1 113 THR 113 113 113 THR THR A . n 
A 1 114 VAL 114 114 114 VAL VAL A . n 
A 1 115 THR 115 115 115 THR THR A . n 
A 1 116 VAL 116 116 116 VAL VAL A . n 
A 1 117 THR 117 117 117 THR THR A . n 
A 1 118 THR 118 118 118 THR THR A . n 
A 1 119 ASP 119 119 119 ASP ASP A . n 
# 
_pdbx_nonpoly_scheme.asym_id         B 
_pdbx_nonpoly_scheme.entity_id       2 
_pdbx_nonpoly_scheme.mon_id          SUW 
_pdbx_nonpoly_scheme.ndb_seq_num     1 
_pdbx_nonpoly_scheme.pdb_seq_num     201 
_pdbx_nonpoly_scheme.auth_seq_num    201 
_pdbx_nonpoly_scheme.pdb_mon_id      SUW 
_pdbx_nonpoly_scheme.auth_mon_id     SUW 
_pdbx_nonpoly_scheme.pdb_strand_id   A 
_pdbx_nonpoly_scheme.pdb_ins_code    . 
# 
loop_
_pdbx_unobs_or_zero_occ_atoms.id 
_pdbx_unobs_or_zero_occ_atoms.PDB_model_num 
_pdbx_unobs_or_zero_occ_atoms.polymer_flag 
_pdbx_unobs_or_zero_occ_atoms.occupancy_flag 
_pdbx_unobs_or_zero_occ_atoms.auth_asym_id 
_pdbx_unobs_or_zero_occ_atoms.auth_comp_id 
_pdbx_unobs_or_zero_occ_atoms.auth_seq_id 
_pdbx_unobs_or_zero_occ_atoms.PDB_ins_code 
_pdbx_unobs_or_zero_occ_atoms.auth_atom_id 
_pdbx_unobs_or_zero_occ_atoms.label_alt_id 
_pdbx_unobs_or_zero_occ_atoms.label_asym_id 
_pdbx_unobs_or_zero_occ_atoms.label_comp_id 
_pdbx_unobs_or_zero_occ_atoms.label_seq_id 
_pdbx_unobs_or_zero_occ_atoms.label_atom_id 
1 1 Y 1 A ASP 119 ? CA  ? A ASP 119 CA  
2 1 Y 1 A ASP 119 ? C   ? A ASP 119 C   
3 1 Y 1 A ASP 119 ? O   ? A ASP 119 O   
4 1 Y 1 A ASP 119 ? CB  ? A ASP 119 CB  
5 1 Y 1 A ASP 119 ? CG  ? A ASP 119 CG  
6 1 Y 1 A ASP 119 ? OD1 ? A ASP 119 OD1 
7 1 Y 1 A ASP 119 ? OD2 ? A ASP 119 OD2 
8 1 N 1 A SUW 201 ? CO2 ? B SUW 1   CO2 
# 
loop_
_software.name 
_software.classification 
_software.version 
_software.citation_id 
_software.pdbx_ordinal 
CNS       refinement       1.0 ? 1 
DENZO     'data reduction' .   ? 2 
SCALEPACK 'data scaling'   .   ? 3 
AMoRE     phasing          .   ? 4 
# 
_cell.entry_id           1OD7 
_cell.length_a           64.866 
_cell.length_b           64.866 
_cell.length_c           64.051 
_cell.angle_alpha        90.00 
_cell.angle_beta         90.00 
_cell.angle_gamma        90.00 
_cell.Z_PDB              8 
_cell.pdbx_unique_axis   ? 
# 
_symmetry.entry_id                         1OD7 
_symmetry.space_group_name_H-M             'P 43 21 2' 
_symmetry.pdbx_full_space_group_name_H-M   ? 
_symmetry.cell_setting                     ? 
_symmetry.Int_Tables_number                96 
# 
_exptl.entry_id          1OD7 
_exptl.method            'X-RAY DIFFRACTION' 
_exptl.crystals_number   1 
# 
_exptl_crystal.id                    1 
_exptl_crystal.density_meas          ? 
_exptl_crystal.density_Matthews      2.54 
_exptl_crystal.density_percent_sol   52.0 
_exptl_crystal.description           ? 
# 
_exptl_crystal_grow.crystal_id      1 
_exptl_crystal_grow.method          ? 
_exptl_crystal_grow.temp            ? 
_exptl_crystal_grow.temp_details    ? 
_exptl_crystal_grow.pH              5.60 
_exptl_crystal_grow.pdbx_pH_range   ? 
_exptl_crystal_grow.pdbx_details    '30 % (W/V) PEG 4000, 10 MM DTT, 0.1M SODIUM HEPES PH 5.6,25MM NAP COMPOUND' 
# 
_diffrn.id                     1 
_diffrn.ambient_temp           110.0 
_diffrn.ambient_temp_details   ? 
_diffrn.crystal_id             1 
# 
_diffrn_detector.diffrn_id              1 
_diffrn_detector.detector               CCD 
_diffrn_detector.type                   MARRESEARCH 
_diffrn_detector.pdbx_collection_date   ? 
_diffrn_detector.details                ? 
# 
_diffrn_radiation.diffrn_id                        1 
_diffrn_radiation.wavelength_id                    1 
_diffrn_radiation.pdbx_monochromatic_or_laue_m_l   M 
_diffrn_radiation.monochromator                    ? 
_diffrn_radiation.pdbx_diffrn_protocol             'SINGLE WAVELENGTH' 
_diffrn_radiation.pdbx_scattering_type             x-ray 
# 
_diffrn_radiation_wavelength.id           1 
_diffrn_radiation_wavelength.wavelength   0.97 
_diffrn_radiation_wavelength.wt           1.0 
# 
_diffrn_source.diffrn_id                   1 
_diffrn_source.source                      SYNCHROTRON 
_diffrn_source.type                        'SRS BEAMLINE PX14.2' 
_diffrn_source.pdbx_synchrotron_site       SRS 
_diffrn_source.pdbx_synchrotron_beamline   PX14.2 
_diffrn_source.pdbx_wavelength             0.97 
_diffrn_source.pdbx_wavelength_list        ? 
# 
_reflns.pdbx_diffrn_id               1 
_reflns.pdbx_ordinal                 1 
_reflns.entry_id                     1OD7 
_reflns.observed_criterion_sigma_I   0.000 
_reflns.observed_criterion_sigma_F   ? 
_reflns.d_resolution_low             25.000 
_reflns.d_resolution_high            3.000 
_reflns.number_obs                   3047 
_reflns.number_all                   ? 
_reflns.percent_possible_obs         97.0 
_reflns.pdbx_Rmerge_I_obs            0.24000 
_reflns.pdbx_Rsym_value              ? 
_reflns.pdbx_netI_over_sigmaI        8.4000 
_reflns.B_iso_Wilson_estimate        26.1 
_reflns.pdbx_redundancy              9.600 
# 
_reflns_shell.pdbx_diffrn_id         1 
_reflns_shell.pdbx_ordinal           1 
_reflns_shell.d_res_high             3.00 
_reflns_shell.d_res_low              3.11 
_reflns_shell.percent_possible_all   72.5 
_reflns_shell.Rmerge_I_obs           0.51000 
_reflns_shell.pdbx_Rsym_value        ? 
_reflns_shell.meanI_over_sigI_obs    2.100 
_reflns_shell.pdbx_redundancy        ? 
# 
_refine.pdbx_refine_id                           'X-RAY DIFFRACTION' 
_refine.entry_id                                 1OD7 
_refine.pdbx_diffrn_id                           1 
_refine.pdbx_TLS_residual_ADP_flag               ? 
_refine.ls_number_reflns_obs                     2857 
_refine.ls_number_reflns_all                     ? 
_refine.pdbx_ls_sigma_I                          ? 
_refine.pdbx_ls_sigma_F                          0.0 
_refine.pdbx_data_cutoff_high_absF               118124.86 
_refine.pdbx_data_cutoff_low_absF                0.000000 
_refine.pdbx_data_cutoff_high_rms_absF           ? 
_refine.ls_d_res_low                             19.54 
_refine.ls_d_res_high                            3.00 
_refine.ls_percent_reflns_obs                    95.5 
_refine.ls_R_factor_obs                          0.192 
_refine.ls_R_factor_all                          ? 
_refine.ls_R_factor_R_work                       0.192 
_refine.ls_R_factor_R_free                       0.272 
_refine.ls_R_factor_R_free_error                 0.023 
_refine.ls_R_factor_R_free_error_details         ? 
_refine.ls_percent_reflns_R_free                 4.8 
_refine.ls_number_reflns_R_free                  136 
_refine.ls_number_parameters                     ? 
_refine.ls_number_restraints                     ? 
_refine.occupancy_min                            ? 
_refine.occupancy_max                            ? 
_refine.correlation_coeff_Fo_to_Fc               ? 
_refine.correlation_coeff_Fo_to_Fc_free          ? 
_refine.B_iso_mean                               21.6 
_refine.aniso_B[1][1]                            5.10 
_refine.aniso_B[2][2]                            5.10 
_refine.aniso_B[3][3]                            -10.20 
_refine.aniso_B[1][2]                            0.00 
_refine.aniso_B[1][3]                            0.00 
_refine.aniso_B[2][3]                            0.00 
_refine.solvent_model_details                    'FLAT MODEL' 
_refine.solvent_model_param_ksol                 0.32 
_refine.solvent_model_param_bsol                 10 
_refine.pdbx_solvent_vdw_probe_radii             ? 
_refine.pdbx_solvent_ion_probe_radii             ? 
_refine.pdbx_solvent_shrinkage_radii             ? 
_refine.pdbx_ls_cross_valid_method               THROUGHOUT 
_refine.details                                  'BULK SOLVENT MODEL USED' 
_refine.pdbx_starting_model                      'DOMAIN A OF PDB ENTRY 1QFO' 
_refine.pdbx_method_to_determine_struct          'MOLECULAR REPLACEMENT' 
_refine.pdbx_isotropic_thermal_model             RESTRAINED 
_refine.pdbx_stereochemistry_target_values       ? 
_refine.pdbx_stereochem_target_val_spec_case     ? 
_refine.pdbx_R_Free_selection_details            RANDOM 
_refine.pdbx_overall_ESU_R                       ? 
_refine.pdbx_overall_ESU_R_Free                  ? 
_refine.overall_SU_ML                            ? 
_refine.pdbx_overall_phase_error                 ? 
_refine.overall_SU_B                             ? 
_refine.overall_SU_R_Cruickshank_DPI             ? 
_refine.pdbx_overall_SU_R_free_Cruickshank_DPI   ? 
_refine.pdbx_overall_SU_R_Blow_DPI               ? 
_refine.pdbx_overall_SU_R_free_Blow_DPI          ? 
# 
_refine_analyze.pdbx_refine_id                  'X-RAY DIFFRACTION' 
_refine_analyze.entry_id                        1OD7 
_refine_analyze.Luzzati_coordinate_error_obs    0.29 
_refine_analyze.Luzzati_sigma_a_obs             0.37 
_refine_analyze.Luzzati_d_res_low_obs           6.00 
_refine_analyze.Luzzati_coordinate_error_free   0.44 
_refine_analyze.Luzzati_sigma_a_free            0.51 
_refine_analyze.Luzzati_d_res_low_free          ? 
_refine_analyze.number_disordered_residues      ? 
_refine_analyze.occupancy_sum_hydrogen          ? 
_refine_analyze.occupancy_sum_non_hydrogen      ? 
# 
_refine_hist.pdbx_refine_id                   'X-RAY DIFFRACTION' 
_refine_hist.cycle_id                         LAST 
_refine_hist.pdbx_number_atoms_protein        928 
_refine_hist.pdbx_number_atoms_nucleic_acid   0 
_refine_hist.pdbx_number_atoms_ligand         33 
_refine_hist.number_atoms_solvent             0 
_refine_hist.number_atoms_total               961 
_refine_hist.d_res_high                       3.00 
_refine_hist.d_res_low                        19.54 
# 
loop_
_refine_ls_restr.type 
_refine_ls_restr.dev_ideal 
_refine_ls_restr.dev_ideal_target 
_refine_ls_restr.weight 
_refine_ls_restr.number 
_refine_ls_restr.pdbx_refine_id 
_refine_ls_restr.pdbx_restraint_function 
c_bond_d                0.007 ?    ? ? 'X-RAY DIFFRACTION' ? 
c_bond_d_na             ?     ?    ? ? 'X-RAY DIFFRACTION' ? 
c_bond_d_prot           ?     ?    ? ? 'X-RAY DIFFRACTION' ? 
c_angle_d               ?     ?    ? ? 'X-RAY DIFFRACTION' ? 
c_angle_d_na            ?     ?    ? ? 'X-RAY DIFFRACTION' ? 
c_angle_d_prot          ?     ?    ? ? 'X-RAY DIFFRACTION' ? 
c_angle_deg             1.2   ?    ? ? 'X-RAY DIFFRACTION' ? 
c_angle_deg_na          ?     ?    ? ? 'X-RAY DIFFRACTION' ? 
c_angle_deg_prot        ?     ?    ? ? 'X-RAY DIFFRACTION' ? 
c_dihedral_angle_d      25.0  ?    ? ? 'X-RAY DIFFRACTION' ? 
c_dihedral_angle_d_na   ?     ?    ? ? 'X-RAY DIFFRACTION' ? 
c_dihedral_angle_d_prot ?     ?    ? ? 'X-RAY DIFFRACTION' ? 
c_improper_angle_d      0.89  ?    ? ? 'X-RAY DIFFRACTION' ? 
c_improper_angle_d_na   ?     ?    ? ? 'X-RAY DIFFRACTION' ? 
c_improper_angle_d_prot ?     ?    ? ? 'X-RAY DIFFRACTION' ? 
c_mcbond_it             3.95  1.00 ? ? 'X-RAY DIFFRACTION' ? 
c_mcangle_it            5.70  1.00 ? ? 'X-RAY DIFFRACTION' ? 
c_scbond_it             6.94  1.50 ? ? 'X-RAY DIFFRACTION' ? 
c_scangle_it            9.05  1.50 ? ? 'X-RAY DIFFRACTION' ? 
# 
_refine_ls_shell.pdbx_refine_id                   'X-RAY DIFFRACTION' 
_refine_ls_shell.pdbx_total_number_of_bins_used   6 
_refine_ls_shell.d_res_high                       3.00 
_refine_ls_shell.d_res_low                        3.19 
_refine_ls_shell.number_reflns_R_work             408 
_refine_ls_shell.R_factor_R_work                  0.273 
_refine_ls_shell.percent_reflns_obs               88.2 
_refine_ls_shell.R_factor_R_free                  0.347 
_refine_ls_shell.R_factor_R_free_error            0.082 
_refine_ls_shell.percent_reflns_R_free            4.2 
_refine_ls_shell.number_reflns_R_free             18 
_refine_ls_shell.number_reflns_all                ? 
_refine_ls_shell.R_factor_all                     ? 
# 
loop_
_pdbx_xplor_file.pdbx_refine_id 
_pdbx_xplor_file.serial_no 
_pdbx_xplor_file.param_file 
_pdbx_xplor_file.topol_file 
'X-RAY DIFFRACTION' 1 PROTEIN_REP.PARAM PROTEIN.TOP 
'X-RAY DIFFRACTION' 2 DNA-RNA_REP.PARAM DNA-RNA.TOP 
'X-RAY DIFFRACTION' 3 WATER_REP.PARAM   WATER.TOP   
'X-RAY DIFFRACTION' 4 ION.PARAM         ION.TOP     
'X-RAY DIFFRACTION' 5 SUW4.PARAM        SUW4.TOP    
# 
_struct.entry_id                  1OD7 
_struct.title                     
'N-terminal of Sialoadhesin in complex with Me-a-9-N-(naphthyl-2-carbonyl)-amino-9-deoxy-Neu5Ac (NAP compound)' 
_struct.pdbx_model_details        ? 
_struct.pdbx_CASP_flag            ? 
_struct.pdbx_model_type_details   ? 
# 
_struct_keywords.entry_id        1OD7 
_struct_keywords.pdbx_keywords   'LECTIN/IMMNUE SYSTEM' 
_struct_keywords.text            
;LECTIN/IMMNUE SYSTEM, IMMUNE SYSTEM, IMMUNOGLOBULIN SUPERFAMILY, CARBOHYDRATE BINDING, SIGLEC, INHIBITOR DESIGN, CELL ADHESION, LECTIN-IMMNUE SYSTEM complex
;
# 
loop_
_struct_asym.id 
_struct_asym.pdbx_blank_PDB_chainid_flag 
_struct_asym.pdbx_modified 
_struct_asym.entity_id 
_struct_asym.details 
A N N 1 ? 
B N N 2 ? 
# 
_struct_ref.id                         1 
_struct_ref.db_name                    UNP 
_struct_ref.db_code                    SN_MOUSE 
_struct_ref.entity_id                  1 
_struct_ref.pdbx_seq_one_letter_code   ? 
_struct_ref.pdbx_align_begin           ? 
_struct_ref.pdbx_db_accession          Q62230 
_struct_ref.pdbx_db_isoform            ? 
# 
_struct_ref_seq.align_id                      1 
_struct_ref_seq.ref_id                        1 
_struct_ref_seq.pdbx_PDB_id_code              1OD7 
_struct_ref_seq.pdbx_strand_id                A 
_struct_ref_seq.seq_align_beg                 1 
_struct_ref_seq.pdbx_seq_align_beg_ins_code   ? 
_struct_ref_seq.seq_align_end                 119 
_struct_ref_seq.pdbx_seq_align_end_ins_code   ? 
_struct_ref_seq.pdbx_db_accession             Q62230 
_struct_ref_seq.db_align_beg                  20 
_struct_ref_seq.pdbx_db_align_beg_ins_code    ? 
_struct_ref_seq.db_align_end                  138 
_struct_ref_seq.pdbx_db_align_end_ins_code    ? 
_struct_ref_seq.pdbx_auth_seq_align_beg       1 
_struct_ref_seq.pdbx_auth_seq_align_end       119 
# 
_pdbx_struct_assembly.id                   1 
_pdbx_struct_assembly.details              author_and_software_defined_assembly 
_pdbx_struct_assembly.method_details       PQS 
_pdbx_struct_assembly.oligomeric_details   monomeric 
_pdbx_struct_assembly.oligomeric_count     1 
# 
_pdbx_struct_assembly_gen.assembly_id       1 
_pdbx_struct_assembly_gen.oper_expression   1 
_pdbx_struct_assembly_gen.asym_id_list      A,B 
# 
_pdbx_struct_oper_list.id                   1 
_pdbx_struct_oper_list.type                 'identity operation' 
_pdbx_struct_oper_list.name                 1_555 
_pdbx_struct_oper_list.symmetry_operation   x,y,z 
_pdbx_struct_oper_list.matrix[1][1]         1.0000000000 
_pdbx_struct_oper_list.matrix[1][2]         0.0000000000 
_pdbx_struct_oper_list.matrix[1][3]         0.0000000000 
_pdbx_struct_oper_list.vector[1]            0.0000000000 
_pdbx_struct_oper_list.matrix[2][1]         0.0000000000 
_pdbx_struct_oper_list.matrix[2][2]         1.0000000000 
_pdbx_struct_oper_list.matrix[2][3]         0.0000000000 
_pdbx_struct_oper_list.vector[2]            0.0000000000 
_pdbx_struct_oper_list.matrix[3][1]         0.0000000000 
_pdbx_struct_oper_list.matrix[3][2]         0.0000000000 
_pdbx_struct_oper_list.matrix[3][3]         1.0000000000 
_pdbx_struct_oper_list.vector[3]            0.0000000000 
# 
_struct_biol.id   1 
# 
loop_
_struct_conf.conf_type_id 
_struct_conf.id 
_struct_conf.pdbx_PDB_helix_id 
_struct_conf.beg_label_comp_id 
_struct_conf.beg_label_asym_id 
_struct_conf.beg_label_seq_id 
_struct_conf.pdbx_beg_PDB_ins_code 
_struct_conf.end_label_comp_id 
_struct_conf.end_label_asym_id 
_struct_conf.end_label_seq_id 
_struct_conf.pdbx_end_PDB_ins_code 
_struct_conf.beg_auth_comp_id 
_struct_conf.beg_auth_asym_id 
_struct_conf.beg_auth_seq_id 
_struct_conf.end_auth_comp_id 
_struct_conf.end_auth_asym_id 
_struct_conf.end_auth_seq_id 
_struct_conf.pdbx_PDB_helix_class 
_struct_conf.details 
_struct_conf.pdbx_PDB_helix_length 
HELX_P HELX_P1 1 ASP A 56 ? VAL A 60 ? ASP A 56 VAL A 60 5 ? 5 
HELX_P HELX_P2 2 ASN A 73 ? LYS A 77 ? ASN A 73 LYS A 77 5 ? 5 
HELX_P HELX_P3 3 LYS A 87 ? SER A 91 ? LYS A 87 SER A 91 5 ? 5 
# 
_struct_conf_type.id          HELX_P 
_struct_conf_type.criteria    ? 
_struct_conf_type.reference   ? 
# 
_struct_conn.id                            disulf1 
_struct_conn.conn_type_id                  disulf 
_struct_conn.pdbx_leaving_atom_flag        ? 
_struct_conn.pdbx_PDB_id                   ? 
_struct_conn.ptnr1_label_asym_id           A 
_struct_conn.ptnr1_label_comp_id           CYS 
_struct_conn.ptnr1_label_seq_id            22 
_struct_conn.ptnr1_label_atom_id           SG 
_struct_conn.pdbx_ptnr1_label_alt_id       ? 
_struct_conn.pdbx_ptnr1_PDB_ins_code       ? 
_struct_conn.pdbx_ptnr1_standard_comp_id   ? 
_struct_conn.ptnr1_symmetry                1_555 
_struct_conn.ptnr2_label_asym_id           A 
_struct_conn.ptnr2_label_comp_id           CYS 
_struct_conn.ptnr2_label_seq_id            79 
_struct_conn.ptnr2_label_atom_id           SG 
_struct_conn.pdbx_ptnr2_label_alt_id       ? 
_struct_conn.pdbx_ptnr2_PDB_ins_code       ? 
_struct_conn.ptnr1_auth_asym_id            A 
_struct_conn.ptnr1_auth_comp_id            CYS 
_struct_conn.ptnr1_auth_seq_id             22 
_struct_conn.ptnr2_auth_asym_id            A 
_struct_conn.ptnr2_auth_comp_id            CYS 
_struct_conn.ptnr2_auth_seq_id             79 
_struct_conn.ptnr2_symmetry                1_555 
_struct_conn.pdbx_ptnr3_label_atom_id      ? 
_struct_conn.pdbx_ptnr3_label_seq_id       ? 
_struct_conn.pdbx_ptnr3_label_comp_id      ? 
_struct_conn.pdbx_ptnr3_label_asym_id      ? 
_struct_conn.pdbx_ptnr3_label_alt_id       ? 
_struct_conn.pdbx_ptnr3_PDB_ins_code       ? 
_struct_conn.details                       ? 
_struct_conn.pdbx_dist_value               2.035 
_struct_conn.pdbx_value_order              ? 
_struct_conn.pdbx_role                     ? 
# 
_struct_conn_type.id          disulf 
_struct_conn_type.criteria    ? 
_struct_conn_type.reference   ? 
# 
_pdbx_modification_feature.ordinal                            1 
_pdbx_modification_feature.label_comp_id                      CYS 
_pdbx_modification_feature.label_asym_id                      A 
_pdbx_modification_feature.label_seq_id                       22 
_pdbx_modification_feature.label_alt_id                       ? 
_pdbx_modification_feature.modified_residue_label_comp_id     CYS 
_pdbx_modification_feature.modified_residue_label_asym_id     A 
_pdbx_modification_feature.modified_residue_label_seq_id      79 
_pdbx_modification_feature.modified_residue_label_alt_id      ? 
_pdbx_modification_feature.auth_comp_id                       CYS 
_pdbx_modification_feature.auth_asym_id                       A 
_pdbx_modification_feature.auth_seq_id                        22 
_pdbx_modification_feature.PDB_ins_code                       ? 
_pdbx_modification_feature.symmetry                           1_555 
_pdbx_modification_feature.modified_residue_auth_comp_id      CYS 
_pdbx_modification_feature.modified_residue_auth_asym_id      A 
_pdbx_modification_feature.modified_residue_auth_seq_id       79 
_pdbx_modification_feature.modified_residue_PDB_ins_code      ? 
_pdbx_modification_feature.modified_residue_symmetry          1_555 
_pdbx_modification_feature.comp_id_linking_atom               SG 
_pdbx_modification_feature.modified_residue_id_linking_atom   SG 
_pdbx_modification_feature.modified_residue_id                . 
_pdbx_modification_feature.ref_pcm_id                         . 
_pdbx_modification_feature.ref_comp_id                        . 
_pdbx_modification_feature.type                               None 
_pdbx_modification_feature.category                           'Disulfide bridge' 
# 
loop_
_struct_sheet.id 
_struct_sheet.type 
_struct_sheet.number_strands 
_struct_sheet.details 
AA ? 2 ? 
AB ? 5 ? 
AC ? 4 ? 
AD ? 3 ? 
# 
loop_
_struct_sheet_order.sheet_id 
_struct_sheet_order.range_id_1 
_struct_sheet_order.range_id_2 
_struct_sheet_order.offset 
_struct_sheet_order.sense 
AA 1 2 ? anti-parallel 
AB 1 2 ? parallel      
AB 2 3 ? anti-parallel 
AB 3 4 ? anti-parallel 
AB 4 5 ? anti-parallel 
AC 1 2 ? parallel      
AC 2 3 ? anti-parallel 
AC 3 4 ? anti-parallel 
AD 1 2 ? anti-parallel 
AD 2 3 ? anti-parallel 
# 
loop_
_struct_sheet_range.sheet_id 
_struct_sheet_range.id 
_struct_sheet_range.beg_label_comp_id 
_struct_sheet_range.beg_label_asym_id 
_struct_sheet_range.beg_label_seq_id 
_struct_sheet_range.pdbx_beg_PDB_ins_code 
_struct_sheet_range.end_label_comp_id 
_struct_sheet_range.end_label_asym_id 
_struct_sheet_range.end_label_seq_id 
_struct_sheet_range.pdbx_end_PDB_ins_code 
_struct_sheet_range.beg_auth_comp_id 
_struct_sheet_range.beg_auth_asym_id 
_struct_sheet_range.beg_auth_seq_id 
_struct_sheet_range.end_auth_comp_id 
_struct_sheet_range.end_auth_asym_id 
_struct_sheet_range.end_auth_seq_id 
AA 1 GLY A 3   ? SER A 5   ? GLY A 3   SER A 5   
AA 2 ILE A 23  ? SER A 25  ? ILE A 23  SER A 25  
AB 1 ASN A 9   ? LEU A 13  ? ASN A 9   LEU A 13  
AB 2 THR A 112 ? THR A 117 ? THR A 112 THR A 117 
AB 3 GLY A 92  ? GLU A 99  ? GLY A 92  GLU A 99  
AB 4 THR A 37  ? TYR A 42  ? THR A 37  TYR A 42  
AB 5 GLN A 49  ? HIS A 53  ? GLN A 49  HIS A 53  
AC 1 ASN A 9   ? LEU A 13  ? ASN A 9   LEU A 13  
AC 2 THR A 112 ? THR A 117 ? THR A 112 THR A 117 
AC 3 GLY A 92  ? GLU A 99  ? GLY A 92  GLU A 99  
AC 4 ARG A 105 ? LEU A 107 ? ARG A 105 LEU A 107 
AD 1 LEU A 18  ? ILE A 20  ? LEU A 18  ILE A 20  
AD 2 LEU A 81  ? LEU A 83  ? LEU A 81  LEU A 83  
AD 3 ALA A 68  ? LEU A 70  ? ALA A 68  LEU A 70  
# 
loop_
_pdbx_struct_sheet_hbond.sheet_id 
_pdbx_struct_sheet_hbond.range_id_1 
_pdbx_struct_sheet_hbond.range_id_2 
_pdbx_struct_sheet_hbond.range_1_label_atom_id 
_pdbx_struct_sheet_hbond.range_1_label_comp_id 
_pdbx_struct_sheet_hbond.range_1_label_asym_id 
_pdbx_struct_sheet_hbond.range_1_label_seq_id 
_pdbx_struct_sheet_hbond.range_1_PDB_ins_code 
_pdbx_struct_sheet_hbond.range_1_auth_atom_id 
_pdbx_struct_sheet_hbond.range_1_auth_comp_id 
_pdbx_struct_sheet_hbond.range_1_auth_asym_id 
_pdbx_struct_sheet_hbond.range_1_auth_seq_id 
_pdbx_struct_sheet_hbond.range_2_label_atom_id 
_pdbx_struct_sheet_hbond.range_2_label_comp_id 
_pdbx_struct_sheet_hbond.range_2_label_asym_id 
_pdbx_struct_sheet_hbond.range_2_label_seq_id 
_pdbx_struct_sheet_hbond.range_2_PDB_ins_code 
_pdbx_struct_sheet_hbond.range_2_auth_atom_id 
_pdbx_struct_sheet_hbond.range_2_auth_comp_id 
_pdbx_struct_sheet_hbond.range_2_auth_asym_id 
_pdbx_struct_sheet_hbond.range_2_auth_seq_id 
AA 1 2 N SER A 5   ? N SER A 5   O ILE A 23  ? O ILE A 23  
AB 1 2 N VAL A 10  ? N VAL A 10  O THR A 113 ? O THR A 113 
AB 2 3 N VAL A 114 ? N VAL A 114 O GLY A 92  ? O GLY A 92  
AB 3 4 N GLU A 99  ? N GLU A 99  O THR A 37  ? O THR A 37  
AB 4 5 N TYR A 42  ? N TYR A 42  O GLN A 49  ? O GLN A 49  
AC 1 2 N VAL A 10  ? N VAL A 10  O THR A 113 ? O THR A 113 
AC 2 3 N VAL A 114 ? N VAL A 114 O GLY A 92  ? O GLY A 92  
AC 3 4 N PHE A 98  ? N PHE A 98  O TRP A 106 ? O TRP A 106 
AD 1 2 N ILE A 20  ? N ILE A 20  O LEU A 81  ? O LEU A 81  
AD 2 3 N LEU A 82  ? N LEU A 82  O GLU A 69  ? O GLU A 69  
# 
_struct_site.id                   AC1 
_struct_site.pdbx_evidence_code   Software 
_struct_site.pdbx_auth_asym_id    A 
_struct_site.pdbx_auth_comp_id    SUW 
_struct_site.pdbx_auth_seq_id     201 
_struct_site.pdbx_auth_ins_code   ? 
_struct_site.pdbx_num_residues    13 
_struct_site.details              'BINDING SITE FOR RESIDUE SUW A 201' 
# 
loop_
_struct_site_gen.id 
_struct_site_gen.site_id 
_struct_site_gen.pdbx_num_res 
_struct_site_gen.label_comp_id 
_struct_site_gen.label_asym_id 
_struct_site_gen.label_seq_id 
_struct_site_gen.pdbx_auth_ins_code 
_struct_site_gen.auth_comp_id 
_struct_site_gen.auth_asym_id 
_struct_site_gen.auth_seq_id 
_struct_site_gen.label_atom_id 
_struct_site_gen.label_alt_id 
_struct_site_gen.symmetry 
_struct_site_gen.details 
1  AC1 13 TRP A 2   ? TRP A 2   . ? 1_555 ? 
2  AC1 13 SER A 5   ? SER A 5   . ? 1_555 ? 
3  AC1 13 PRO A 21  ? PRO A 21  . ? 1_555 ? 
4  AC1 13 CYS A 22  ? CYS A 22  . ? 1_555 ? 
5  AC1 13 ILE A 23  ? ILE A 23  . ? 1_555 ? 
6  AC1 13 SER A 25  ? SER A 25  . ? 1_555 ? 
7  AC1 13 TYR A 44  ? TYR A 44  . ? 1_555 ? 
8  AC1 13 ARG A 97  ? ARG A 97  . ? 1_555 ? 
9  AC1 13 SER A 103 ? SER A 103 . ? 1_555 ? 
10 AC1 13 ARG A 105 ? ARG A 105 . ? 1_555 ? 
11 AC1 13 TRP A 106 ? TRP A 106 . ? 1_555 ? 
12 AC1 13 LEU A 107 ? LEU A 107 . ? 1_555 ? 
13 AC1 13 VAL A 109 ? VAL A 109 . ? 1_555 ? 
# 
_pdbx_entry_details.entry_id                   1OD7 
_pdbx_entry_details.compound_details           
;THIS IS A MACROPHAGE-RESTRICTED ADHESION MOLECULE THAT
 MEDIATES SIALIC-ACID DEPENDENT BINDING TO LYMPHOCYTES,
 OTHER EFFECTORS INCLUDE GRANULOCYTES, MONOCYTES, NATURAL
 KILLER CELLS AND B-CELLS MEMBER OF THE IMMUNOGLOBULINS
 SUPERFAMILY CONTAINING IG- AND V-TYPE DOMAINS.
;
_pdbx_entry_details.source_details             ? 
_pdbx_entry_details.nonpolymer_details         ? 
_pdbx_entry_details.sequence_details           ? 
_pdbx_entry_details.has_ligand_of_interest     ? 
_pdbx_entry_details.has_protein_modification   Y 
# 
loop_
_pdbx_validate_torsion.id 
_pdbx_validate_torsion.PDB_model_num 
_pdbx_validate_torsion.auth_comp_id 
_pdbx_validate_torsion.auth_asym_id 
_pdbx_validate_torsion.auth_seq_id 
_pdbx_validate_torsion.PDB_ins_code 
_pdbx_validate_torsion.label_alt_id 
_pdbx_validate_torsion.phi 
_pdbx_validate_torsion.psi 
1 1 SER A 16  ? ? -90.32  -147.87 
2 1 SER A 33  ? ? -144.61 -39.80  
3 1 ARG A 48  ? ? 47.67   70.91   
4 1 ILE A 100 ? ? -140.64 -59.98  
5 1 ASN A 104 ? ? -90.50  58.67   
# 
_pdbx_database_remark.id     700 
_pdbx_database_remark.text   
;
SHEET
THE SHEET STRUCTURE OF THIS MOLECULE IS BIFURCATED. IN
ORDER TO REPRESENT THIS FEATURE IN THE SHEET RECORDS BELOW,
TWO SHEETS ARE DEFINED.
;
# 
loop_
_chem_comp_atom.comp_id 
_chem_comp_atom.atom_id 
_chem_comp_atom.type_symbol 
_chem_comp_atom.pdbx_aromatic_flag 
_chem_comp_atom.pdbx_stereo_config 
_chem_comp_atom.pdbx_ordinal 
ALA N    N N N 1   
ALA CA   C N S 2   
ALA C    C N N 3   
ALA O    O N N 4   
ALA CB   C N N 5   
ALA OXT  O N N 6   
ALA H    H N N 7   
ALA H2   H N N 8   
ALA HA   H N N 9   
ALA HB1  H N N 10  
ALA HB2  H N N 11  
ALA HB3  H N N 12  
ALA HXT  H N N 13  
ARG N    N N N 14  
ARG CA   C N S 15  
ARG C    C N N 16  
ARG O    O N N 17  
ARG CB   C N N 18  
ARG CG   C N N 19  
ARG CD   C N N 20  
ARG NE   N N N 21  
ARG CZ   C N N 22  
ARG NH1  N N N 23  
ARG NH2  N N N 24  
ARG OXT  O N N 25  
ARG H    H N N 26  
ARG H2   H N N 27  
ARG HA   H N N 28  
ARG HB2  H N N 29  
ARG HB3  H N N 30  
ARG HG2  H N N 31  
ARG HG3  H N N 32  
ARG HD2  H N N 33  
ARG HD3  H N N 34  
ARG HE   H N N 35  
ARG HH11 H N N 36  
ARG HH12 H N N 37  
ARG HH21 H N N 38  
ARG HH22 H N N 39  
ARG HXT  H N N 40  
ASN N    N N N 41  
ASN CA   C N S 42  
ASN C    C N N 43  
ASN O    O N N 44  
ASN CB   C N N 45  
ASN CG   C N N 46  
ASN OD1  O N N 47  
ASN ND2  N N N 48  
ASN OXT  O N N 49  
ASN H    H N N 50  
ASN H2   H N N 51  
ASN HA   H N N 52  
ASN HB2  H N N 53  
ASN HB3  H N N 54  
ASN HD21 H N N 55  
ASN HD22 H N N 56  
ASN HXT  H N N 57  
ASP N    N N N 58  
ASP CA   C N S 59  
ASP C    C N N 60  
ASP O    O N N 61  
ASP CB   C N N 62  
ASP CG   C N N 63  
ASP OD1  O N N 64  
ASP OD2  O N N 65  
ASP OXT  O N N 66  
ASP H    H N N 67  
ASP H2   H N N 68  
ASP HA   H N N 69  
ASP HB2  H N N 70  
ASP HB3  H N N 71  
ASP HD2  H N N 72  
ASP HXT  H N N 73  
CYS N    N N N 74  
CYS CA   C N R 75  
CYS C    C N N 76  
CYS O    O N N 77  
CYS CB   C N N 78  
CYS SG   S N N 79  
CYS OXT  O N N 80  
CYS H    H N N 81  
CYS H2   H N N 82  
CYS HA   H N N 83  
CYS HB2  H N N 84  
CYS HB3  H N N 85  
CYS HG   H N N 86  
CYS HXT  H N N 87  
GLN N    N N N 88  
GLN CA   C N S 89  
GLN C    C N N 90  
GLN O    O N N 91  
GLN CB   C N N 92  
GLN CG   C N N 93  
GLN CD   C N N 94  
GLN OE1  O N N 95  
GLN NE2  N N N 96  
GLN OXT  O N N 97  
GLN H    H N N 98  
GLN H2   H N N 99  
GLN HA   H N N 100 
GLN HB2  H N N 101 
GLN HB3  H N N 102 
GLN HG2  H N N 103 
GLN HG3  H N N 104 
GLN HE21 H N N 105 
GLN HE22 H N N 106 
GLN HXT  H N N 107 
GLU N    N N N 108 
GLU CA   C N S 109 
GLU C    C N N 110 
GLU O    O N N 111 
GLU CB   C N N 112 
GLU CG   C N N 113 
GLU CD   C N N 114 
GLU OE1  O N N 115 
GLU OE2  O N N 116 
GLU OXT  O N N 117 
GLU H    H N N 118 
GLU H2   H N N 119 
GLU HA   H N N 120 
GLU HB2  H N N 121 
GLU HB3  H N N 122 
GLU HG2  H N N 123 
GLU HG3  H N N 124 
GLU HE2  H N N 125 
GLU HXT  H N N 126 
GLY N    N N N 127 
GLY CA   C N N 128 
GLY C    C N N 129 
GLY O    O N N 130 
GLY OXT  O N N 131 
GLY H    H N N 132 
GLY H2   H N N 133 
GLY HA2  H N N 134 
GLY HA3  H N N 135 
GLY HXT  H N N 136 
HIS N    N N N 137 
HIS CA   C N S 138 
HIS C    C N N 139 
HIS O    O N N 140 
HIS CB   C N N 141 
HIS CG   C Y N 142 
HIS ND1  N Y N 143 
HIS CD2  C Y N 144 
HIS CE1  C Y N 145 
HIS NE2  N Y N 146 
HIS OXT  O N N 147 
HIS H    H N N 148 
HIS H2   H N N 149 
HIS HA   H N N 150 
HIS HB2  H N N 151 
HIS HB3  H N N 152 
HIS HD1  H N N 153 
HIS HD2  H N N 154 
HIS HE1  H N N 155 
HIS HE2  H N N 156 
HIS HXT  H N N 157 
ILE N    N N N 158 
ILE CA   C N S 159 
ILE C    C N N 160 
ILE O    O N N 161 
ILE CB   C N S 162 
ILE CG1  C N N 163 
ILE CG2  C N N 164 
ILE CD1  C N N 165 
ILE OXT  O N N 166 
ILE H    H N N 167 
ILE H2   H N N 168 
ILE HA   H N N 169 
ILE HB   H N N 170 
ILE HG12 H N N 171 
ILE HG13 H N N 172 
ILE HG21 H N N 173 
ILE HG22 H N N 174 
ILE HG23 H N N 175 
ILE HD11 H N N 176 
ILE HD12 H N N 177 
ILE HD13 H N N 178 
ILE HXT  H N N 179 
LEU N    N N N 180 
LEU CA   C N S 181 
LEU C    C N N 182 
LEU O    O N N 183 
LEU CB   C N N 184 
LEU CG   C N N 185 
LEU CD1  C N N 186 
LEU CD2  C N N 187 
LEU OXT  O N N 188 
LEU H    H N N 189 
LEU H2   H N N 190 
LEU HA   H N N 191 
LEU HB2  H N N 192 
LEU HB3  H N N 193 
LEU HG   H N N 194 
LEU HD11 H N N 195 
LEU HD12 H N N 196 
LEU HD13 H N N 197 
LEU HD21 H N N 198 
LEU HD22 H N N 199 
LEU HD23 H N N 200 
LEU HXT  H N N 201 
LYS N    N N N 202 
LYS CA   C N S 203 
LYS C    C N N 204 
LYS O    O N N 205 
LYS CB   C N N 206 
LYS CG   C N N 207 
LYS CD   C N N 208 
LYS CE   C N N 209 
LYS NZ   N N N 210 
LYS OXT  O N N 211 
LYS H    H N N 212 
LYS H2   H N N 213 
LYS HA   H N N 214 
LYS HB2  H N N 215 
LYS HB3  H N N 216 
LYS HG2  H N N 217 
LYS HG3  H N N 218 
LYS HD2  H N N 219 
LYS HD3  H N N 220 
LYS HE2  H N N 221 
LYS HE3  H N N 222 
LYS HZ1  H N N 223 
LYS HZ2  H N N 224 
LYS HZ3  H N N 225 
LYS HXT  H N N 226 
MET N    N N N 227 
MET CA   C N S 228 
MET C    C N N 229 
MET O    O N N 230 
MET CB   C N N 231 
MET CG   C N N 232 
MET SD   S N N 233 
MET CE   C N N 234 
MET OXT  O N N 235 
MET H    H N N 236 
MET H2   H N N 237 
MET HA   H N N 238 
MET HB2  H N N 239 
MET HB3  H N N 240 
MET HG2  H N N 241 
MET HG3  H N N 242 
MET HE1  H N N 243 
MET HE2  H N N 244 
MET HE3  H N N 245 
MET HXT  H N N 246 
PHE N    N N N 247 
PHE CA   C N S 248 
PHE C    C N N 249 
PHE O    O N N 250 
PHE CB   C N N 251 
PHE CG   C Y N 252 
PHE CD1  C Y N 253 
PHE CD2  C Y N 254 
PHE CE1  C Y N 255 
PHE CE2  C Y N 256 
PHE CZ   C Y N 257 
PHE OXT  O N N 258 
PHE H    H N N 259 
PHE H2   H N N 260 
PHE HA   H N N 261 
PHE HB2  H N N 262 
PHE HB3  H N N 263 
PHE HD1  H N N 264 
PHE HD2  H N N 265 
PHE HE1  H N N 266 
PHE HE2  H N N 267 
PHE HZ   H N N 268 
PHE HXT  H N N 269 
PRO N    N N N 270 
PRO CA   C N S 271 
PRO C    C N N 272 
PRO O    O N N 273 
PRO CB   C N N 274 
PRO CG   C N N 275 
PRO CD   C N N 276 
PRO OXT  O N N 277 
PRO H    H N N 278 
PRO HA   H N N 279 
PRO HB2  H N N 280 
PRO HB3  H N N 281 
PRO HG2  H N N 282 
PRO HG3  H N N 283 
PRO HD2  H N N 284 
PRO HD3  H N N 285 
PRO HXT  H N N 286 
SER N    N N N 287 
SER CA   C N S 288 
SER C    C N N 289 
SER O    O N N 290 
SER CB   C N N 291 
SER OG   O N N 292 
SER OXT  O N N 293 
SER H    H N N 294 
SER H2   H N N 295 
SER HA   H N N 296 
SER HB2  H N N 297 
SER HB3  H N N 298 
SER HG   H N N 299 
SER HXT  H N N 300 
SUW CX1  C N N 301 
SUW O1A  O N N 302 
SUW O1B  O N N 303 
SUW CX2  C N R 304 
SUW OX2  O N N 305 
SUW CO2  C N N 306 
SUW CX3  C N N 307 
SUW CX4  C N S 308 
SUW OX4  O N N 309 
SUW CX5  C N R 310 
SUW NX5  N N N 311 
SUW C10  C N N 312 
SUW O10  O N N 313 
SUW C11  C N N 314 
SUW CX6  C N R 315 
SUW OX6  O N N 316 
SUW CX7  C N R 317 
SUW OX7  O N N 318 
SUW CX8  C N R 319 
SUW OX8  O N N 320 
SUW CX9  C N N 321 
SUW NX6  N N N 322 
SUW C12  C N N 323 
SUW O12  O N N 324 
SUW C25  C Y N 325 
SUW C26  C Y N 326 
SUW C27  C Y N 327 
SUW C28  C Y N 328 
SUW C2B  C Y N 329 
SUW C21  C Y N 330 
SUW C22  C Y N 331 
SUW C23  C Y N 332 
SUW C24  C Y N 333 
SUW C2A  C Y N 334 
SUW H1B  H N N 335 
SUW HO21 H N N 336 
SUW HO22 H N N 337 
SUW HO23 H N N 338 
SUW HX31 H N N 339 
SUW HX32 H N N 340 
SUW HX4  H N N 341 
SUW HA   H N N 342 
SUW HX5  H N N 343 
SUW HB   H N N 344 
SUW H111 H N N 345 
SUW H112 H N N 346 
SUW H113 H N N 347 
SUW HX6  H N N 348 
SUW HX7  H N N 349 
SUW HC   H N N 350 
SUW HX8  H N N 351 
SUW HD   H N N 352 
SUW HX91 H N N 353 
SUW HX92 H N N 354 
SUW HE   H N N 355 
SUW H25  H N N 356 
SUW H27  H N N 357 
SUW H28  H N N 358 
SUW H21  H N N 359 
SUW H22  H N N 360 
SUW H23  H N N 361 
SUW H24  H N N 362 
THR N    N N N 363 
THR CA   C N S 364 
THR C    C N N 365 
THR O    O N N 366 
THR CB   C N R 367 
THR OG1  O N N 368 
THR CG2  C N N 369 
THR OXT  O N N 370 
THR H    H N N 371 
THR H2   H N N 372 
THR HA   H N N 373 
THR HB   H N N 374 
THR HG1  H N N 375 
THR HG21 H N N 376 
THR HG22 H N N 377 
THR HG23 H N N 378 
THR HXT  H N N 379 
TRP N    N N N 380 
TRP CA   C N S 381 
TRP C    C N N 382 
TRP O    O N N 383 
TRP CB   C N N 384 
TRP CG   C Y N 385 
TRP CD1  C Y N 386 
TRP CD2  C Y N 387 
TRP NE1  N Y N 388 
TRP CE2  C Y N 389 
TRP CE3  C Y N 390 
TRP CZ2  C Y N 391 
TRP CZ3  C Y N 392 
TRP CH2  C Y N 393 
TRP OXT  O N N 394 
TRP H    H N N 395 
TRP H2   H N N 396 
TRP HA   H N N 397 
TRP HB2  H N N 398 
TRP HB3  H N N 399 
TRP HD1  H N N 400 
TRP HE1  H N N 401 
TRP HE3  H N N 402 
TRP HZ2  H N N 403 
TRP HZ3  H N N 404 
TRP HH2  H N N 405 
TRP HXT  H N N 406 
TYR N    N N N 407 
TYR CA   C N S 408 
TYR C    C N N 409 
TYR O    O N N 410 
TYR CB   C N N 411 
TYR CG   C Y N 412 
TYR CD1  C Y N 413 
TYR CD2  C Y N 414 
TYR CE1  C Y N 415 
TYR CE2  C Y N 416 
TYR CZ   C Y N 417 
TYR OH   O N N 418 
TYR OXT  O N N 419 
TYR H    H N N 420 
TYR H2   H N N 421 
TYR HA   H N N 422 
TYR HB2  H N N 423 
TYR HB3  H N N 424 
TYR HD1  H N N 425 
TYR HD2  H N N 426 
TYR HE1  H N N 427 
TYR HE2  H N N 428 
TYR HH   H N N 429 
TYR HXT  H N N 430 
VAL N    N N N 431 
VAL CA   C N S 432 
VAL C    C N N 433 
VAL O    O N N 434 
VAL CB   C N N 435 
VAL CG1  C N N 436 
VAL CG2  C N N 437 
VAL OXT  O N N 438 
VAL H    H N N 439 
VAL H2   H N N 440 
VAL HA   H N N 441 
VAL HB   H N N 442 
VAL HG11 H N N 443 
VAL HG12 H N N 444 
VAL HG13 H N N 445 
VAL HG21 H N N 446 
VAL HG22 H N N 447 
VAL HG23 H N N 448 
VAL HXT  H N N 449 
# 
loop_
_chem_comp_bond.comp_id 
_chem_comp_bond.atom_id_1 
_chem_comp_bond.atom_id_2 
_chem_comp_bond.value_order 
_chem_comp_bond.pdbx_aromatic_flag 
_chem_comp_bond.pdbx_stereo_config 
_chem_comp_bond.pdbx_ordinal 
ALA N   CA   sing N N 1   
ALA N   H    sing N N 2   
ALA N   H2   sing N N 3   
ALA CA  C    sing N N 4   
ALA CA  CB   sing N N 5   
ALA CA  HA   sing N N 6   
ALA C   O    doub N N 7   
ALA C   OXT  sing N N 8   
ALA CB  HB1  sing N N 9   
ALA CB  HB2  sing N N 10  
ALA CB  HB3  sing N N 11  
ALA OXT HXT  sing N N 12  
ARG N   CA   sing N N 13  
ARG N   H    sing N N 14  
ARG N   H2   sing N N 15  
ARG CA  C    sing N N 16  
ARG CA  CB   sing N N 17  
ARG CA  HA   sing N N 18  
ARG C   O    doub N N 19  
ARG C   OXT  sing N N 20  
ARG CB  CG   sing N N 21  
ARG CB  HB2  sing N N 22  
ARG CB  HB3  sing N N 23  
ARG CG  CD   sing N N 24  
ARG CG  HG2  sing N N 25  
ARG CG  HG3  sing N N 26  
ARG CD  NE   sing N N 27  
ARG CD  HD2  sing N N 28  
ARG CD  HD3  sing N N 29  
ARG NE  CZ   sing N N 30  
ARG NE  HE   sing N N 31  
ARG CZ  NH1  sing N N 32  
ARG CZ  NH2  doub N N 33  
ARG NH1 HH11 sing N N 34  
ARG NH1 HH12 sing N N 35  
ARG NH2 HH21 sing N N 36  
ARG NH2 HH22 sing N N 37  
ARG OXT HXT  sing N N 38  
ASN N   CA   sing N N 39  
ASN N   H    sing N N 40  
ASN N   H2   sing N N 41  
ASN CA  C    sing N N 42  
ASN CA  CB   sing N N 43  
ASN CA  HA   sing N N 44  
ASN C   O    doub N N 45  
ASN C   OXT  sing N N 46  
ASN CB  CG   sing N N 47  
ASN CB  HB2  sing N N 48  
ASN CB  HB3  sing N N 49  
ASN CG  OD1  doub N N 50  
ASN CG  ND2  sing N N 51  
ASN ND2 HD21 sing N N 52  
ASN ND2 HD22 sing N N 53  
ASN OXT HXT  sing N N 54  
ASP N   CA   sing N N 55  
ASP N   H    sing N N 56  
ASP N   H2   sing N N 57  
ASP CA  C    sing N N 58  
ASP CA  CB   sing N N 59  
ASP CA  HA   sing N N 60  
ASP C   O    doub N N 61  
ASP C   OXT  sing N N 62  
ASP CB  CG   sing N N 63  
ASP CB  HB2  sing N N 64  
ASP CB  HB3  sing N N 65  
ASP CG  OD1  doub N N 66  
ASP CG  OD2  sing N N 67  
ASP OD2 HD2  sing N N 68  
ASP OXT HXT  sing N N 69  
CYS N   CA   sing N N 70  
CYS N   H    sing N N 71  
CYS N   H2   sing N N 72  
CYS CA  C    sing N N 73  
CYS CA  CB   sing N N 74  
CYS CA  HA   sing N N 75  
CYS C   O    doub N N 76  
CYS C   OXT  sing N N 77  
CYS CB  SG   sing N N 78  
CYS CB  HB2  sing N N 79  
CYS CB  HB3  sing N N 80  
CYS SG  HG   sing N N 81  
CYS OXT HXT  sing N N 82  
GLN N   CA   sing N N 83  
GLN N   H    sing N N 84  
GLN N   H2   sing N N 85  
GLN CA  C    sing N N 86  
GLN CA  CB   sing N N 87  
GLN CA  HA   sing N N 88  
GLN C   O    doub N N 89  
GLN C   OXT  sing N N 90  
GLN CB  CG   sing N N 91  
GLN CB  HB2  sing N N 92  
GLN CB  HB3  sing N N 93  
GLN CG  CD   sing N N 94  
GLN CG  HG2  sing N N 95  
GLN CG  HG3  sing N N 96  
GLN CD  OE1  doub N N 97  
GLN CD  NE2  sing N N 98  
GLN NE2 HE21 sing N N 99  
GLN NE2 HE22 sing N N 100 
GLN OXT HXT  sing N N 101 
GLU N   CA   sing N N 102 
GLU N   H    sing N N 103 
GLU N   H2   sing N N 104 
GLU CA  C    sing N N 105 
GLU CA  CB   sing N N 106 
GLU CA  HA   sing N N 107 
GLU C   O    doub N N 108 
GLU C   OXT  sing N N 109 
GLU CB  CG   sing N N 110 
GLU CB  HB2  sing N N 111 
GLU CB  HB3  sing N N 112 
GLU CG  CD   sing N N 113 
GLU CG  HG2  sing N N 114 
GLU CG  HG3  sing N N 115 
GLU CD  OE1  doub N N 116 
GLU CD  OE2  sing N N 117 
GLU OE2 HE2  sing N N 118 
GLU OXT HXT  sing N N 119 
GLY N   CA   sing N N 120 
GLY N   H    sing N N 121 
GLY N   H2   sing N N 122 
GLY CA  C    sing N N 123 
GLY CA  HA2  sing N N 124 
GLY CA  HA3  sing N N 125 
GLY C   O    doub N N 126 
GLY C   OXT  sing N N 127 
GLY OXT HXT  sing N N 128 
HIS N   CA   sing N N 129 
HIS N   H    sing N N 130 
HIS N   H2   sing N N 131 
HIS CA  C    sing N N 132 
HIS CA  CB   sing N N 133 
HIS CA  HA   sing N N 134 
HIS C   O    doub N N 135 
HIS C   OXT  sing N N 136 
HIS CB  CG   sing N N 137 
HIS CB  HB2  sing N N 138 
HIS CB  HB3  sing N N 139 
HIS CG  ND1  sing Y N 140 
HIS CG  CD2  doub Y N 141 
HIS ND1 CE1  doub Y N 142 
HIS ND1 HD1  sing N N 143 
HIS CD2 NE2  sing Y N 144 
HIS CD2 HD2  sing N N 145 
HIS CE1 NE2  sing Y N 146 
HIS CE1 HE1  sing N N 147 
HIS NE2 HE2  sing N N 148 
HIS OXT HXT  sing N N 149 
ILE N   CA   sing N N 150 
ILE N   H    sing N N 151 
ILE N   H2   sing N N 152 
ILE CA  C    sing N N 153 
ILE CA  CB   sing N N 154 
ILE CA  HA   sing N N 155 
ILE C   O    doub N N 156 
ILE C   OXT  sing N N 157 
ILE CB  CG1  sing N N 158 
ILE CB  CG2  sing N N 159 
ILE CB  HB   sing N N 160 
ILE CG1 CD1  sing N N 161 
ILE CG1 HG12 sing N N 162 
ILE CG1 HG13 sing N N 163 
ILE CG2 HG21 sing N N 164 
ILE CG2 HG22 sing N N 165 
ILE CG2 HG23 sing N N 166 
ILE CD1 HD11 sing N N 167 
ILE CD1 HD12 sing N N 168 
ILE CD1 HD13 sing N N 169 
ILE OXT HXT  sing N N 170 
LEU N   CA   sing N N 171 
LEU N   H    sing N N 172 
LEU N   H2   sing N N 173 
LEU CA  C    sing N N 174 
LEU CA  CB   sing N N 175 
LEU CA  HA   sing N N 176 
LEU C   O    doub N N 177 
LEU C   OXT  sing N N 178 
LEU CB  CG   sing N N 179 
LEU CB  HB2  sing N N 180 
LEU CB  HB3  sing N N 181 
LEU CG  CD1  sing N N 182 
LEU CG  CD2  sing N N 183 
LEU CG  HG   sing N N 184 
LEU CD1 HD11 sing N N 185 
LEU CD1 HD12 sing N N 186 
LEU CD1 HD13 sing N N 187 
LEU CD2 HD21 sing N N 188 
LEU CD2 HD22 sing N N 189 
LEU CD2 HD23 sing N N 190 
LEU OXT HXT  sing N N 191 
LYS N   CA   sing N N 192 
LYS N   H    sing N N 193 
LYS N   H2   sing N N 194 
LYS CA  C    sing N N 195 
LYS CA  CB   sing N N 196 
LYS CA  HA   sing N N 197 
LYS C   O    doub N N 198 
LYS C   OXT  sing N N 199 
LYS CB  CG   sing N N 200 
LYS CB  HB2  sing N N 201 
LYS CB  HB3  sing N N 202 
LYS CG  CD   sing N N 203 
LYS CG  HG2  sing N N 204 
LYS CG  HG3  sing N N 205 
LYS CD  CE   sing N N 206 
LYS CD  HD2  sing N N 207 
LYS CD  HD3  sing N N 208 
LYS CE  NZ   sing N N 209 
LYS CE  HE2  sing N N 210 
LYS CE  HE3  sing N N 211 
LYS NZ  HZ1  sing N N 212 
LYS NZ  HZ2  sing N N 213 
LYS NZ  HZ3  sing N N 214 
LYS OXT HXT  sing N N 215 
MET N   CA   sing N N 216 
MET N   H    sing N N 217 
MET N   H2   sing N N 218 
MET CA  C    sing N N 219 
MET CA  CB   sing N N 220 
MET CA  HA   sing N N 221 
MET C   O    doub N N 222 
MET C   OXT  sing N N 223 
MET CB  CG   sing N N 224 
MET CB  HB2  sing N N 225 
MET CB  HB3  sing N N 226 
MET CG  SD   sing N N 227 
MET CG  HG2  sing N N 228 
MET CG  HG3  sing N N 229 
MET SD  CE   sing N N 230 
MET CE  HE1  sing N N 231 
MET CE  HE2  sing N N 232 
MET CE  HE3  sing N N 233 
MET OXT HXT  sing N N 234 
PHE N   CA   sing N N 235 
PHE N   H    sing N N 236 
PHE N   H2   sing N N 237 
PHE CA  C    sing N N 238 
PHE CA  CB   sing N N 239 
PHE CA  HA   sing N N 240 
PHE C   O    doub N N 241 
PHE C   OXT  sing N N 242 
PHE CB  CG   sing N N 243 
PHE CB  HB2  sing N N 244 
PHE CB  HB3  sing N N 245 
PHE CG  CD1  doub Y N 246 
PHE CG  CD2  sing Y N 247 
PHE CD1 CE1  sing Y N 248 
PHE CD1 HD1  sing N N 249 
PHE CD2 CE2  doub Y N 250 
PHE CD2 HD2  sing N N 251 
PHE CE1 CZ   doub Y N 252 
PHE CE1 HE1  sing N N 253 
PHE CE2 CZ   sing Y N 254 
PHE CE2 HE2  sing N N 255 
PHE CZ  HZ   sing N N 256 
PHE OXT HXT  sing N N 257 
PRO N   CA   sing N N 258 
PRO N   CD   sing N N 259 
PRO N   H    sing N N 260 
PRO CA  C    sing N N 261 
PRO CA  CB   sing N N 262 
PRO CA  HA   sing N N 263 
PRO C   O    doub N N 264 
PRO C   OXT  sing N N 265 
PRO CB  CG   sing N N 266 
PRO CB  HB2  sing N N 267 
PRO CB  HB3  sing N N 268 
PRO CG  CD   sing N N 269 
PRO CG  HG2  sing N N 270 
PRO CG  HG3  sing N N 271 
PRO CD  HD2  sing N N 272 
PRO CD  HD3  sing N N 273 
PRO OXT HXT  sing N N 274 
SER N   CA   sing N N 275 
SER N   H    sing N N 276 
SER N   H2   sing N N 277 
SER CA  C    sing N N 278 
SER CA  CB   sing N N 279 
SER CA  HA   sing N N 280 
SER C   O    doub N N 281 
SER C   OXT  sing N N 282 
SER CB  OG   sing N N 283 
SER CB  HB2  sing N N 284 
SER CB  HB3  sing N N 285 
SER OG  HG   sing N N 286 
SER OXT HXT  sing N N 287 
SUW CX1 O1A  doub N N 288 
SUW CX1 O1B  sing N N 289 
SUW CX1 CX2  sing N N 290 
SUW O1B H1B  sing N N 291 
SUW CX2 OX2  sing N N 292 
SUW CX2 CX3  sing N N 293 
SUW CX2 OX6  sing N N 294 
SUW OX2 CO2  sing N N 295 
SUW CO2 HO21 sing N N 296 
SUW CO2 HO22 sing N N 297 
SUW CO2 HO23 sing N N 298 
SUW CX3 CX4  sing N N 299 
SUW CX3 HX31 sing N N 300 
SUW CX3 HX32 sing N N 301 
SUW CX4 OX4  sing N N 302 
SUW CX4 CX5  sing N N 303 
SUW CX4 HX4  sing N N 304 
SUW OX4 HA   sing N N 305 
SUW CX5 NX5  sing N N 306 
SUW CX5 CX6  sing N N 307 
SUW CX5 HX5  sing N N 308 
SUW NX5 C10  sing N N 309 
SUW NX5 HB   sing N N 310 
SUW C10 O10  doub N N 311 
SUW C10 C11  sing N N 312 
SUW C11 H111 sing N N 313 
SUW C11 H112 sing N N 314 
SUW C11 H113 sing N N 315 
SUW CX6 OX6  sing N N 316 
SUW CX6 CX7  sing N N 317 
SUW CX6 HX6  sing N N 318 
SUW CX7 OX7  sing N N 319 
SUW CX7 CX8  sing N N 320 
SUW CX7 HX7  sing N N 321 
SUW OX7 HC   sing N N 322 
SUW CX8 OX8  sing N N 323 
SUW CX8 CX9  sing N N 324 
SUW CX8 HX8  sing N N 325 
SUW OX8 HD   sing N N 326 
SUW CX9 NX6  sing N N 327 
SUW CX9 HX91 sing N N 328 
SUW CX9 HX92 sing N N 329 
SUW NX6 C12  sing N N 330 
SUW NX6 HE   sing N N 331 
SUW C12 O12  doub N N 332 
SUW C12 C26  sing N N 333 
SUW C25 C26  doub Y N 334 
SUW C25 C2A  sing Y N 335 
SUW C25 H25  sing N N 336 
SUW C26 C27  sing Y N 337 
SUW C27 C28  doub Y N 338 
SUW C27 H27  sing N N 339 
SUW C28 C2B  sing Y N 340 
SUW C28 H28  sing N N 341 
SUW C2B C21  doub Y N 342 
SUW C2B C2A  sing Y N 343 
SUW C21 C22  sing Y N 344 
SUW C21 H21  sing N N 345 
SUW C22 C23  doub Y N 346 
SUW C22 H22  sing N N 347 
SUW C23 C24  sing Y N 348 
SUW C23 H23  sing N N 349 
SUW C24 C2A  doub Y N 350 
SUW C24 H24  sing N N 351 
THR N   CA   sing N N 352 
THR N   H    sing N N 353 
THR N   H2   sing N N 354 
THR CA  C    sing N N 355 
THR CA  CB   sing N N 356 
THR CA  HA   sing N N 357 
THR C   O    doub N N 358 
THR C   OXT  sing N N 359 
THR CB  OG1  sing N N 360 
THR CB  CG2  sing N N 361 
THR CB  HB   sing N N 362 
THR OG1 HG1  sing N N 363 
THR CG2 HG21 sing N N 364 
THR CG2 HG22 sing N N 365 
THR CG2 HG23 sing N N 366 
THR OXT HXT  sing N N 367 
TRP N   CA   sing N N 368 
TRP N   H    sing N N 369 
TRP N   H2   sing N N 370 
TRP CA  C    sing N N 371 
TRP CA  CB   sing N N 372 
TRP CA  HA   sing N N 373 
TRP C   O    doub N N 374 
TRP C   OXT  sing N N 375 
TRP CB  CG   sing N N 376 
TRP CB  HB2  sing N N 377 
TRP CB  HB3  sing N N 378 
TRP CG  CD1  doub Y N 379 
TRP CG  CD2  sing Y N 380 
TRP CD1 NE1  sing Y N 381 
TRP CD1 HD1  sing N N 382 
TRP CD2 CE2  doub Y N 383 
TRP CD2 CE3  sing Y N 384 
TRP NE1 CE2  sing Y N 385 
TRP NE1 HE1  sing N N 386 
TRP CE2 CZ2  sing Y N 387 
TRP CE3 CZ3  doub Y N 388 
TRP CE3 HE3  sing N N 389 
TRP CZ2 CH2  doub Y N 390 
TRP CZ2 HZ2  sing N N 391 
TRP CZ3 CH2  sing Y N 392 
TRP CZ3 HZ3  sing N N 393 
TRP CH2 HH2  sing N N 394 
TRP OXT HXT  sing N N 395 
TYR N   CA   sing N N 396 
TYR N   H    sing N N 397 
TYR N   H2   sing N N 398 
TYR CA  C    sing N N 399 
TYR CA  CB   sing N N 400 
TYR CA  HA   sing N N 401 
TYR C   O    doub N N 402 
TYR C   OXT  sing N N 403 
TYR CB  CG   sing N N 404 
TYR CB  HB2  sing N N 405 
TYR CB  HB3  sing N N 406 
TYR CG  CD1  doub Y N 407 
TYR CG  CD2  sing Y N 408 
TYR CD1 CE1  sing Y N 409 
TYR CD1 HD1  sing N N 410 
TYR CD2 CE2  doub Y N 411 
TYR CD2 HD2  sing N N 412 
TYR CE1 CZ   doub Y N 413 
TYR CE1 HE1  sing N N 414 
TYR CE2 CZ   sing Y N 415 
TYR CE2 HE2  sing N N 416 
TYR CZ  OH   sing N N 417 
TYR OH  HH   sing N N 418 
TYR OXT HXT  sing N N 419 
VAL N   CA   sing N N 420 
VAL N   H    sing N N 421 
VAL N   H2   sing N N 422 
VAL CA  C    sing N N 423 
VAL CA  CB   sing N N 424 
VAL CA  HA   sing N N 425 
VAL C   O    doub N N 426 
VAL C   OXT  sing N N 427 
VAL CB  CG1  sing N N 428 
VAL CB  CG2  sing N N 429 
VAL CB  HB   sing N N 430 
VAL CG1 HG11 sing N N 431 
VAL CG1 HG12 sing N N 432 
VAL CG1 HG13 sing N N 433 
VAL CG2 HG21 sing N N 434 
VAL CG2 HG22 sing N N 435 
VAL CG2 HG23 sing N N 436 
VAL OXT HXT  sing N N 437 
# 
_pdbx_initial_refinement_model.id               1 
_pdbx_initial_refinement_model.entity_id_list   ? 
_pdbx_initial_refinement_model.type             'experimental model' 
_pdbx_initial_refinement_model.source_name      PDB 
_pdbx_initial_refinement_model.accession_code   1QFO 
_pdbx_initial_refinement_model.details          'DOMAIN A OF PDB ENTRY 1QFO' 
# 
_atom_sites.entry_id                    1OD7 
_atom_sites.fract_transf_matrix[1][1]   -0.01503267 
_atom_sites.fract_transf_matrix[1][2]   0.00288475 
_atom_sites.fract_transf_matrix[1][3]   -0.00183036 
_atom_sites.fract_transf_matrix[2][1]   -0.00304650 
_atom_sites.fract_transf_matrix[2][2]   -0.01505678 
_atom_sites.fract_transf_matrix[2][3]   0.00129043 
_atom_sites.fract_transf_matrix[3][1]   -0.00156589 
_atom_sites.fract_transf_matrix[3][2]   0.00164065 
_atom_sites.fract_transf_matrix[3][3]   0.01544638 
_atom_sites.fract_transf_vector[1]      0.873955 
_atom_sites.fract_transf_vector[2]      0.299833 
_atom_sites.fract_transf_vector[3]      0.460077 
# 
loop_
_atom_type.symbol 
C 
N 
O 
S 
# 
loop_
_atom_site.group_PDB 
_atom_site.id 
_atom_site.type_symbol 
_atom_site.label_atom_id 
_atom_site.label_alt_id 
_atom_site.label_comp_id 
_atom_site.label_asym_id 
_atom_site.label_entity_id 
_atom_site.label_seq_id 
_atom_site.pdbx_PDB_ins_code 
_atom_site.Cartn_x 
_atom_site.Cartn_y 
_atom_site.Cartn_z 
_atom_site.occupancy 
_atom_site.B_iso_or_equiv 
_atom_site.pdbx_formal_charge 
_atom_site.auth_seq_id 
_atom_site.auth_comp_id 
_atom_site.auth_asym_id 
_atom_site.auth_atom_id 
_atom_site.pdbx_PDB_model_num 
ATOM   1   N N   . THR A 1 1   ? -4.037  -18.782 -2.524  1.00 33.93 ? 1   THR A N   1 
ATOM   2   C CA  . THR A 1 1   ? -4.958  -18.105 -3.485  1.00 28.25 ? 1   THR A CA  1 
ATOM   3   C C   . THR A 1 1   ? -4.623  -16.619 -3.574  1.00 26.63 ? 1   THR A C   1 
ATOM   4   O O   . THR A 1 1   ? -3.878  -16.095 -2.748  1.00 31.64 ? 1   THR A O   1 
ATOM   5   C CB  . THR A 1 1   ? -6.455  -18.280 -3.058  1.00 32.98 ? 1   THR A CB  1 
ATOM   6   O OG1 . THR A 1 1   ? -6.748  -17.471 -1.907  1.00 8.17  ? 1   THR A OG1 1 
ATOM   7   C CG2 . THR A 1 1   ? -6.733  -19.750 -2.728  1.00 28.29 ? 1   THR A CG2 1 
ATOM   8   N N   . TRP A 1 2   ? -5.172  -15.946 -4.579  1.00 20.42 ? 2   TRP A N   1 
ATOM   9   C CA  . TRP A 1 2   ? -4.932  -14.519 -4.777  1.00 18.82 ? 2   TRP A CA  1 
ATOM   10  C C   . TRP A 1 2   ? -5.733  -13.617 -3.839  1.00 15.41 ? 2   TRP A C   1 
ATOM   11  O O   . TRP A 1 2   ? -6.936  -13.812 -3.661  1.00 22.66 ? 2   TRP A O   1 
ATOM   12  C CB  . TRP A 1 2   ? -5.266  -14.122 -6.215  1.00 18.95 ? 2   TRP A CB  1 
ATOM   13  C CG  . TRP A 1 2   ? -4.277  -14.561 -7.219  1.00 9.55  ? 2   TRP A CG  1 
ATOM   14  C CD1 . TRP A 1 2   ? -4.402  -15.591 -8.100  1.00 12.42 ? 2   TRP A CD1 1 
ATOM   15  C CD2 . TRP A 1 2   ? -3.001  -13.967 -7.467  1.00 15.68 ? 2   TRP A CD2 1 
ATOM   16  N NE1 . TRP A 1 2   ? -3.280  -15.677 -8.891  1.00 10.59 ? 2   TRP A NE1 1 
ATOM   17  C CE2 . TRP A 1 2   ? -2.402  -14.691 -8.523  1.00 15.13 ? 2   TRP A CE2 1 
ATOM   18  C CE3 . TRP A 1 2   ? -2.304  -12.890 -6.901  1.00 17.20 ? 2   TRP A CE3 1 
ATOM   19  C CZ2 . TRP A 1 2   ? -1.135  -14.373 -9.028  1.00 23.17 ? 2   TRP A CZ2 1 
ATOM   20  C CZ3 . TRP A 1 2   ? -1.044  -12.573 -7.403  1.00 30.47 ? 2   TRP A CZ3 1 
ATOM   21  C CH2 . TRP A 1 2   ? -0.474  -13.313 -8.458  1.00 26.99 ? 2   TRP A CH2 1 
ATOM   22  N N   . GLY A 1 3   ? -5.074  -12.617 -3.260  1.00 8.17  ? 3   GLY A N   1 
ATOM   23  C CA  . GLY A 1 3   ? -5.784  -11.710 -2.378  1.00 12.25 ? 3   GLY A CA  1 
ATOM   24  C C   . GLY A 1 3   ? -4.922  -10.791 -1.542  1.00 13.76 ? 3   GLY A C   1 
ATOM   25  O O   . GLY A 1 3   ? -3.730  -11.037 -1.372  1.00 21.32 ? 3   GLY A O   1 
ATOM   26  N N   . VAL A 1 4   ? -5.532  -9.727  -1.028  1.00 14.93 ? 4   VAL A N   1 
ATOM   27  C CA  . VAL A 1 4   ? -4.831  -8.761  -0.183  1.00 18.19 ? 4   VAL A CA  1 
ATOM   28  C C   . VAL A 1 4   ? -5.731  -8.422  0.998   1.00 15.61 ? 4   VAL A C   1 
ATOM   29  O O   . VAL A 1 4   ? -6.887  -8.053  0.812   1.00 23.62 ? 4   VAL A O   1 
ATOM   30  C CB  . VAL A 1 4   ? -4.514  -7.440  -0.935  1.00 17.74 ? 4   VAL A CB  1 
ATOM   31  C CG1 . VAL A 1 4   ? -3.722  -6.510  -0.027  1.00 9.07  ? 4   VAL A CG1 1 
ATOM   32  C CG2 . VAL A 1 4   ? -3.748  -7.727  -2.219  1.00 10.32 ? 4   VAL A CG2 1 
ATOM   33  N N   . SER A 1 5   ? -5.209  -8.543  2.212   1.00 8.17  ? 5   SER A N   1 
ATOM   34  C CA  . SER A 1 5   ? -6.014  -8.237  3.385   1.00 8.36  ? 5   SER A CA  1 
ATOM   35  C C   . SER A 1 5   ? -5.450  -7.139  4.266   1.00 10.94 ? 5   SER A C   1 
ATOM   36  O O   . SER A 1 5   ? -4.281  -7.165  4.651   1.00 12.11 ? 5   SER A O   1 
ATOM   37  C CB  . SER A 1 5   ? -6.227  -9.490  4.230   1.00 8.17  ? 5   SER A CB  1 
ATOM   38  O OG  . SER A 1 5   ? -7.110  -10.382 3.584   1.00 20.01 ? 5   SER A OG  1 
ATOM   39  N N   . SER A 1 6   ? -6.300  -6.167  4.575   1.00 12.58 ? 6   SER A N   1 
ATOM   40  C CA  . SER A 1 6   ? -5.929  -5.067  5.446   1.00 10.79 ? 6   SER A CA  1 
ATOM   41  C C   . SER A 1 6   ? -7.206  -4.526  6.086   1.00 13.31 ? 6   SER A C   1 
ATOM   42  O O   . SER A 1 6   ? -8.285  -4.593  5.490   1.00 16.55 ? 6   SER A O   1 
ATOM   43  C CB  . SER A 1 6   ? -5.193  -3.974  4.664   1.00 8.17  ? 6   SER A CB  1 
ATOM   44  O OG  . SER A 1 6   ? -6.038  -3.378  3.709   1.00 8.17  ? 6   SER A OG  1 
ATOM   45  N N   . PRO A 1 7   ? -7.097  -3.984  7.314   1.00 18.32 ? 7   PRO A N   1 
ATOM   46  C CA  . PRO A 1 7   ? -8.232  -3.429  8.062   1.00 13.60 ? 7   PRO A CA  1 
ATOM   47  C C   . PRO A 1 7   ? -9.133  -2.533  7.228   1.00 9.42  ? 7   PRO A C   1 
ATOM   48  O O   . PRO A 1 7   ? -8.655  -1.795  6.371   1.00 8.23  ? 7   PRO A O   1 
ATOM   49  C CB  . PRO A 1 7   ? -7.555  -2.676  9.202   1.00 8.17  ? 7   PRO A CB  1 
ATOM   50  C CG  . PRO A 1 7   ? -6.232  -2.289  8.610   1.00 8.17  ? 7   PRO A CG  1 
ATOM   51  C CD  . PRO A 1 7   ? -5.827  -3.555  7.928   1.00 12.59 ? 7   PRO A CD  1 
ATOM   52  N N   . LYS A 1 8   ? -10.435 -2.596  7.484   1.00 15.46 ? 8   LYS A N   1 
ATOM   53  C CA  . LYS A 1 8   ? -11.381 -1.779  6.733   1.00 14.14 ? 8   LYS A CA  1 
ATOM   54  C C   . LYS A 1 8   ? -11.266 -0.305  7.110   1.00 12.73 ? 8   LYS A C   1 
ATOM   55  O O   . LYS A 1 8   ? -11.651 0.575   6.340   1.00 19.04 ? 8   LYS A O   1 
ATOM   56  C CB  . LYS A 1 8   ? -12.815 -2.268  6.953   1.00 9.66  ? 8   LYS A CB  1 
ATOM   57  C CG  . LYS A 1 8   ? -13.820 -1.459  6.165   1.00 25.81 ? 8   LYS A CG  1 
ATOM   58  C CD  . LYS A 1 8   ? -15.220 -2.051  6.171   1.00 39.19 ? 8   LYS A CD  1 
ATOM   59  C CE  . LYS A 1 8   ? -16.175 -1.129  5.403   1.00 39.05 ? 8   LYS A CE  1 
ATOM   60  N NZ  . LYS A 1 8   ? -17.521 -1.718  5.166   1.00 47.85 ? 8   LYS A NZ  1 
ATOM   61  N N   . ASN A 1 9   ? -10.705 -0.045  8.286   1.00 15.92 ? 9   ASN A N   1 
ATOM   62  C CA  . ASN A 1 9   ? -10.534 1.313   8.778   1.00 17.03 ? 9   ASN A CA  1 
ATOM   63  C C   . ASN A 1 9   ? -9.322  1.459   9.681   1.00 19.08 ? 9   ASN A C   1 
ATOM   64  O O   . ASN A 1 9   ? -8.914  0.516   10.355  1.00 15.22 ? 9   ASN A O   1 
ATOM   65  C CB  . ASN A 1 9   ? -11.773 1.740   9.554   1.00 19.74 ? 9   ASN A CB  1 
ATOM   66  C CG  . ASN A 1 9   ? -12.910 2.119   8.658   1.00 20.55 ? 9   ASN A CG  1 
ATOM   67  O OD1 . ASN A 1 9   ? -12.897 3.191   8.054   1.00 26.57 ? 9   ASN A OD1 1 
ATOM   68  N ND2 . ASN A 1 9   ? -13.908 1.240   8.551   1.00 25.36 ? 9   ASN A ND2 1 
ATOM   69  N N   . VAL A 1 10  ? -8.750  2.657   9.686   1.00 23.72 ? 10  VAL A N   1 
ATOM   70  C CA  . VAL A 1 10  ? -7.604  2.960   10.529  1.00 24.61 ? 10  VAL A CA  1 
ATOM   71  C C   . VAL A 1 10  ? -7.633  4.446   10.854  1.00 27.00 ? 10  VAL A C   1 
ATOM   72  O O   . VAL A 1 10  ? -7.839  5.283   9.970   1.00 26.38 ? 10  VAL A O   1 
ATOM   73  C CB  . VAL A 1 10  ? -6.264  2.623   9.844   1.00 16.90 ? 10  VAL A CB  1 
ATOM   74  C CG1 . VAL A 1 10  ? -5.125  2.899   10.796  1.00 22.84 ? 10  VAL A CG1 1 
ATOM   75  C CG2 . VAL A 1 10  ? -6.237  1.173   9.427   1.00 8.17  ? 10  VAL A CG2 1 
ATOM   76  N N   . GLN A 1 11  ? -7.445  4.757   12.134  1.00 30.49 ? 11  GLN A N   1 
ATOM   77  C CA  . GLN A 1 11  ? -7.440  6.133   12.617  1.00 23.43 ? 11  GLN A CA  1 
ATOM   78  C C   . GLN A 1 11  ? -6.015  6.641   12.663  1.00 21.42 ? 11  GLN A C   1 
ATOM   79  O O   . GLN A 1 11  ? -5.067  5.862   12.599  1.00 28.67 ? 11  GLN A O   1 
ATOM   80  C CB  . GLN A 1 11  ? -8.034  6.213   14.029  1.00 33.52 ? 11  GLN A CB  1 
ATOM   81  C CG  . GLN A 1 11  ? -9.473  5.775   14.124  1.00 48.45 ? 11  GLN A CG  1 
ATOM   82  C CD  . GLN A 1 11  ? -10.338 6.471   13.094  1.00 63.79 ? 11  GLN A CD  1 
ATOM   83  O OE1 . GLN A 1 11  ? -10.411 7.705   13.060  1.00 66.97 ? 11  GLN A OE1 1 
ATOM   84  N NE2 . GLN A 1 11  ? -10.996 5.683   12.239  1.00 64.14 ? 11  GLN A NE2 1 
ATOM   85  N N   . GLY A 1 12  ? -5.866  7.950   12.789  1.00 21.50 ? 12  GLY A N   1 
ATOM   86  C CA  . GLY A 1 12  ? -4.541  8.528   12.857  1.00 20.10 ? 12  GLY A CA  1 
ATOM   87  C C   . GLY A 1 12  ? -4.576  9.952   13.358  1.00 15.59 ? 12  GLY A C   1 
ATOM   88  O O   . GLY A 1 12  ? -5.380  10.758  12.894  1.00 11.35 ? 12  GLY A O   1 
ATOM   89  N N   . LEU A 1 13  ? -3.704  10.268  14.308  1.00 17.44 ? 13  LEU A N   1 
ATOM   90  C CA  . LEU A 1 13  ? -3.662  11.617  14.844  1.00 19.32 ? 13  LEU A CA  1 
ATOM   91  C C   . LEU A 1 13  ? -2.815  12.475  13.918  1.00 17.38 ? 13  LEU A C   1 
ATOM   92  O O   . LEU A 1 13  ? -1.652  12.155  13.648  1.00 19.37 ? 13  LEU A O   1 
ATOM   93  C CB  . LEU A 1 13  ? -3.066  11.618  16.251  1.00 22.26 ? 13  LEU A CB  1 
ATOM   94  C CG  . LEU A 1 13  ? -3.623  12.695  17.184  1.00 22.62 ? 13  LEU A CG  1 
ATOM   95  C CD1 . LEU A 1 13  ? -3.012  12.530  18.551  1.00 33.14 ? 13  LEU A CD1 1 
ATOM   96  C CD2 . LEU A 1 13  ? -3.337  14.077  16.638  1.00 28.14 ? 13  LEU A CD2 1 
ATOM   97  N N   . SER A 1 14  ? -3.403  13.563  13.430  1.00 12.30 ? 14  SER A N   1 
ATOM   98  C CA  . SER A 1 14  ? -2.703  14.464  12.522  1.00 17.40 ? 14  SER A CA  1 
ATOM   99  C C   . SER A 1 14  ? -1.350  14.894  13.075  1.00 14.71 ? 14  SER A C   1 
ATOM   100 O O   . SER A 1 14  ? -1.214  15.218  14.252  1.00 18.63 ? 14  SER A O   1 
ATOM   101 C CB  . SER A 1 14  ? -3.554  15.700  12.232  1.00 11.40 ? 14  SER A CB  1 
ATOM   102 O OG  . SER A 1 14  ? -2.847  16.603  11.403  1.00 21.52 ? 14  SER A OG  1 
ATOM   103 N N   . GLY A 1 15  ? -0.346  14.892  12.213  1.00 13.39 ? 15  GLY A N   1 
ATOM   104 C CA  . GLY A 1 15  ? 0.979   15.282  12.648  1.00 17.84 ? 15  GLY A CA  1 
ATOM   105 C C   . GLY A 1 15  ? 1.792   14.078  13.066  1.00 17.04 ? 15  GLY A C   1 
ATOM   106 O O   . GLY A 1 15  ? 3.019   14.076  12.940  1.00 20.42 ? 15  GLY A O   1 
ATOM   107 N N   . SER A 1 16  ? 1.113   13.050  13.568  1.00 12.34 ? 16  SER A N   1 
ATOM   108 C CA  . SER A 1 16  ? 1.802   11.845  13.998  1.00 13.74 ? 16  SER A CA  1 
ATOM   109 C C   . SER A 1 16  ? 1.904   10.857  12.840  1.00 12.57 ? 16  SER A C   1 
ATOM   110 O O   . SER A 1 16  ? 2.012   11.253  11.682  1.00 13.71 ? 16  SER A O   1 
ATOM   111 C CB  . SER A 1 16  ? 1.062   11.212  15.176  1.00 13.76 ? 16  SER A CB  1 
ATOM   112 O OG  . SER A 1 16  ? 1.878   10.253  15.824  1.00 29.00 ? 16  SER A OG  1 
ATOM   113 N N   . CYS A 1 17  ? 1.875   9.569   13.147  1.00 13.08 ? 17  CYS A N   1 
ATOM   114 C CA  . CYS A 1 17  ? 1.970   8.557   12.107  1.00 20.59 ? 17  CYS A CA  1 
ATOM   115 C C   . CYS A 1 17  ? 1.078   7.373   12.449  1.00 18.96 ? 17  CYS A C   1 
ATOM   116 O O   . CYS A 1 17  ? 0.738   7.169   13.612  1.00 20.07 ? 17  CYS A O   1 
ATOM   117 C CB  . CYS A 1 17  ? 3.430   8.098   11.943  1.00 17.33 ? 17  CYS A CB  1 
ATOM   118 S SG  . CYS A 1 17  ? 4.177   7.328   13.405  1.00 33.22 ? 17  CYS A SG  1 
ATOM   119 N N   . LEU A 1 18  ? 0.685   6.614   11.428  1.00 15.34 ? 18  LEU A N   1 
ATOM   120 C CA  . LEU A 1 18  ? -0.159  5.436   11.619  1.00 17.01 ? 18  LEU A CA  1 
ATOM   121 C C   . LEU A 1 18  ? 0.370   4.271   10.795  1.00 12.32 ? 18  LEU A C   1 
ATOM   122 O O   . LEU A 1 18  ? 1.119   4.458   9.843   1.00 15.62 ? 18  LEU A O   1 
ATOM   123 C CB  . LEU A 1 18  ? -1.622  5.727   11.238  1.00 14.01 ? 18  LEU A CB  1 
ATOM   124 C CG  . LEU A 1 18  ? -2.033  5.983   9.786   1.00 10.79 ? 18  LEU A CG  1 
ATOM   125 C CD1 . LEU A 1 18  ? -1.969  4.701   8.959   1.00 12.70 ? 18  LEU A CD1 1 
ATOM   126 C CD2 . LEU A 1 18  ? -3.441  6.530   9.786   1.00 8.17  ? 18  LEU A CD2 1 
ATOM   127 N N   . LEU A 1 19  ? -0.027  3.064   11.165  1.00 13.75 ? 19  LEU A N   1 
ATOM   128 C CA  . LEU A 1 19  ? 0.427   1.882   10.462  1.00 12.18 ? 19  LEU A CA  1 
ATOM   129 C C   . LEU A 1 19  ? -0.763  1.071   9.958   1.00 15.25 ? 19  LEU A C   1 
ATOM   130 O O   . LEU A 1 19  ? -1.649  0.706   10.726  1.00 18.30 ? 19  LEU A O   1 
ATOM   131 C CB  . LEU A 1 19  ? 1.302   1.044   11.404  1.00 14.50 ? 19  LEU A CB  1 
ATOM   132 C CG  . LEU A 1 19  ? 2.076   -0.194  10.942  1.00 8.17  ? 19  LEU A CG  1 
ATOM   133 C CD1 . LEU A 1 19  ? 1.203   -1.413  11.026  1.00 8.17  ? 19  LEU A CD1 1 
ATOM   134 C CD2 . LEU A 1 19  ? 2.607   0.016   9.545   1.00 13.06 ? 19  LEU A CD2 1 
ATOM   135 N N   . ILE A 1 20  ? -0.793  0.818   8.656   1.00 14.35 ? 20  ILE A N   1 
ATOM   136 C CA  . ILE A 1 20  ? -1.859  0.021   8.069   1.00 12.69 ? 20  ILE A CA  1 
ATOM   137 C C   . ILE A 1 20  ? -1.350  -1.413  7.936   1.00 15.59 ? 20  ILE A C   1 
ATOM   138 O O   . ILE A 1 20  ? -0.496  -1.709  7.086   1.00 8.17  ? 20  ILE A O   1 
ATOM   139 C CB  . ILE A 1 20  ? -2.248  0.521   6.665   1.00 8.17  ? 20  ILE A CB  1 
ATOM   140 C CG1 . ILE A 1 20  ? -2.697  1.983   6.732   1.00 14.53 ? 20  ILE A CG1 1 
ATOM   141 C CG2 . ILE A 1 20  ? -3.335  -0.364  6.095   1.00 8.17  ? 20  ILE A CG2 1 
ATOM   142 C CD1 . ILE A 1 20  ? -3.144  2.556   5.396   1.00 10.98 ? 20  ILE A CD1 1 
ATOM   143 N N   . PRO A 1 21  ? -1.823  -2.318  8.812   1.00 14.03 ? 21  PRO A N   1 
ATOM   144 C CA  . PRO A 1 21  ? -1.352  -3.701  8.689   1.00 15.02 ? 21  PRO A CA  1 
ATOM   145 C C   . PRO A 1 21  ? -1.854  -4.280  7.355   1.00 14.52 ? 21  PRO A C   1 
ATOM   146 O O   . PRO A 1 21  ? -2.946  -3.948  6.894   1.00 17.75 ? 21  PRO A O   1 
ATOM   147 C CB  . PRO A 1 21  ? -1.936  -4.379  9.932   1.00 8.17  ? 21  PRO A CB  1 
ATOM   148 C CG  . PRO A 1 21  ? -3.098  -3.516  10.299  1.00 8.17  ? 21  PRO A CG  1 
ATOM   149 C CD  . PRO A 1 21  ? -2.618  -2.133  10.036  1.00 8.17  ? 21  PRO A CD  1 
ATOM   150 N N   . CYS A 1 22  ? -1.056  -5.128  6.724   1.00 8.17  ? 22  CYS A N   1 
ATOM   151 C CA  . CYS A 1 22  ? -1.450  -5.665  5.437   1.00 8.17  ? 22  CYS A CA  1 
ATOM   152 C C   . CYS A 1 22  ? -0.641  -6.906  5.092   1.00 13.16 ? 22  CYS A C   1 
ATOM   153 O O   . CYS A 1 22  ? 0.560   -6.967  5.354   1.00 21.18 ? 22  CYS A O   1 
ATOM   154 C CB  . CYS A 1 22  ? -1.240  -4.569  4.380   1.00 8.17  ? 22  CYS A CB  1 
ATOM   155 S SG  . CYS A 1 22  ? -1.309  -4.972  2.593   1.00 8.17  ? 22  CYS A SG  1 
ATOM   156 N N   . ILE A 1 23  ? -1.318  -7.903  4.531   1.00 9.02  ? 23  ILE A N   1 
ATOM   157 C CA  . ILE A 1 23  ? -0.675  -9.136  4.093   1.00 8.51  ? 23  ILE A CA  1 
ATOM   158 C C   . ILE A 1 23  ? -1.277  -9.449  2.728   1.00 8.17  ? 23  ILE A C   1 
ATOM   159 O O   . ILE A 1 23  ? -2.329  -8.923  2.380   1.00 8.17  ? 23  ILE A O   1 
ATOM   160 C CB  . ILE A 1 23  ? -0.954  -10.344 5.047   1.00 14.24 ? 23  ILE A CB  1 
ATOM   161 C CG1 . ILE A 1 23  ? -2.441  -10.412 5.383   1.00 15.85 ? 23  ILE A CG1 1 
ATOM   162 C CG2 . ILE A 1 23  ? -0.098  -10.253 6.297   1.00 8.17  ? 23  ILE A CG2 1 
ATOM   163 C CD1 . ILE A 1 23  ? -2.868  -11.741 5.946   1.00 19.43 ? 23  ILE A CD1 1 
ATOM   164 N N   . PHE A 1 24  ? -0.606  -10.280 1.944   1.00 9.64  ? 24  PHE A N   1 
ATOM   165 C CA  . PHE A 1 24  ? -1.127  -10.650 0.635   1.00 12.61 ? 24  PHE A CA  1 
ATOM   166 C C   . PHE A 1 24  ? -0.779  -12.096 0.364   1.00 9.55  ? 24  PHE A C   1 
ATOM   167 O O   . PHE A 1 24  ? 0.079   -12.662 1.037   1.00 8.17  ? 24  PHE A O   1 
ATOM   168 C CB  . PHE A 1 24  ? -0.547  -9.761  -0.481  1.00 8.17  ? 24  PHE A CB  1 
ATOM   169 C CG  . PHE A 1 24  ? 0.961   -9.828  -0.612  1.00 12.34 ? 24  PHE A CG  1 
ATOM   170 C CD1 . PHE A 1 24  ? 1.782   -8.987  0.141   1.00 16.86 ? 24  PHE A CD1 1 
ATOM   171 C CD2 . PHE A 1 24  ? 1.560   -10.721 -1.500  1.00 15.34 ? 24  PHE A CD2 1 
ATOM   172 C CE1 . PHE A 1 24  ? 3.177   -9.032  0.010   1.00 8.17  ? 24  PHE A CE1 1 
ATOM   173 C CE2 . PHE A 1 24  ? 2.952   -10.776 -1.638  1.00 8.41  ? 24  PHE A CE2 1 
ATOM   174 C CZ  . PHE A 1 24  ? 3.759   -9.928  -0.880  1.00 8.17  ? 24  PHE A CZ  1 
ATOM   175 N N   . SER A 1 25  ? -1.460  -12.701 -0.601  1.00 8.17  ? 25  SER A N   1 
ATOM   176 C CA  . SER A 1 25  ? -1.176  -14.078 -0.958  1.00 8.21  ? 25  SER A CA  1 
ATOM   177 C C   . SER A 1 25  ? -1.495  -14.311 -2.420  1.00 10.40 ? 25  SER A C   1 
ATOM   178 O O   . SER A 1 25  ? -2.360  -13.644 -2.989  1.00 8.17  ? 25  SER A O   1 
ATOM   179 C CB  . SER A 1 25  ? -1.985  -15.056 -0.104  1.00 9.75  ? 25  SER A CB  1 
ATOM   180 O OG  . SER A 1 25  ? -3.335  -15.083 -0.512  1.00 9.04  ? 25  SER A OG  1 
ATOM   181 N N   . TYR A 1 26  ? -0.774  -15.263 -3.009  1.00 14.52 ? 26  TYR A N   1 
ATOM   182 C CA  . TYR A 1 26  ? -0.927  -15.665 -4.402  1.00 9.80  ? 26  TYR A CA  1 
ATOM   183 C C   . TYR A 1 26  ? -0.679  -17.175 -4.462  1.00 8.26  ? 26  TYR A C   1 
ATOM   184 O O   . TYR A 1 26  ? -0.128  -17.754 -3.528  1.00 13.75 ? 26  TYR A O   1 
ATOM   185 C CB  . TYR A 1 26  ? 0.089   -14.937 -5.279  1.00 12.80 ? 26  TYR A CB  1 
ATOM   186 C CG  . TYR A 1 26  ? 1.524   -15.033 -4.786  1.00 9.30  ? 26  TYR A CG  1 
ATOM   187 C CD1 . TYR A 1 26  ? 2.032   -14.108 -3.877  1.00 12.51 ? 26  TYR A CD1 1 
ATOM   188 C CD2 . TYR A 1 26  ? 2.374   -16.034 -5.244  1.00 12.38 ? 26  TYR A CD2 1 
ATOM   189 C CE1 . TYR A 1 26  ? 3.351   -14.175 -3.442  1.00 11.45 ? 26  TYR A CE1 1 
ATOM   190 C CE2 . TYR A 1 26  ? 3.697   -16.113 -4.813  1.00 21.09 ? 26  TYR A CE2 1 
ATOM   191 C CZ  . TYR A 1 26  ? 4.180   -15.179 -3.914  1.00 14.33 ? 26  TYR A CZ  1 
ATOM   192 O OH  . TYR A 1 26  ? 5.493   -15.237 -3.500  1.00 19.13 ? 26  TYR A OH  1 
ATOM   193 N N   . PRO A 1 27  ? -1.083  -17.832 -5.558  1.00 8.17  ? 27  PRO A N   1 
ATOM   194 C CA  . PRO A 1 27  ? -0.890  -19.275 -5.702  1.00 8.18  ? 27  PRO A CA  1 
ATOM   195 C C   . PRO A 1 27  ? 0.553   -19.707 -5.504  1.00 9.89  ? 27  PRO A C   1 
ATOM   196 O O   . PRO A 1 27  ? 1.479   -18.953 -5.796  1.00 11.33 ? 27  PRO A O   1 
ATOM   197 C CB  . PRO A 1 27  ? -1.394  -19.546 -7.110  1.00 11.11 ? 27  PRO A CB  1 
ATOM   198 C CG  . PRO A 1 27  ? -2.493  -18.563 -7.237  1.00 8.51  ? 27  PRO A CG  1 
ATOM   199 C CD  . PRO A 1 27  ? -1.853  -17.309 -6.695  1.00 8.23  ? 27  PRO A CD  1 
ATOM   200 N N   . ALA A 1 28  ? 0.735   -20.928 -5.014  1.00 17.62 ? 28  ALA A N   1 
ATOM   201 C CA  . ALA A 1 28  ? 2.069   -21.454 -4.757  1.00 17.43 ? 28  ALA A CA  1 
ATOM   202 C C   . ALA A 1 28  ? 2.793   -21.939 -6.013  1.00 17.83 ? 28  ALA A C   1 
ATOM   203 O O   . ALA A 1 28  ? 4.009   -22.128 -5.999  1.00 17.54 ? 28  ALA A O   1 
ATOM   204 C CB  . ALA A 1 28  ? 1.989   -22.571 -3.734  1.00 20.89 ? 28  ALA A CB  1 
ATOM   205 N N   . ASP A 1 29  ? 2.047   -22.126 -7.098  1.00 20.17 ? 29  ASP A N   1 
ATOM   206 C CA  . ASP A 1 29  ? 2.614   -22.589 -8.361  1.00 24.19 ? 29  ASP A CA  1 
ATOM   207 C C   . ASP A 1 29  ? 3.070   -21.441 -9.259  1.00 29.20 ? 29  ASP A C   1 
ATOM   208 O O   . ASP A 1 29  ? 3.557   -21.665 -10.365 1.00 31.00 ? 29  ASP A O   1 
ATOM   209 C CB  . ASP A 1 29  ? 1.590   -23.440 -9.105  1.00 30.87 ? 29  ASP A CB  1 
ATOM   210 C CG  . ASP A 1 29  ? 0.218   -22.799 -9.133  1.00 44.47 ? 29  ASP A CG  1 
ATOM   211 O OD1 . ASP A 1 29  ? 0.125   -21.596 -9.450  1.00 51.97 ? 29  ASP A OD1 1 
ATOM   212 O OD2 . ASP A 1 29  ? -0.773  -23.500 -8.838  1.00 63.67 ? 29  ASP A OD2 1 
ATOM   213 N N   . VAL A 1 30  ? 2.890   -20.210 -8.791  1.00 28.80 ? 30  VAL A N   1 
ATOM   214 C CA  . VAL A 1 30  ? 3.307   -19.043 -9.552  1.00 28.18 ? 30  VAL A CA  1 
ATOM   215 C C   . VAL A 1 30  ? 4.797   -18.878 -9.325  1.00 31.89 ? 30  VAL A C   1 
ATOM   216 O O   . VAL A 1 30  ? 5.258   -18.869 -8.185  1.00 43.02 ? 30  VAL A O   1 
ATOM   217 C CB  . VAL A 1 30  ? 2.596   -17.777 -9.068  1.00 34.21 ? 30  VAL A CB  1 
ATOM   218 C CG1 . VAL A 1 30  ? 3.065   -16.581 -9.871  1.00 26.82 ? 30  VAL A CG1 1 
ATOM   219 C CG2 . VAL A 1 30  ? 1.102   -17.950 -9.192  1.00 38.10 ? 30  VAL A CG2 1 
ATOM   220 N N   . PRO A 1 31  ? 5.574   -18.759 -10.409 1.00 27.81 ? 31  PRO A N   1 
ATOM   221 C CA  . PRO A 1 31  ? 7.022   -18.596 -10.319 1.00 34.47 ? 31  PRO A CA  1 
ATOM   222 C C   . PRO A 1 31  ? 7.457   -17.189 -9.939  1.00 36.28 ? 31  PRO A C   1 
ATOM   223 O O   . PRO A 1 31  ? 6.837   -16.206 -10.338 1.00 41.69 ? 31  PRO A O   1 
ATOM   224 C CB  . PRO A 1 31  ? 7.485   -18.986 -11.712 1.00 32.83 ? 31  PRO A CB  1 
ATOM   225 C CG  . PRO A 1 31  ? 6.389   -18.485 -12.552 1.00 31.16 ? 31  PRO A CG  1 
ATOM   226 C CD  . PRO A 1 31  ? 5.165   -18.937 -11.811 1.00 32.99 ? 31  PRO A CD  1 
ATOM   227 N N   . VAL A 1 32  ? 8.530   -17.102 -9.159  1.00 39.23 ? 32  VAL A N   1 
ATOM   228 C CA  . VAL A 1 32  ? 9.071   -15.817 -8.730  1.00 44.93 ? 32  VAL A CA  1 
ATOM   229 C C   . VAL A 1 32  ? 10.577  -15.765 -8.999  1.00 43.57 ? 32  VAL A C   1 
ATOM   230 O O   . VAL A 1 32  ? 11.317  -16.667 -8.606  1.00 39.95 ? 32  VAL A O   1 
ATOM   231 C CB  . VAL A 1 32  ? 8.815   -15.580 -7.234  1.00 40.84 ? 32  VAL A CB  1 
ATOM   232 C CG1 . VAL A 1 32  ? 9.348   -14.214 -6.836  1.00 37.89 ? 32  VAL A CG1 1 
ATOM   233 C CG2 . VAL A 1 32  ? 7.324   -15.688 -6.937  1.00 28.97 ? 32  VAL A CG2 1 
ATOM   234 N N   . SER A 1 33  ? 11.027  -14.706 -9.669  1.00 48.80 ? 33  SER A N   1 
ATOM   235 C CA  . SER A 1 33  ? 12.440  -14.556 -10.011 1.00 46.78 ? 33  SER A CA  1 
ATOM   236 C C   . SER A 1 33  ? 12.949  -13.114 -9.968  1.00 49.95 ? 33  SER A C   1 
ATOM   237 O O   . SER A 1 33  ? 14.072  -12.855 -9.530  1.00 52.42 ? 33  SER A O   1 
ATOM   238 C CB  . SER A 1 33  ? 12.686  -15.149 -11.397 1.00 49.96 ? 33  SER A CB  1 
ATOM   239 O OG  . SER A 1 33  ? 11.628  -14.813 -12.280 1.00 54.19 ? 33  SER A OG  1 
ATOM   240 N N   . ASN A 1 34  ? 12.130  -12.178 -10.437 1.00 52.15 ? 34  ASN A N   1 
ATOM   241 C CA  . ASN A 1 34  ? 12.515  -10.770 -10.428 1.00 56.02 ? 34  ASN A CA  1 
ATOM   242 C C   . ASN A 1 34  ? 11.932  -10.076 -9.199  1.00 55.68 ? 34  ASN A C   1 
ATOM   243 O O   . ASN A 1 34  ? 11.929  -8.844  -9.100  1.00 56.15 ? 34  ASN A O   1 
ATOM   244 C CB  . ASN A 1 34  ? 12.043  -10.071 -11.710 1.00 60.44 ? 34  ASN A CB  1 
ATOM   245 C CG  . ASN A 1 34  ? 12.745  -10.599 -12.957 1.00 66.39 ? 34  ASN A CG  1 
ATOM   246 O OD1 . ASN A 1 34  ? 12.498  -11.724 -13.398 1.00 63.06 ? 34  ASN A OD1 1 
ATOM   247 N ND2 . ASN A 1 34  ? 13.636  -9.787  -13.524 1.00 64.50 ? 34  ASN A ND2 1 
ATOM   248 N N   . GLY A 1 35  ? 11.442  -10.889 -8.267  1.00 54.53 ? 35  GLY A N   1 
ATOM   249 C CA  . GLY A 1 35  ? 10.869  -10.369 -7.043  1.00 48.46 ? 35  GLY A CA  1 
ATOM   250 C C   . GLY A 1 35  ? 9.406   -10.012 -7.168  1.00 42.62 ? 35  GLY A C   1 
ATOM   251 O O   . GLY A 1 35  ? 8.735   -10.398 -8.124  1.00 44.87 ? 35  GLY A O   1 
ATOM   252 N N   . ILE A 1 36  ? 8.917   -9.274  -6.180  1.00 40.97 ? 36  ILE A N   1 
ATOM   253 C CA  . ILE A 1 36  ? 7.537   -8.827  -6.145  1.00 35.98 ? 36  ILE A CA  1 
ATOM   254 C C   . ILE A 1 36  ? 7.537   -7.314  -5.991  1.00 36.45 ? 36  ILE A C   1 
ATOM   255 O O   . ILE A 1 36  ? 8.152   -6.780  -5.072  1.00 40.65 ? 36  ILE A O   1 
ATOM   256 C CB  . ILE A 1 36  ? 6.787   -9.445  -4.959  1.00 35.72 ? 36  ILE A CB  1 
ATOM   257 C CG1 . ILE A 1 36  ? 6.780   -10.967 -5.094  1.00 37.08 ? 36  ILE A CG1 1 
ATOM   258 C CG2 . ILE A 1 36  ? 5.373   -8.896  -4.898  1.00 32.37 ? 36  ILE A CG2 1 
ATOM   259 C CD1 . ILE A 1 36  ? 6.142   -11.702 -3.926  1.00 34.77 ? 36  ILE A CD1 1 
ATOM   260 N N   . THR A 1 37  ? 6.863   -6.621  -6.904  1.00 38.89 ? 37  THR A N   1 
ATOM   261 C CA  . THR A 1 37  ? 6.782   -5.165  -6.845  1.00 31.18 ? 37  THR A CA  1 
ATOM   262 C C   . THR A 1 37  ? 5.651   -4.772  -5.904  1.00 24.27 ? 37  THR A C   1 
ATOM   263 O O   . THR A 1 37  ? 4.522   -5.236  -6.051  1.00 30.57 ? 37  THR A O   1 
ATOM   264 C CB  . THR A 1 37  ? 6.511   -4.569  -8.227  1.00 36.53 ? 37  THR A CB  1 
ATOM   265 O OG1 . THR A 1 37  ? 7.607   -4.870  -9.098  1.00 40.45 ? 37  THR A OG1 1 
ATOM   266 C CG2 . THR A 1 37  ? 6.339   -3.072  -8.129  1.00 30.70 ? 37  THR A CG2 1 
ATOM   267 N N   . ALA A 1 38  ? 5.960   -3.924  -4.931  1.00 20.23 ? 38  ALA A N   1 
ATOM   268 C CA  . ALA A 1 38  ? 4.965   -3.492  -3.964  1.00 11.42 ? 38  ALA A CA  1 
ATOM   269 C C   . ALA A 1 38  ? 4.511   -2.088  -4.289  1.00 8.17  ? 38  ALA A C   1 
ATOM   270 O O   . ALA A 1 38  ? 5.334   -1.210  -4.516  1.00 11.34 ? 38  ALA A O   1 
ATOM   271 C CB  . ALA A 1 38  ? 5.554   -3.535  -2.569  1.00 10.82 ? 38  ALA A CB  1 
ATOM   272 N N   . ILE A 1 39  ? 3.202   -1.871  -4.310  1.00 8.17  ? 39  ILE A N   1 
ATOM   273 C CA  . ILE A 1 39  ? 2.667   -0.553  -4.616  1.00 10.23 ? 39  ILE A CA  1 
ATOM   274 C C   . ILE A 1 39  ? 1.424   -0.206  -3.799  1.00 14.49 ? 39  ILE A C   1 
ATOM   275 O O   . ILE A 1 39  ? 0.513   -1.023  -3.643  1.00 22.58 ? 39  ILE A O   1 
ATOM   276 C CB  . ILE A 1 39  ? 2.302   -0.434  -6.102  1.00 8.17  ? 39  ILE A CB  1 
ATOM   277 C CG1 . ILE A 1 39  ? 3.497   -0.828  -6.963  1.00 8.17  ? 39  ILE A CG1 1 
ATOM   278 C CG2 . ILE A 1 39  ? 1.897   0.990   -6.416  1.00 9.68  ? 39  ILE A CG2 1 
ATOM   279 C CD1 . ILE A 1 39  ? 3.184   -0.993  -8.423  1.00 8.17  ? 39  ILE A CD1 1 
ATOM   280 N N   . TRP A 1 40  ? 1.399   1.014   -3.273  1.00 10.35 ? 40  TRP A N   1 
ATOM   281 C CA  . TRP A 1 40  ? 0.260   1.496   -2.511  1.00 8.17  ? 40  TRP A CA  1 
ATOM   282 C C   . TRP A 1 40  ? -0.323  2.701   -3.229  1.00 8.17  ? 40  TRP A C   1 
ATOM   283 O O   . TRP A 1 40  ? 0.381   3.654   -3.554  1.00 8.17  ? 40  TRP A O   1 
ATOM   284 C CB  . TRP A 1 40  ? 0.669   1.900   -1.105  1.00 9.39  ? 40  TRP A CB  1 
ATOM   285 C CG  . TRP A 1 40  ? 0.704   0.781   -0.125  1.00 9.23  ? 40  TRP A CG  1 
ATOM   286 C CD1 . TRP A 1 40  ? 1.801   0.079   0.280   1.00 8.17  ? 40  TRP A CD1 1 
ATOM   287 C CD2 . TRP A 1 40  ? -0.398  0.282   0.643   1.00 8.17  ? 40  TRP A CD2 1 
ATOM   288 N NE1 . TRP A 1 40  ? 1.454   -0.818  1.260   1.00 8.17  ? 40  TRP A NE1 1 
ATOM   289 C CE2 . TRP A 1 40  ? 0.110   -0.715  1.502   1.00 8.17  ? 40  TRP A CE2 1 
ATOM   290 C CE3 . TRP A 1 40  ? -1.767  0.585   0.689   1.00 9.81  ? 40  TRP A CE3 1 
ATOM   291 C CZ2 . TRP A 1 40  ? -0.702  -1.415  2.400   1.00 10.46 ? 40  TRP A CZ2 1 
ATOM   292 C CZ3 . TRP A 1 40  ? -2.576  -0.114  1.584   1.00 8.17  ? 40  TRP A CZ3 1 
ATOM   293 C CH2 . TRP A 1 40  ? -2.038  -1.101  2.427   1.00 8.17  ? 40  TRP A CH2 1 
ATOM   294 N N   . TYR A 1 41  ? -1.620  2.648   -3.479  1.00 9.57  ? 41  TYR A N   1 
ATOM   295 C CA  . TYR A 1 41  ? -2.296  3.727   -4.172  1.00 10.72 ? 41  TYR A CA  1 
ATOM   296 C C   . TYR A 1 41  ? -3.205  4.476   -3.225  1.00 9.44  ? 41  TYR A C   1 
ATOM   297 O O   . TYR A 1 41  ? -3.668  3.923   -2.228  1.00 8.17  ? 41  TYR A O   1 
ATOM   298 C CB  . TYR A 1 41  ? -3.140  3.171   -5.323  1.00 12.15 ? 41  TYR A CB  1 
ATOM   299 C CG  . TYR A 1 41  ? -2.347  2.641   -6.486  1.00 8.17  ? 41  TYR A CG  1 
ATOM   300 C CD1 . TYR A 1 41  ? -1.709  3.504   -7.366  1.00 8.17  ? 41  TYR A CD1 1 
ATOM   301 C CD2 . TYR A 1 41  ? -2.222  1.271   -6.698  1.00 8.42  ? 41  TYR A CD2 1 
ATOM   302 C CE1 . TYR A 1 41  ? -0.967  3.021   -8.430  1.00 8.79  ? 41  TYR A CE1 1 
ATOM   303 C CE2 . TYR A 1 41  ? -1.476  0.775   -7.758  1.00 11.30 ? 41  TYR A CE2 1 
ATOM   304 C CZ  . TYR A 1 41  ? -0.854  1.656   -8.623  1.00 13.28 ? 41  TYR A CZ  1 
ATOM   305 O OH  . TYR A 1 41  ? -0.136  1.175   -9.693  1.00 24.54 ? 41  TYR A OH  1 
ATOM   306 N N   . TYR A 1 42  ? -3.452  5.740   -3.555  1.00 12.59 ? 42  TYR A N   1 
ATOM   307 C CA  . TYR A 1 42  ? -4.338  6.595   -2.782  1.00 8.17  ? 42  TYR A CA  1 
ATOM   308 C C   . TYR A 1 42  ? -5.435  7.102   -3.708  1.00 8.17  ? 42  TYR A C   1 
ATOM   309 O O   . TYR A 1 42  ? -5.145  7.682   -4.755  1.00 8.17  ? 42  TYR A O   1 
ATOM   310 C CB  . TYR A 1 42  ? -3.583  7.785   -2.222  1.00 10.25 ? 42  TYR A CB  1 
ATOM   311 C CG  . TYR A 1 42  ? -4.492  8.740   -1.514  1.00 12.79 ? 42  TYR A CG  1 
ATOM   312 C CD1 . TYR A 1 42  ? -5.149  8.361   -0.347  1.00 18.12 ? 42  TYR A CD1 1 
ATOM   313 C CD2 . TYR A 1 42  ? -4.727  10.015  -2.020  1.00 8.17  ? 42  TYR A CD2 1 
ATOM   314 C CE1 . TYR A 1 42  ? -6.018  9.226   0.301   1.00 14.43 ? 42  TYR A CE1 1 
ATOM   315 C CE2 . TYR A 1 42  ? -5.597  10.887  -1.384  1.00 13.31 ? 42  TYR A CE2 1 
ATOM   316 C CZ  . TYR A 1 42  ? -6.237  10.486  -0.223  1.00 18.33 ? 42  TYR A CZ  1 
ATOM   317 O OH  . TYR A 1 42  ? -7.097  11.341  0.417   1.00 28.24 ? 42  TYR A OH  1 
ATOM   318 N N   . ASP A 1 43  ? -6.688  6.867   -3.325  1.00 14.29 ? 43  ASP A N   1 
ATOM   319 C CA  . ASP A 1 43  ? -7.842  7.306   -4.111  1.00 14.18 ? 43  ASP A CA  1 
ATOM   320 C C   . ASP A 1 43  ? -7.739  6.750   -5.536  1.00 14.18 ? 43  ASP A C   1 
ATOM   321 O O   . ASP A 1 43  ? -7.825  7.487   -6.516  1.00 8.17  ? 43  ASP A O   1 
ATOM   322 C CB  . ASP A 1 43  ? -7.906  8.849   -4.112  1.00 9.82  ? 43  ASP A CB  1 
ATOM   323 C CG  . ASP A 1 43  ? -9.189  9.400   -4.732  1.00 16.88 ? 43  ASP A CG  1 
ATOM   324 O OD1 . ASP A 1 43  ? -10.271 8.835   -4.482  1.00 18.59 ? 43  ASP A OD1 1 
ATOM   325 O OD2 . ASP A 1 43  ? -9.120  10.420  -5.455  1.00 21.30 ? 43  ASP A OD2 1 
ATOM   326 N N   . TYR A 1 44  ? -7.561  5.434   -5.635  1.00 14.38 ? 44  TYR A N   1 
ATOM   327 C CA  . TYR A 1 44  ? -7.427  4.766   -6.924  1.00 8.17  ? 44  TYR A CA  1 
ATOM   328 C C   . TYR A 1 44  ? -8.479  5.183   -7.948  1.00 12.09 ? 44  TYR A C   1 
ATOM   329 O O   . TYR A 1 44  ? -8.152  5.430   -9.109  1.00 10.20 ? 44  TYR A O   1 
ATOM   330 C CB  . TYR A 1 44  ? -7.482  3.246   -6.755  1.00 8.17  ? 44  TYR A CB  1 
ATOM   331 C CG  . TYR A 1 44  ? -6.922  2.505   -7.948  1.00 17.20 ? 44  TYR A CG  1 
ATOM   332 C CD1 . TYR A 1 44  ? -5.549  2.350   -8.109  1.00 14.82 ? 44  TYR A CD1 1 
ATOM   333 C CD2 . TYR A 1 44  ? -7.757  2.013   -8.947  1.00 21.03 ? 44  TYR A CD2 1 
ATOM   334 C CE1 . TYR A 1 44  ? -5.023  1.732   -9.227  1.00 18.79 ? 44  TYR A CE1 1 
ATOM   335 C CE2 . TYR A 1 44  ? -7.234  1.391   -10.079 1.00 21.29 ? 44  TYR A CE2 1 
ATOM   336 C CZ  . TYR A 1 44  ? -5.865  1.256   -10.214 1.00 21.77 ? 44  TYR A CZ  1 
ATOM   337 O OH  . TYR A 1 44  ? -5.327  0.660   -11.339 1.00 28.71 ? 44  TYR A OH  1 
ATOM   338 N N   . SER A 1 45  ? -9.740  5.251   -7.522  1.00 24.74 ? 45  SER A N   1 
ATOM   339 C CA  . SER A 1 45  ? -10.838 5.629   -8.416  1.00 20.81 ? 45  SER A CA  1 
ATOM   340 C C   . SER A 1 45  ? -11.052 7.142   -8.506  1.00 25.13 ? 45  SER A C   1 
ATOM   341 O O   . SER A 1 45  ? -12.118 7.608   -8.911  1.00 31.54 ? 45  SER A O   1 
ATOM   342 C CB  . SER A 1 45  ? -12.136 4.947   -7.976  1.00 15.53 ? 45  SER A CB  1 
ATOM   343 O OG  . SER A 1 45  ? -12.125 3.566   -8.290  1.00 8.77  ? 45  SER A OG  1 
ATOM   344 N N   . GLY A 1 46  ? -10.025 7.895   -8.122  1.00 24.95 ? 46  GLY A N   1 
ATOM   345 C CA  . GLY A 1 46  ? -10.074 9.344   -8.168  1.00 23.98 ? 46  GLY A CA  1 
ATOM   346 C C   . GLY A 1 46  ? -8.745  9.845   -8.706  1.00 31.37 ? 46  GLY A C   1 
ATOM   347 O O   . GLY A 1 46  ? -8.373  9.527   -9.835  1.00 32.63 ? 46  GLY A O   1 
ATOM   348 N N   . LYS A 1 47  ? -8.021  10.619  -7.902  1.00 29.20 ? 47  LYS A N   1 
ATOM   349 C CA  . LYS A 1 47  ? -6.727  11.139  -8.322  1.00 23.59 ? 47  LYS A CA  1 
ATOM   350 C C   . LYS A 1 47  ? -5.763  9.982   -8.541  1.00 25.23 ? 47  LYS A C   1 
ATOM   351 O O   . LYS A 1 47  ? -4.916  10.017  -9.432  1.00 30.50 ? 47  LYS A O   1 
ATOM   352 C CB  . LYS A 1 47  ? -6.145  12.063  -7.254  1.00 25.41 ? 47  LYS A CB  1 
ATOM   353 C CG  . LYS A 1 47  ? -6.987  13.274  -6.921  1.00 39.20 ? 47  LYS A CG  1 
ATOM   354 C CD  . LYS A 1 47  ? -6.210  14.220  -6.007  1.00 48.96 ? 47  LYS A CD  1 
ATOM   355 C CE  . LYS A 1 47  ? -7.052  15.403  -5.532  1.00 49.95 ? 47  LYS A CE  1 
ATOM   356 N NZ  . LYS A 1 47  ? -8.121  15.001  -4.572  1.00 53.92 ? 47  LYS A NZ  1 
ATOM   357 N N   . ARG A 1 48  ? -5.902  8.957   -7.713  1.00 24.41 ? 48  ARG A N   1 
ATOM   358 C CA  . ARG A 1 48  ? -5.046  7.780   -7.767  1.00 24.44 ? 48  ARG A CA  1 
ATOM   359 C C   . ARG A 1 48  ? -3.567  8.125   -7.847  1.00 23.81 ? 48  ARG A C   1 
ATOM   360 O O   . ARG A 1 48  ? -2.926  7.929   -8.883  1.00 30.29 ? 48  ARG A O   1 
ATOM   361 C CB  . ARG A 1 48  ? -5.387  6.892   -8.954  1.00 22.17 ? 48  ARG A CB  1 
ATOM   362 C CG  . ARG A 1 48  ? -4.548  5.636   -8.930  1.00 30.17 ? 48  ARG A CG  1 
ATOM   363 C CD  . ARG A 1 48  ? -3.904  5.347   -10.252 1.00 39.42 ? 48  ARG A CD  1 
ATOM   364 N NE  . ARG A 1 48  ? -4.836  4.670   -11.137 1.00 39.40 ? 48  ARG A NE  1 
ATOM   365 C CZ  . ARG A 1 48  ? -4.489  4.098   -12.283 1.00 49.12 ? 48  ARG A CZ  1 
ATOM   366 N NH1 . ARG A 1 48  ? -3.223  4.120   -12.689 1.00 48.46 ? 48  ARG A NH1 1 
ATOM   367 N NH2 . ARG A 1 48  ? -5.413  3.501   -13.018 1.00 50.96 ? 48  ARG A NH2 1 
ATOM   368 N N   . GLN A 1 49  ? -3.029  8.631   -6.745  1.00 21.29 ? 49  GLN A N   1 
ATOM   369 C CA  . GLN A 1 49  ? -1.622  9.000   -6.675  1.00 24.36 ? 49  GLN A CA  1 
ATOM   370 C C   . GLN A 1 49  ? -0.849  7.814   -6.095  1.00 24.77 ? 49  GLN A C   1 
ATOM   371 O O   . GLN A 1 49  ? -1.397  7.027   -5.310  1.00 24.01 ? 49  GLN A O   1 
ATOM   372 C CB  . GLN A 1 49  ? -1.471  10.240  -5.788  1.00 20.92 ? 49  GLN A CB  1 
ATOM   373 C CG  . GLN A 1 49  ? -2.421  11.355  -6.196  1.00 28.81 ? 49  GLN A CG  1 
ATOM   374 C CD  . GLN A 1 49  ? -2.536  12.456  -5.167  1.00 23.48 ? 49  GLN A CD  1 
ATOM   375 O OE1 . GLN A 1 49  ? -2.956  12.226  -4.037  1.00 23.95 ? 49  GLN A OE1 1 
ATOM   376 N NE2 . GLN A 1 49  ? -2.170  13.669  -5.559  1.00 33.91 ? 49  GLN A NE2 1 
ATOM   377 N N   . VAL A 1 50  ? 0.413   7.668   -6.496  1.00 22.23 ? 50  VAL A N   1 
ATOM   378 C CA  . VAL A 1 50  ? 1.230   6.569   -5.994  1.00 16.99 ? 50  VAL A CA  1 
ATOM   379 C C   . VAL A 1 50  ? 1.789   6.929   -4.621  1.00 16.01 ? 50  VAL A C   1 
ATOM   380 O O   . VAL A 1 50  ? 2.503   7.920   -4.467  1.00 16.29 ? 50  VAL A O   1 
ATOM   381 C CB  . VAL A 1 50  ? 2.373   6.222   -6.985  1.00 14.52 ? 50  VAL A CB  1 
ATOM   382 C CG1 . VAL A 1 50  ? 3.357   5.242   -6.345  1.00 9.13  ? 50  VAL A CG1 1 
ATOM   383 C CG2 . VAL A 1 50  ? 1.779   5.615   -8.250  1.00 8.17  ? 50  VAL A CG2 1 
ATOM   384 N N   . VAL A 1 51  ? 1.436   6.122   -3.622  1.00 19.58 ? 51  VAL A N   1 
ATOM   385 C CA  . VAL A 1 51  ? 1.873   6.351   -2.249  1.00 19.99 ? 51  VAL A CA  1 
ATOM   386 C C   . VAL A 1 51  ? 3.205   5.675   -1.953  1.00 18.90 ? 51  VAL A C   1 
ATOM   387 O O   . VAL A 1 51  ? 4.073   6.256   -1.304  1.00 23.37 ? 51  VAL A O   1 
ATOM   388 C CB  . VAL A 1 51  ? 0.817   5.842   -1.246  1.00 15.05 ? 51  VAL A CB  1 
ATOM   389 C CG1 . VAL A 1 51  ? 1.281   6.082   0.172   1.00 16.85 ? 51  VAL A CG1 1 
ATOM   390 C CG2 . VAL A 1 51  ? -0.509  6.542   -1.499  1.00 8.17  ? 51  VAL A CG2 1 
ATOM   391 N N   . ILE A 1 52  ? 3.354   4.446   -2.433  1.00 23.25 ? 52  ILE A N   1 
ATOM   392 C CA  . ILE A 1 52  ? 4.571   3.666   -2.247  1.00 14.54 ? 52  ILE A CA  1 
ATOM   393 C C   . ILE A 1 52  ? 4.816   2.890   -3.517  1.00 11.90 ? 52  ILE A C   1 
ATOM   394 O O   . ILE A 1 52  ? 3.871   2.399   -4.133  1.00 14.40 ? 52  ILE A O   1 
ATOM   395 C CB  . ILE A 1 52  ? 4.428   2.641   -1.100  1.00 15.63 ? 52  ILE A CB  1 
ATOM   396 C CG1 . ILE A 1 52  ? 4.471   3.351   0.249   1.00 16.63 ? 52  ILE A CG1 1 
ATOM   397 C CG2 . ILE A 1 52  ? 5.532   1.593   -1.190  1.00 13.66 ? 52  ILE A CG2 1 
ATOM   398 C CD1 . ILE A 1 52  ? 5.783   4.055   0.528   1.00 24.17 ? 52  ILE A CD1 1 
ATOM   399 N N   . HIS A 1 53  ? 6.076   2.783   -3.918  1.00 14.22 ? 53  HIS A N   1 
ATOM   400 C CA  . HIS A 1 53  ? 6.412   2.014   -5.112  1.00 13.34 ? 53  HIS A CA  1 
ATOM   401 C C   . HIS A 1 53  ? 7.777   1.359   -4.943  1.00 9.34  ? 53  HIS A C   1 
ATOM   402 O O   . HIS A 1 53  ? 8.809   2.005   -5.107  1.00 8.17  ? 53  HIS A O   1 
ATOM   403 C CB  . HIS A 1 53  ? 6.407   2.898   -6.361  1.00 9.91  ? 53  HIS A CB  1 
ATOM   404 C CG  . HIS A 1 53  ? 6.349   2.116   -7.635  1.00 15.85 ? 53  HIS A CG  1 
ATOM   405 N ND1 . HIS A 1 53  ? 7.256   1.121   -7.940  1.00 8.17  ? 53  HIS A ND1 1 
ATOM   406 C CD2 . HIS A 1 53  ? 5.474   2.156   -8.666  1.00 10.10 ? 53  HIS A CD2 1 
ATOM   407 C CE1 . HIS A 1 53  ? 6.939   0.582   -9.101  1.00 8.17  ? 53  HIS A CE1 1 
ATOM   408 N NE2 . HIS A 1 53  ? 5.863   1.191   -9.564  1.00 8.17  ? 53  HIS A NE2 1 
ATOM   409 N N   . SER A 1 54  ? 7.778   0.069   -4.618  1.00 9.03  ? 54  SER A N   1 
ATOM   410 C CA  . SER A 1 54  ? 9.026   -0.656  -4.398  1.00 10.55 ? 54  SER A CA  1 
ATOM   411 C C   . SER A 1 54  ? 9.969   -0.618  -5.597  1.00 13.31 ? 54  SER A C   1 
ATOM   412 O O   . SER A 1 54  ? 11.158  -0.342  -5.440  1.00 16.91 ? 54  SER A O   1 
ATOM   413 C CB  . SER A 1 54  ? 8.736   -2.111  -4.003  1.00 8.17  ? 54  SER A CB  1 
ATOM   414 O OG  . SER A 1 54  ? 8.857   -2.992  -5.103  1.00 18.58 ? 54  SER A OG  1 
ATOM   415 N N   . GLY A 1 55  ? 9.431   -0.873  -6.789  1.00 17.34 ? 55  GLY A N   1 
ATOM   416 C CA  . GLY A 1 55  ? 10.233  -0.886  -8.001  1.00 13.11 ? 55  GLY A CA  1 
ATOM   417 C C   . GLY A 1 55  ? 10.884  0.422   -8.411  1.00 11.98 ? 55  GLY A C   1 
ATOM   418 O O   . GLY A 1 55  ? 12.009  0.426   -8.910  1.00 11.67 ? 55  GLY A O   1 
ATOM   419 N N   . ASP A 1 56  ? 10.179  1.535   -8.235  1.00 15.92 ? 56  ASP A N   1 
ATOM   420 C CA  . ASP A 1 56  ? 10.734  2.844   -8.583  1.00 24.66 ? 56  ASP A CA  1 
ATOM   421 C C   . ASP A 1 56  ? 10.179  3.922   -7.641  1.00 19.46 ? 56  ASP A C   1 
ATOM   422 O O   . ASP A 1 56  ? 9.142   4.541   -7.907  1.00 16.56 ? 56  ASP A O   1 
ATOM   423 C CB  . ASP A 1 56  ? 10.418  3.195   -10.048 1.00 31.62 ? 56  ASP A CB  1 
ATOM   424 C CG  . ASP A 1 56  ? 11.193  4.418   -10.543 1.00 41.06 ? 56  ASP A CG  1 
ATOM   425 O OD1 . ASP A 1 56  ? 12.439  4.353   -10.592 1.00 47.55 ? 56  ASP A OD1 1 
ATOM   426 O OD2 . ASP A 1 56  ? 10.560  5.445   -10.881 1.00 43.56 ? 56  ASP A OD2 1 
ATOM   427 N N   . PRO A 1 57  ? 10.860  4.148   -6.511  1.00 15.76 ? 57  PRO A N   1 
ATOM   428 C CA  . PRO A 1 57  ? 10.349  5.171   -5.597  1.00 17.65 ? 57  PRO A CA  1 
ATOM   429 C C   . PRO A 1 57  ? 10.188  6.544   -6.241  1.00 15.42 ? 57  PRO A C   1 
ATOM   430 O O   . PRO A 1 57  ? 9.438   7.378   -5.746  1.00 25.25 ? 57  PRO A O   1 
ATOM   431 C CB  . PRO A 1 57  ? 11.354  5.146   -4.441  1.00 12.99 ? 57  PRO A CB  1 
ATOM   432 C CG  . PRO A 1 57  ? 12.577  4.455   -5.016  1.00 21.86 ? 57  PRO A CG  1 
ATOM   433 C CD  . PRO A 1 57  ? 11.999  3.424   -5.926  1.00 19.66 ? 57  PRO A CD  1 
ATOM   434 N N   . LYS A 1 58  ? 10.883  6.772   -7.352  1.00 18.38 ? 58  LYS A N   1 
ATOM   435 C CA  . LYS A 1 58  ? 10.787  8.046   -8.063  1.00 20.75 ? 58  LYS A CA  1 
ATOM   436 C C   . LYS A 1 58  ? 9.351   8.208   -8.581  1.00 24.29 ? 58  LYS A C   1 
ATOM   437 O O   . LYS A 1 58  ? 8.921   9.305   -8.942  1.00 23.78 ? 58  LYS A O   1 
ATOM   438 C CB  . LYS A 1 58  ? 11.758  8.067   -9.252  1.00 27.36 ? 58  LYS A CB  1 
ATOM   439 C CG  . LYS A 1 58  ? 13.238  7.945   -8.901  1.00 41.98 ? 58  LYS A CG  1 
ATOM   440 C CD  . LYS A 1 58  ? 13.855  9.288   -8.518  1.00 37.17 ? 58  LYS A CD  1 
ATOM   441 C CE  . LYS A 1 58  ? 15.360  9.158   -8.264  1.00 43.22 ? 58  LYS A CE  1 
ATOM   442 N NZ  . LYS A 1 58  ? 16.046  10.478  -8.071  1.00 44.19 ? 58  LYS A NZ  1 
ATOM   443 N N   . LEU A 1 59  ? 8.617   7.099   -8.618  1.00 23.62 ? 59  LEU A N   1 
ATOM   444 C CA  . LEU A 1 59  ? 7.238   7.090   -9.093  1.00 20.50 ? 59  LEU A CA  1 
ATOM   445 C C   . LEU A 1 59  ? 6.222   7.569   -8.050  1.00 16.65 ? 59  LEU A C   1 
ATOM   446 O O   . LEU A 1 59  ? 5.073   7.875   -8.382  1.00 9.25  ? 59  LEU A O   1 
ATOM   447 C CB  . LEU A 1 59  ? 6.863   5.680   -9.568  1.00 17.81 ? 59  LEU A CB  1 
ATOM   448 C CG  . LEU A 1 59  ? 7.245   5.284   -11.001 1.00 23.95 ? 59  LEU A CG  1 
ATOM   449 C CD1 . LEU A 1 59  ? 7.081   3.779   -11.205 1.00 15.17 ? 59  LEU A CD1 1 
ATOM   450 C CD2 . LEU A 1 59  ? 6.364   6.050   -11.977 1.00 20.93 ? 59  LEU A CD2 1 
ATOM   451 N N   . VAL A 1 60  ? 6.641   7.638   -6.791  1.00 11.62 ? 60  VAL A N   1 
ATOM   452 C CA  . VAL A 1 60  ? 5.739   8.079   -5.739  1.00 10.23 ? 60  VAL A CA  1 
ATOM   453 C C   . VAL A 1 60  ? 5.356   9.526   -5.968  1.00 8.34  ? 60  VAL A C   1 
ATOM   454 O O   . VAL A 1 60  ? 6.197   10.358  -6.296  1.00 9.71  ? 60  VAL A O   1 
ATOM   455 C CB  . VAL A 1 60  ? 6.378   7.962   -4.345  1.00 8.17  ? 60  VAL A CB  1 
ATOM   456 C CG1 . VAL A 1 60  ? 5.413   8.473   -3.288  1.00 8.17  ? 60  VAL A CG1 1 
ATOM   457 C CG2 . VAL A 1 60  ? 6.747   6.522   -4.071  1.00 11.37 ? 60  VAL A CG2 1 
ATOM   458 N N   . ASP A 1 61  ? 4.076   9.815   -5.792  1.00 8.95  ? 61  ASP A N   1 
ATOM   459 C CA  . ASP A 1 61  ? 3.574   11.163  -5.965  1.00 17.30 ? 61  ASP A CA  1 
ATOM   460 C C   . ASP A 1 61  ? 4.281   12.108  -4.989  1.00 22.03 ? 61  ASP A C   1 
ATOM   461 O O   . ASP A 1 61  ? 4.617   11.725  -3.866  1.00 20.02 ? 61  ASP A O   1 
ATOM   462 C CB  . ASP A 1 61  ? 2.072   11.183  -5.715  1.00 22.56 ? 61  ASP A CB  1 
ATOM   463 C CG  . ASP A 1 61  ? 1.430   12.446  -6.203  1.00 29.35 ? 61  ASP A CG  1 
ATOM   464 O OD1 . ASP A 1 61  ? 1.220   12.562  -7.427  1.00 43.70 ? 61  ASP A OD1 1 
ATOM   465 O OD2 . ASP A 1 61  ? 1.151   13.326  -5.362  1.00 33.17 ? 61  ASP A OD2 1 
ATOM   466 N N   . LYS A 1 62  ? 4.502   13.343  -5.429  1.00 26.83 ? 62  LYS A N   1 
ATOM   467 C CA  . LYS A 1 62  ? 5.180   14.361  -4.625  1.00 30.38 ? 62  LYS A CA  1 
ATOM   468 C C   . LYS A 1 62  ? 4.606   14.529  -3.216  1.00 25.87 ? 62  LYS A C   1 
ATOM   469 O O   . LYS A 1 62  ? 5.342   14.750  -2.252  1.00 23.02 ? 62  LYS A O   1 
ATOM   470 C CB  . LYS A 1 62  ? 5.154   15.713  -5.359  1.00 37.23 ? 62  LYS A CB  1 
ATOM   471 C CG  . LYS A 1 62  ? 3.758   16.203  -5.801  1.00 57.41 ? 62  LYS A CG  1 
ATOM   472 C CD  . LYS A 1 62  ? 3.200   15.417  -7.012  1.00 64.57 ? 62  LYS A CD  1 
ATOM   473 C CE  . LYS A 1 62  ? 1.885   16.015  -7.561  1.00 58.95 ? 62  LYS A CE  1 
ATOM   474 N NZ  . LYS A 1 62  ? 0.733   15.971  -6.599  1.00 43.74 ? 62  LYS A NZ  1 
ATOM   475 N N   . ARG A 1 63  ? 3.290   14.419  -3.103  1.00 26.47 ? 63  ARG A N   1 
ATOM   476 C CA  . ARG A 1 63  ? 2.635   14.566  -1.813  1.00 28.00 ? 63  ARG A CA  1 
ATOM   477 C C   . ARG A 1 63  ? 3.021   13.493  -0.799  1.00 22.53 ? 63  ARG A C   1 
ATOM   478 O O   . ARG A 1 63  ? 3.052   13.747  0.402   1.00 21.66 ? 63  ARG A O   1 
ATOM   479 C CB  . ARG A 1 63  ? 1.113   14.558  -1.987  1.00 30.73 ? 63  ARG A CB  1 
ATOM   480 C CG  . ARG A 1 63  ? 0.365   14.691  -0.670  1.00 39.33 ? 63  ARG A CG  1 
ATOM   481 C CD  . ARG A 1 63  ? -0.955  15.370  -0.881  1.00 39.76 ? 63  ARG A CD  1 
ATOM   482 N NE  . ARG A 1 63  ? -1.924  14.480  -1.498  1.00 38.62 ? 63  ARG A NE  1 
ATOM   483 C CZ  . ARG A 1 63  ? -2.745  13.698  -0.809  1.00 43.89 ? 63  ARG A CZ  1 
ATOM   484 N NH1 . ARG A 1 63  ? -2.710  13.700  0.522   1.00 41.49 ? 63  ARG A NH1 1 
ATOM   485 N NH2 . ARG A 1 63  ? -3.614  12.932  -1.450  1.00 45.13 ? 63  ARG A NH2 1 
ATOM   486 N N   . PHE A 1 64  ? 3.321   12.296  -1.284  1.00 25.06 ? 64  PHE A N   1 
ATOM   487 C CA  . PHE A 1 64  ? 3.661   11.195  -0.398  1.00 19.48 ? 64  PHE A CA  1 
ATOM   488 C C   . PHE A 1 64  ? 5.140   10.898  -0.239  1.00 17.17 ? 64  PHE A C   1 
ATOM   489 O O   . PHE A 1 64  ? 5.511   10.128  0.646   1.00 18.56 ? 64  PHE A O   1 
ATOM   490 C CB  . PHE A 1 64  ? 2.931   9.926   -0.852  1.00 15.86 ? 64  PHE A CB  1 
ATOM   491 C CG  . PHE A 1 64  ? 1.447   10.027  -0.750  1.00 8.17  ? 64  PHE A CG  1 
ATOM   492 C CD1 . PHE A 1 64  ? 0.828   10.051  0.488   1.00 8.17  ? 64  PHE A CD1 1 
ATOM   493 C CD2 . PHE A 1 64  ? 0.667   10.136  -1.891  1.00 20.01 ? 64  PHE A CD2 1 
ATOM   494 C CE1 . PHE A 1 64  ? -0.546  10.182  0.594   1.00 13.88 ? 64  PHE A CE1 1 
ATOM   495 C CE2 . PHE A 1 64  ? -0.713  10.267  -1.797  1.00 27.37 ? 64  PHE A CE2 1 
ATOM   496 C CZ  . PHE A 1 64  ? -1.321  10.291  -0.547  1.00 18.66 ? 64  PHE A CZ  1 
ATOM   497 N N   . ARG A 1 65  ? 5.988   11.488  -1.075  1.00 14.85 ? 65  ARG A N   1 
ATOM   498 C CA  . ARG A 1 65  ? 7.413   11.213  -0.944  1.00 15.44 ? 65  ARG A CA  1 
ATOM   499 C C   . ARG A 1 65  ? 7.922   11.637  0.423   1.00 8.17  ? 65  ARG A C   1 
ATOM   500 O O   . ARG A 1 65  ? 7.695   12.766  0.862   1.00 8.17  ? 65  ARG A O   1 
ATOM   501 C CB  . ARG A 1 65  ? 8.216   11.882  -2.070  1.00 20.90 ? 65  ARG A CB  1 
ATOM   502 C CG  . ARG A 1 65  ? 8.564   10.905  -3.190  1.00 30.25 ? 65  ARG A CG  1 
ATOM   503 C CD  . ARG A 1 65  ? 9.407   11.517  -4.285  1.00 40.48 ? 65  ARG A CD  1 
ATOM   504 N NE  . ARG A 1 65  ? 8.620   12.384  -5.154  1.00 43.16 ? 65  ARG A NE  1 
ATOM   505 C CZ  . ARG A 1 65  ? 9.074   12.914  -6.285  1.00 49.70 ? 65  ARG A CZ  1 
ATOM   506 N NH1 . ARG A 1 65  ? 10.319  12.663  -6.688  1.00 45.94 ? 65  ARG A NH1 1 
ATOM   507 N NH2 . ARG A 1 65  ? 8.285   13.696  -7.015  1.00 52.11 ? 65  ARG A NH2 1 
ATOM   508 N N   . GLY A 1 66  ? 8.574   10.700  1.101   1.00 8.17  ? 66  GLY A N   1 
ATOM   509 C CA  . GLY A 1 66  ? 9.109   10.962  2.419   1.00 8.17  ? 66  GLY A CA  1 
ATOM   510 C C   . GLY A 1 66  ? 8.149   10.750  3.573   1.00 8.17  ? 66  GLY A C   1 
ATOM   511 O O   . GLY A 1 66  ? 8.574   10.644  4.720   1.00 21.16 ? 66  GLY A O   1 
ATOM   512 N N   . ARG A 1 67  ? 6.857   10.678  3.287   1.00 8.29  ? 67  ARG A N   1 
ATOM   513 C CA  . ARG A 1 67  ? 5.870   10.499  4.346   1.00 14.73 ? 67  ARG A CA  1 
ATOM   514 C C   . ARG A 1 67  ? 5.176   9.142   4.350   1.00 16.07 ? 67  ARG A C   1 
ATOM   515 O O   . ARG A 1 67  ? 4.128   8.978   4.983   1.00 21.72 ? 67  ARG A O   1 
ATOM   516 C CB  . ARG A 1 67  ? 4.807   11.593  4.264   1.00 13.86 ? 67  ARG A CB  1 
ATOM   517 C CG  . ARG A 1 67  ? 5.340   13.001  4.334   1.00 8.43  ? 67  ARG A CG  1 
ATOM   518 C CD  . ARG A 1 67  ? 4.196   13.948  4.570   1.00 13.32 ? 67  ARG A CD  1 
ATOM   519 N NE  . ARG A 1 67  ? 3.090   13.649  3.670   1.00 19.53 ? 67  ARG A NE  1 
ATOM   520 C CZ  . ARG A 1 67  ? 1.811   13.624  4.035   1.00 22.92 ? 67  ARG A CZ  1 
ATOM   521 N NH1 . ARG A 1 67  ? 1.472   13.884  5.293   1.00 26.53 ? 67  ARG A NH1 1 
ATOM   522 N NH2 . ARG A 1 67  ? 0.870   13.329  3.143   1.00 16.64 ? 67  ARG A NH2 1 
ATOM   523 N N   . ALA A 1 68  ? 5.754   8.179   3.636   1.00 14.10 ? 68  ALA A N   1 
ATOM   524 C CA  . ALA A 1 68  ? 5.211   6.829   3.562   1.00 8.17  ? 68  ALA A CA  1 
ATOM   525 C C   . ALA A 1 68  ? 6.385   5.870   3.648   1.00 9.05  ? 68  ALA A C   1 
ATOM   526 O O   . ALA A 1 68  ? 7.520   6.247   3.380   1.00 11.29 ? 68  ALA A O   1 
ATOM   527 C CB  . ALA A 1 68  ? 4.462   6.632   2.265   1.00 8.17  ? 68  ALA A CB  1 
ATOM   528 N N   . GLU A 1 69  ? 6.117   4.630   4.032   1.00 11.78 ? 69  GLU A N   1 
ATOM   529 C CA  . GLU A 1 69  ? 7.183   3.651   4.141   1.00 11.49 ? 69  GLU A CA  1 
ATOM   530 C C   . GLU A 1 69  ? 6.598   2.247   4.248   1.00 8.17  ? 69  GLU A C   1 
ATOM   531 O O   . GLU A 1 69  ? 5.643   2.018   4.978   1.00 14.01 ? 69  GLU A O   1 
ATOM   532 C CB  . GLU A 1 69  ? 8.038   3.975   5.365   1.00 16.29 ? 69  GLU A CB  1 
ATOM   533 C CG  . GLU A 1 69  ? 9.421   3.347   5.372   1.00 22.73 ? 69  GLU A CG  1 
ATOM   534 C CD  . GLU A 1 69  ? 10.267  3.852   6.527   1.00 37.74 ? 69  GLU A CD  1 
ATOM   535 O OE1 . GLU A 1 69  ? 10.480  5.082   6.621   1.00 47.32 ? 69  GLU A OE1 1 
ATOM   536 O OE2 . GLU A 1 69  ? 10.713  3.020   7.344   1.00 51.41 ? 69  GLU A OE2 1 
ATOM   537 N N   . LEU A 1 70  ? 7.174   1.310   3.511   1.00 10.53 ? 70  LEU A N   1 
ATOM   538 C CA  . LEU A 1 70  ? 6.709   -0.065  3.515   1.00 15.76 ? 70  LEU A CA  1 
ATOM   539 C C   . LEU A 1 70  ? 7.421   -0.866  4.603   1.00 17.18 ? 70  LEU A C   1 
ATOM   540 O O   . LEU A 1 70  ? 8.562   -1.289  4.426   1.00 21.72 ? 70  LEU A O   1 
ATOM   541 C CB  . LEU A 1 70  ? 6.975   -0.695  2.143   1.00 14.70 ? 70  LEU A CB  1 
ATOM   542 C CG  . LEU A 1 70  ? 6.282   -2.008  1.791   1.00 9.95  ? 70  LEU A CG  1 
ATOM   543 C CD1 . LEU A 1 70  ? 4.773   -1.806  1.781   1.00 20.84 ? 70  LEU A CD1 1 
ATOM   544 C CD2 . LEU A 1 70  ? 6.752   -2.471  0.429   1.00 19.04 ? 70  LEU A CD2 1 
ATOM   545 N N   . MET A 1 71  ? 6.746   -1.079  5.726   1.00 21.86 ? 71  MET A N   1 
ATOM   546 C CA  . MET A 1 71  ? 7.326   -1.833  6.835   1.00 24.86 ? 71  MET A CA  1 
ATOM   547 C C   . MET A 1 71  ? 7.319   -3.330  6.577   1.00 28.33 ? 71  MET A C   1 
ATOM   548 O O   . MET A 1 71  ? 7.999   -4.087  7.267   1.00 35.23 ? 71  MET A O   1 
ATOM   549 C CB  . MET A 1 71  ? 6.551   -1.556  8.118   1.00 27.22 ? 71  MET A CB  1 
ATOM   550 C CG  . MET A 1 71  ? 6.560   -0.105  8.524   1.00 40.06 ? 71  MET A CG  1 
ATOM   551 S SD  . MET A 1 71  ? 8.221   0.398   8.908   1.00 58.02 ? 71  MET A SD  1 
ATOM   552 C CE  . MET A 1 71  ? 8.293   -0.106  10.636  1.00 58.74 ? 71  MET A CE  1 
ATOM   553 N N   . GLY A 1 72  ? 6.559   -3.756  5.577   1.00 27.43 ? 72  GLY A N   1 
ATOM   554 C CA  . GLY A 1 72  ? 6.475   -5.173  5.281   1.00 27.31 ? 72  GLY A CA  1 
ATOM   555 C C   . GLY A 1 72  ? 7.609   -5.811  4.499   1.00 24.67 ? 72  GLY A C   1 
ATOM   556 O O   . GLY A 1 72  ? 8.328   -5.157  3.745   1.00 32.46 ? 72  GLY A O   1 
ATOM   557 N N   . ASN A 1 73  ? 7.751   -7.116  4.698   1.00 23.62 ? 73  ASN A N   1 
ATOM   558 C CA  . ASN A 1 73  ? 8.752   -7.931  4.028   1.00 20.46 ? 73  ASN A CA  1 
ATOM   559 C C   . ASN A 1 73  ? 8.037   -8.790  2.982   1.00 20.44 ? 73  ASN A C   1 
ATOM   560 O O   . ASN A 1 73  ? 7.167   -9.601  3.309   1.00 16.46 ? 73  ASN A O   1 
ATOM   561 C CB  . ASN A 1 73  ? 9.479   -8.803  5.062   1.00 24.89 ? 73  ASN A CB  1 
ATOM   562 C CG  . ASN A 1 73  ? 10.075  -10.062 4.461   1.00 28.30 ? 73  ASN A CG  1 
ATOM   563 O OD1 . ASN A 1 73  ? 10.418  -10.103 3.275   1.00 42.57 ? 73  ASN A OD1 1 
ATOM   564 N ND2 . ASN A 1 73  ? 10.219  -11.096 5.285   1.00 18.86 ? 73  ASN A ND2 1 
ATOM   565 N N   . MET A 1 74  ? 8.410   -8.600  1.720   1.00 26.61 ? 74  MET A N   1 
ATOM   566 C CA  . MET A 1 74  ? 7.796   -9.321  0.606   1.00 25.15 ? 74  MET A CA  1 
ATOM   567 C C   . MET A 1 74  ? 7.927   -10.839 0.629   1.00 26.94 ? 74  MET A C   1 
ATOM   568 O O   . MET A 1 74  ? 7.052   -11.541 0.124   1.00 28.55 ? 74  MET A O   1 
ATOM   569 C CB  . MET A 1 74  ? 8.344   -8.798  -0.729  1.00 28.16 ? 74  MET A CB  1 
ATOM   570 C CG  . MET A 1 74  ? 7.972   -7.355  -1.055  1.00 21.37 ? 74  MET A CG  1 
ATOM   571 S SD  . MET A 1 74  ? 6.195   -7.114  -1.187  1.00 15.70 ? 74  MET A SD  1 
ATOM   572 C CE  . MET A 1 74  ? 5.853   -6.167  0.303   1.00 17.35 ? 74  MET A CE  1 
ATOM   573 N N   . ASP A 1 75  ? 9.011   -11.358 1.192   1.00 28.59 ? 75  ASP A N   1 
ATOM   574 C CA  . ASP A 1 75  ? 9.172   -12.804 1.223   1.00 34.65 ? 75  ASP A CA  1 
ATOM   575 C C   . ASP A 1 75  ? 8.253   -13.432 2.273   1.00 36.45 ? 75  ASP A C   1 
ATOM   576 O O   . ASP A 1 75  ? 8.083   -14.653 2.325   1.00 42.69 ? 75  ASP A O   1 
ATOM   577 C CB  . ASP A 1 75  ? 10.630  -13.170 1.492   1.00 43.57 ? 75  ASP A CB  1 
ATOM   578 C CG  . ASP A 1 75  ? 11.087  -14.362 0.663   1.00 59.46 ? 75  ASP A CG  1 
ATOM   579 O OD1 . ASP A 1 75  ? 11.073  -14.256 -0.587  1.00 63.35 ? 75  ASP A OD1 1 
ATOM   580 O OD2 . ASP A 1 75  ? 11.453  -15.403 1.254   1.00 71.75 ? 75  ASP A OD2 1 
ATOM   581 N N   . HIS A 1 76  ? 7.656   -12.580 3.100   1.00 34.50 ? 76  HIS A N   1 
ATOM   582 C CA  . HIS A 1 76  ? 6.731   -13.009 4.146   1.00 31.90 ? 76  HIS A CA  1 
ATOM   583 C C   . HIS A 1 76  ? 5.336   -12.526 3.786   1.00 26.39 ? 76  HIS A C   1 
ATOM   584 O O   . HIS A 1 76  ? 4.417   -12.568 4.601   1.00 29.71 ? 76  HIS A O   1 
ATOM   585 C CB  . HIS A 1 76  ? 7.130   -12.408 5.496   1.00 38.02 ? 76  HIS A CB  1 
ATOM   586 C CG  . HIS A 1 76  ? 8.326   -13.053 6.119   1.00 36.10 ? 76  HIS A CG  1 
ATOM   587 N ND1 . HIS A 1 76  ? 8.869   -12.614 7.308   1.00 33.66 ? 76  HIS A ND1 1 
ATOM   588 C CD2 . HIS A 1 76  ? 9.059   -14.128 5.743   1.00 38.63 ? 76  HIS A CD2 1 
ATOM   589 C CE1 . HIS A 1 76  ? 9.882   -13.395 7.639   1.00 34.88 ? 76  HIS A CE1 1 
ATOM   590 N NE2 . HIS A 1 76  ? 10.017  -14.322 6.708   1.00 41.90 ? 76  HIS A NE2 1 
ATOM   591 N N   . LYS A 1 77  ? 5.195   -12.043 2.562   1.00 19.26 ? 77  LYS A N   1 
ATOM   592 C CA  . LYS A 1 77  ? 3.924   -11.540 2.079   1.00 12.83 ? 77  LYS A CA  1 
ATOM   593 C C   . LYS A 1 77  ? 3.299   -10.502 3.014   1.00 11.34 ? 77  LYS A C   1 
ATOM   594 O O   . LYS A 1 77  ? 2.080   -10.467 3.198   1.00 14.07 ? 77  LYS A O   1 
ATOM   595 C CB  . LYS A 1 77  ? 2.967   -12.707 1.841   1.00 8.33  ? 77  LYS A CB  1 
ATOM   596 C CG  . LYS A 1 77  ? 3.416   -13.645 0.731   1.00 10.28 ? 77  LYS A CG  1 
ATOM   597 C CD  . LYS A 1 77  ? 2.416   -14.768 0.553   1.00 27.89 ? 77  LYS A CD  1 
ATOM   598 C CE  . LYS A 1 77  ? 2.891   -15.818 -0.434  1.00 28.43 ? 77  LYS A CE  1 
ATOM   599 N NZ  . LYS A 1 77  ? 1.850   -16.868 -0.607  1.00 39.63 ? 77  LYS A NZ  1 
ATOM   600 N N   . VAL A 1 78  ? 4.142   -9.649  3.594   1.00 8.19  ? 78  VAL A N   1 
ATOM   601 C CA  . VAL A 1 78  ? 3.680   -8.597  4.497   1.00 11.00 ? 78  VAL A CA  1 
ATOM   602 C C   . VAL A 1 78  ? 3.802   -7.259  3.770   1.00 9.39  ? 78  VAL A C   1 
ATOM   603 O O   . VAL A 1 78  ? 4.841   -6.963  3.195   1.00 9.56  ? 78  VAL A O   1 
ATOM   604 C CB  . VAL A 1 78  ? 4.531   -8.563  5.774   1.00 8.17  ? 78  VAL A CB  1 
ATOM   605 C CG1 . VAL A 1 78  ? 3.996   -7.536  6.739   1.00 8.34  ? 78  VAL A CG1 1 
ATOM   606 C CG2 . VAL A 1 78  ? 4.530   -9.923  6.413   1.00 9.66  ? 78  VAL A CG2 1 
ATOM   607 N N   . CYS A 1 79  ? 2.739   -6.459  3.787   1.00 8.17  ? 79  CYS A N   1 
ATOM   608 C CA  . CYS A 1 79  ? 2.731   -5.170  3.103   1.00 8.17  ? 79  CYS A CA  1 
ATOM   609 C C   . CYS A 1 79  ? 2.399   -4.024  4.026   1.00 8.17  ? 79  CYS A C   1 
ATOM   610 O O   . CYS A 1 79  ? 1.847   -3.019  3.586   1.00 8.17  ? 79  CYS A O   1 
ATOM   611 C CB  . CYS A 1 79  ? 1.718   -5.188  1.948   1.00 9.31  ? 79  CYS A CB  1 
ATOM   612 S SG  . CYS A 1 79  ? 0.253   -6.231  2.256   1.00 23.38 ? 79  CYS A SG  1 
ATOM   613 N N   . ASN A 1 80  ? 2.736   -4.169  5.302   1.00 11.05 ? 80  ASN A N   1 
ATOM   614 C CA  . ASN A 1 80  ? 2.442   -3.125  6.277   1.00 16.12 ? 80  ASN A CA  1 
ATOM   615 C C   . ASN A 1 80  ? 2.874   -1.747  5.789   1.00 14.27 ? 80  ASN A C   1 
ATOM   616 O O   . ASN A 1 80  ? 4.044   -1.522  5.471   1.00 8.17  ? 80  ASN A O   1 
ATOM   617 C CB  . ASN A 1 80  ? 3.115   -3.436  7.613   1.00 14.97 ? 80  ASN A CB  1 
ATOM   618 C CG  . ASN A 1 80  ? 2.516   -4.650  8.298   1.00 20.18 ? 80  ASN A CG  1 
ATOM   619 O OD1 . ASN A 1 80  ? 1.306   -4.882  8.239   1.00 20.97 ? 80  ASN A OD1 1 
ATOM   620 N ND2 . ASN A 1 80  ? 3.359   -5.425  8.969   1.00 21.66 ? 80  ASN A ND2 1 
ATOM   621 N N   . LEU A 1 81  ? 1.920   -0.825  5.716   1.00 11.96 ? 81  LEU A N   1 
ATOM   622 C CA  . LEU A 1 81  ? 2.218   0.526   5.258   1.00 8.51  ? 81  LEU A CA  1 
ATOM   623 C C   . LEU A 1 81  ? 2.327   1.492   6.422   1.00 8.17  ? 81  LEU A C   1 
ATOM   624 O O   . LEU A 1 81  ? 1.467   1.542   7.296   1.00 12.58 ? 81  LEU A O   1 
ATOM   625 C CB  . LEU A 1 81  ? 1.143   1.021   4.277   1.00 10.53 ? 81  LEU A CB  1 
ATOM   626 C CG  . LEU A 1 81  ? 1.241   2.491   3.847   1.00 8.17  ? 81  LEU A CG  1 
ATOM   627 C CD1 . LEU A 1 81  ? 2.554   2.737   3.154   1.00 8.18  ? 81  LEU A CD1 1 
ATOM   628 C CD2 . LEU A 1 81  ? 0.103   2.843   2.931   1.00 8.17  ? 81  LEU A CD2 1 
ATOM   629 N N   . LEU A 1 82  ? 3.404   2.258   6.425   1.00 12.48 ? 82  LEU A N   1 
ATOM   630 C CA  . LEU A 1 82  ? 3.642   3.238   7.462   1.00 13.99 ? 82  LEU A CA  1 
ATOM   631 C C   . LEU A 1 82  ? 3.445   4.633   6.888   1.00 15.37 ? 82  LEU A C   1 
ATOM   632 O O   . LEU A 1 82  ? 4.034   4.981   5.868   1.00 23.96 ? 82  LEU A O   1 
ATOM   633 C CB  . LEU A 1 82  ? 5.071   3.105   7.999   1.00 15.75 ? 82  LEU A CB  1 
ATOM   634 C CG  . LEU A 1 82  ? 5.481   4.191   9.002   1.00 23.60 ? 82  LEU A CG  1 
ATOM   635 C CD1 . LEU A 1 82  ? 4.699   4.028   10.300  1.00 8.17  ? 82  LEU A CD1 1 
ATOM   636 C CD2 . LEU A 1 82  ? 6.973   4.111   9.256   1.00 12.05 ? 82  LEU A CD2 1 
ATOM   637 N N   . LEU A 1 83  ? 2.600   5.421   7.537   1.00 14.84 ? 83  LEU A N   1 
ATOM   638 C CA  . LEU A 1 83  ? 2.358   6.792   7.120   1.00 20.97 ? 83  LEU A CA  1 
ATOM   639 C C   . LEU A 1 83  ? 2.876   7.693   8.224   1.00 22.45 ? 83  LEU A C   1 
ATOM   640 O O   . LEU A 1 83  ? 2.387   7.651   9.350   1.00 26.41 ? 83  LEU A O   1 
ATOM   641 C CB  . LEU A 1 83  ? 0.870   7.053   6.905   1.00 20.33 ? 83  LEU A CB  1 
ATOM   642 C CG  . LEU A 1 83  ? 0.328   6.650   5.542   1.00 18.61 ? 83  LEU A CG  1 
ATOM   643 C CD1 . LEU A 1 83  ? -1.138  7.049   5.431   1.00 27.95 ? 83  LEU A CD1 1 
ATOM   644 C CD2 . LEU A 1 83  ? 1.145   7.337   4.470   1.00 26.24 ? 83  LEU A CD2 1 
ATOM   645 N N   . LYS A 1 84  ? 3.877   8.497   7.897   1.00 19.56 ? 84  LYS A N   1 
ATOM   646 C CA  . LYS A 1 84  ? 4.468   9.403   8.862   1.00 16.36 ? 84  LYS A CA  1 
ATOM   647 C C   . LYS A 1 84  ? 3.926   10.810  8.617   1.00 18.26 ? 84  LYS A C   1 
ATOM   648 O O   . LYS A 1 84  ? 3.449   11.114  7.519   1.00 18.72 ? 84  LYS A O   1 
ATOM   649 C CB  . LYS A 1 84  ? 5.981   9.388   8.701   1.00 16.71 ? 84  LYS A CB  1 
ATOM   650 C CG  . LYS A 1 84  ? 6.567   7.995   8.659   1.00 29.76 ? 84  LYS A CG  1 
ATOM   651 C CD  . LYS A 1 84  ? 7.949   8.001   8.013   1.00 45.95 ? 84  LYS A CD  1 
ATOM   652 C CE  . LYS A 1 84  ? 8.926   8.894   8.769   1.00 54.10 ? 84  LYS A CE  1 
ATOM   653 N NZ  . LYS A 1 84  ? 10.237  8.990   8.072   1.00 55.28 ? 84  LYS A NZ  1 
ATOM   654 N N   . ASP A 1 85  ? 3.995   11.654  9.644   1.00 19.16 ? 85  ASP A N   1 
ATOM   655 C CA  . ASP A 1 85  ? 3.530   13.034  9.562   1.00 17.00 ? 85  ASP A CA  1 
ATOM   656 C C   . ASP A 1 85  ? 2.152   13.123  8.924   1.00 12.26 ? 85  ASP A C   1 
ATOM   657 O O   . ASP A 1 85  ? 1.955   13.837  7.942   1.00 14.33 ? 85  ASP A O   1 
ATOM   658 C CB  . ASP A 1 85  ? 4.527   13.871  8.757   1.00 29.31 ? 85  ASP A CB  1 
ATOM   659 C CG  . ASP A 1 85  ? 4.134   15.335  8.686   1.00 46.56 ? 85  ASP A CG  1 
ATOM   660 O OD1 . ASP A 1 85  ? 4.019   15.970  9.760   1.00 50.10 ? 85  ASP A OD1 1 
ATOM   661 O OD2 . ASP A 1 85  ? 3.937   15.847  7.557   1.00 54.49 ? 85  ASP A OD2 1 
ATOM   662 N N   . LEU A 1 86  ? 1.194   12.401  9.490   1.00 11.60 ? 86  LEU A N   1 
ATOM   663 C CA  . LEU A 1 86  ? -0.156  12.391  8.953   1.00 13.41 ? 86  LEU A CA  1 
ATOM   664 C C   . LEU A 1 86  ? -0.722  13.789  8.761   1.00 16.89 ? 86  LEU A C   1 
ATOM   665 O O   . LEU A 1 86  ? -0.329  14.737  9.435   1.00 20.59 ? 86  LEU A O   1 
ATOM   666 C CB  . LEU A 1 86  ? -1.072  11.562  9.855   1.00 14.64 ? 86  LEU A CB  1 
ATOM   667 C CG  . LEU A 1 86  ? -0.735  10.064  9.918   1.00 18.48 ? 86  LEU A CG  1 
ATOM   668 C CD1 . LEU A 1 86  ? -1.648  9.365   10.902  1.00 21.17 ? 86  LEU A CD1 1 
ATOM   669 C CD2 . LEU A 1 86  ? -0.880  9.447   8.542   1.00 14.96 ? 86  LEU A CD2 1 
ATOM   670 N N   . LYS A 1 87  ? -1.640  13.902  7.811   1.00 19.66 ? 87  LYS A N   1 
ATOM   671 C CA  . LYS A 1 87  ? -2.293  15.164  7.488   1.00 17.85 ? 87  LYS A CA  1 
ATOM   672 C C   . LYS A 1 87  ? -3.770  14.869  7.273   1.00 18.47 ? 87  LYS A C   1 
ATOM   673 O O   . LYS A 1 87  ? -4.127  13.815  6.750   1.00 20.97 ? 87  LYS A O   1 
ATOM   674 C CB  . LYS A 1 87  ? -1.676  15.757  6.223   1.00 23.81 ? 87  LYS A CB  1 
ATOM   675 C CG  . LYS A 1 87  ? -0.238  16.198  6.403   1.00 22.64 ? 87  LYS A CG  1 
ATOM   676 C CD  . LYS A 1 87  ? 0.361   16.680  5.102   1.00 24.63 ? 87  LYS A CD  1 
ATOM   677 C CE  . LYS A 1 87  ? 1.619   17.514  5.339   1.00 38.08 ? 87  LYS A CE  1 
ATOM   678 N NZ  . LYS A 1 87  ? 1.314   18.869  5.905   1.00 38.78 ? 87  LYS A NZ  1 
ATOM   679 N N   . PRO A 1 88  ? -4.655  15.792  7.676   1.00 24.38 ? 88  PRO A N   1 
ATOM   680 C CA  . PRO A 1 88  ? -6.092  15.546  7.492   1.00 27.78 ? 88  PRO A CA  1 
ATOM   681 C C   . PRO A 1 88  ? -6.395  15.198  6.043   1.00 25.43 ? 88  PRO A C   1 
ATOM   682 O O   . PRO A 1 88  ? -7.184  14.301  5.742   1.00 25.89 ? 88  PRO A O   1 
ATOM   683 C CB  . PRO A 1 88  ? -6.728  16.871  7.917   1.00 25.68 ? 88  PRO A CB  1 
ATOM   684 C CG  . PRO A 1 88  ? -5.754  17.400  8.935   1.00 33.81 ? 88  PRO A CG  1 
ATOM   685 C CD  . PRO A 1 88  ? -4.420  17.117  8.271   1.00 25.41 ? 88  PRO A CD  1 
ATOM   686 N N   . GLU A 1 89  ? -5.733  15.920  5.153   1.00 26.39 ? 89  GLU A N   1 
ATOM   687 C CA  . GLU A 1 89  ? -5.897  15.741  3.726   1.00 28.79 ? 89  GLU A CA  1 
ATOM   688 C C   . GLU A 1 89  ? -5.539  14.333  3.268   1.00 20.56 ? 89  GLU A C   1 
ATOM   689 O O   . GLU A 1 89  ? -5.933  13.920  2.186   1.00 24.60 ? 89  GLU A O   1 
ATOM   690 C CB  . GLU A 1 89  ? -5.029  16.764  3.022   1.00 31.99 ? 89  GLU A CB  1 
ATOM   691 C CG  . GLU A 1 89  ? -4.964  18.051  3.806   1.00 41.36 ? 89  GLU A CG  1 
ATOM   692 C CD  . GLU A 1 89  ? -3.845  18.933  3.343   1.00 64.47 ? 89  GLU A CD  1 
ATOM   693 O OE1 . GLU A 1 89  ? -2.702  18.432  3.271   1.00 71.36 ? 89  GLU A OE1 1 
ATOM   694 O OE2 . GLU A 1 89  ? -4.104  20.123  3.054   1.00 74.17 ? 89  GLU A OE2 1 
ATOM   695 N N   . ASP A 1 90  ? -4.792  13.601  4.088   1.00 22.95 ? 90  ASP A N   1 
ATOM   696 C CA  . ASP A 1 90  ? -4.401  12.234  3.741   1.00 19.20 ? 90  ASP A CA  1 
ATOM   697 C C   . ASP A 1 90  ? -5.556  11.281  3.985   1.00 15.92 ? 90  ASP A C   1 
ATOM   698 O O   . ASP A 1 90  ? -5.416  10.073  3.818   1.00 17.87 ? 90  ASP A O   1 
ATOM   699 C CB  . ASP A 1 90  ? -3.201  11.755  4.572   1.00 22.03 ? 90  ASP A CB  1 
ATOM   700 C CG  . ASP A 1 90  ? -1.911  12.461  4.215   1.00 17.10 ? 90  ASP A CG  1 
ATOM   701 O OD1 . ASP A 1 90  ? -1.786  12.936  3.064   1.00 19.01 ? 90  ASP A OD1 1 
ATOM   702 O OD2 . ASP A 1 90  ? -1.016  12.522  5.086   1.00 10.34 ? 90  ASP A OD2 1 
ATOM   703 N N   . SER A 1 91  ? -6.697  11.814  4.396   1.00 15.10 ? 91  SER A N   1 
ATOM   704 C CA  . SER A 1 91  ? -7.848  10.965  4.648   1.00 13.29 ? 91  SER A CA  1 
ATOM   705 C C   . SER A 1 91  ? -8.419  10.455  3.330   1.00 13.48 ? 91  SER A C   1 
ATOM   706 O O   . SER A 1 91  ? -8.677  11.224  2.403   1.00 8.17  ? 91  SER A O   1 
ATOM   707 C CB  . SER A 1 91  ? -8.911  11.736  5.426   1.00 17.37 ? 91  SER A CB  1 
ATOM   708 O OG  . SER A 1 91  ? -8.403  12.156  6.678   1.00 30.57 ? 91  SER A OG  1 
ATOM   709 N N   . GLY A 1 92  ? -8.605  9.144   3.254   1.00 14.40 ? 92  GLY A N   1 
ATOM   710 C CA  . GLY A 1 92  ? -9.139  8.539   2.053   1.00 12.83 ? 92  GLY A CA  1 
ATOM   711 C C   . GLY A 1 92  ? -8.942  7.037   2.024   1.00 17.00 ? 92  GLY A C   1 
ATOM   712 O O   . GLY A 1 92  ? -8.831  6.380   3.061   1.00 14.88 ? 92  GLY A O   1 
ATOM   713 N N   . THR A 1 93  ? -8.892  6.481   0.821   1.00 15.78 ? 93  THR A N   1 
ATOM   714 C CA  . THR A 1 93  ? -8.721  5.049   0.684   1.00 11.82 ? 93  THR A CA  1 
ATOM   715 C C   . THR A 1 93  ? -7.343  4.690   0.156   1.00 9.28  ? 93  THR A C   1 
ATOM   716 O O   . THR A 1 93  ? -6.833  5.313   -0.777  1.00 19.55 ? 93  THR A O   1 
ATOM   717 C CB  . THR A 1 93  ? -9.780  4.472   -0.261  1.00 12.75 ? 93  THR A CB  1 
ATOM   718 O OG1 . THR A 1 93  ? -11.061 4.990   0.106   1.00 17.16 ? 93  THR A OG1 1 
ATOM   719 C CG2 . THR A 1 93  ? -9.808  2.940   -0.174  1.00 11.83 ? 93  THR A CG2 1 
ATOM   720 N N   . TYR A 1 94  ? -6.733  3.689   0.769   1.00 8.17  ? 94  TYR A N   1 
ATOM   721 C CA  . TYR A 1 94  ? -5.436  3.239   0.321   1.00 8.50  ? 94  TYR A CA  1 
ATOM   722 C C   . TYR A 1 94  ? -5.589  1.795   -0.134  1.00 8.35  ? 94  TYR A C   1 
ATOM   723 O O   . TYR A 1 94  ? -6.070  0.948   0.618   1.00 14.36 ? 94  TYR A O   1 
ATOM   724 C CB  . TYR A 1 94  ? -4.416  3.365   1.447   1.00 10.83 ? 94  TYR A CB  1 
ATOM   725 C CG  . TYR A 1 94  ? -4.129  4.798   1.817   1.00 19.50 ? 94  TYR A CG  1 
ATOM   726 C CD1 . TYR A 1 94  ? -5.113  5.601   2.396   1.00 26.13 ? 94  TYR A CD1 1 
ATOM   727 C CD2 . TYR A 1 94  ? -2.877  5.362   1.582   1.00 23.85 ? 94  TYR A CD2 1 
ATOM   728 C CE1 . TYR A 1 94  ? -4.859  6.927   2.730   1.00 11.57 ? 94  TYR A CE1 1 
ATOM   729 C CE2 . TYR A 1 94  ? -2.612  6.689   1.913   1.00 18.59 ? 94  TYR A CE2 1 
ATOM   730 C CZ  . TYR A 1 94  ? -3.610  7.460   2.487   1.00 19.03 ? 94  TYR A CZ  1 
ATOM   731 O OH  . TYR A 1 94  ? -3.355  8.767   2.817   1.00 41.93 ? 94  TYR A OH  1 
ATOM   732 N N   . ASN A 1 95  ? -5.214  1.525   -1.382  1.00 10.26 ? 95  ASN A N   1 
ATOM   733 C CA  . ASN A 1 95  ? -5.321  0.181   -1.930  1.00 11.58 ? 95  ASN A CA  1 
ATOM   734 C C   . ASN A 1 95  ? -3.935  -0.332  -2.263  1.00 11.47 ? 95  ASN A C   1 
ATOM   735 O O   . ASN A 1 95  ? -3.146  0.362   -2.909  1.00 8.17  ? 95  ASN A O   1 
ATOM   736 C CB  . ASN A 1 95  ? -6.191  0.174   -3.195  1.00 14.54 ? 95  ASN A CB  1 
ATOM   737 C CG  . ASN A 1 95  ? -7.563  0.770   -2.961  1.00 21.40 ? 95  ASN A CG  1 
ATOM   738 O OD1 . ASN A 1 95  ? -7.707  1.985   -2.818  1.00 28.10 ? 95  ASN A OD1 1 
ATOM   739 N ND2 . ASN A 1 95  ? -8.580  -0.083  -2.912  1.00 15.64 ? 95  ASN A ND2 1 
ATOM   740 N N   . PHE A 1 96  ? -3.644  -1.549  -1.814  1.00 11.59 ? 96  PHE A N   1 
ATOM   741 C CA  . PHE A 1 96  ? -2.347  -2.158  -2.069  1.00 8.17  ? 96  PHE A CA  1 
ATOM   742 C C   . PHE A 1 96  ? -2.375  -2.971  -3.356  1.00 8.17  ? 96  PHE A C   1 
ATOM   743 O O   . PHE A 1 96  ? -3.419  -3.507  -3.742  1.00 8.17  ? 96  PHE A O   1 
ATOM   744 C CB  . PHE A 1 96  ? -1.954  -3.062  -0.896  1.00 9.29  ? 96  PHE A CB  1 
ATOM   745 C CG  . PHE A 1 96  ? -0.594  -3.688  -1.041  1.00 9.38  ? 96  PHE A CG  1 
ATOM   746 C CD1 . PHE A 1 96  ? 0.553   -2.899  -1.060  1.00 17.03 ? 96  PHE A CD1 1 
ATOM   747 C CD2 . PHE A 1 96  ? -0.460  -5.065  -1.171  1.00 12.01 ? 96  PHE A CD2 1 
ATOM   748 C CE1 . PHE A 1 96  ? 1.816   -3.471  -1.205  1.00 14.21 ? 96  PHE A CE1 1 
ATOM   749 C CE2 . PHE A 1 96  ? 0.800   -5.652  -1.318  1.00 21.70 ? 96  PHE A CE2 1 
ATOM   750 C CZ  . PHE A 1 96  ? 1.942   -4.850  -1.336  1.00 27.05 ? 96  PHE A CZ  1 
ATOM   751 N N   . ARG A 1 97  ? -1.227  -3.050  -4.021  1.00 8.17  ? 97  ARG A N   1 
ATOM   752 C CA  . ARG A 1 97  ? -1.096  -3.822  -5.250  1.00 10.00 ? 97  ARG A CA  1 
ATOM   753 C C   . ARG A 1 97  ? 0.306   -4.387  -5.348  1.00 8.74  ? 97  ARG A C   1 
ATOM   754 O O   . ARG A 1 97  ? 1.271   -3.698  -5.040  1.00 18.14 ? 97  ARG A O   1 
ATOM   755 C CB  . ARG A 1 97  ? -1.337  -2.953  -6.478  1.00 9.97  ? 97  ARG A CB  1 
ATOM   756 C CG  . ARG A 1 97  ? -1.079  -3.702  -7.779  1.00 10.86 ? 97  ARG A CG  1 
ATOM   757 C CD  . ARG A 1 97  ? -0.819  -2.750  -8.914  1.00 17.74 ? 97  ARG A CD  1 
ATOM   758 N NE  . ARG A 1 97  ? -0.537  -3.424  -10.179 1.00 26.01 ? 97  ARG A NE  1 
ATOM   759 C CZ  . ARG A 1 97  ? -1.421  -4.140  -10.875 1.00 29.68 ? 97  ARG A CZ  1 
ATOM   760 N NH1 . ARG A 1 97  ? -2.664  -4.294  -10.428 1.00 13.09 ? 97  ARG A NH1 1 
ATOM   761 N NH2 . ARG A 1 97  ? -1.068  -4.673  -12.045 1.00 11.65 ? 97  ARG A NH2 1 
ATOM   762 N N   . PHE A 1 98  ? 0.431   -5.638  -5.769  1.00 8.17  ? 98  PHE A N   1 
ATOM   763 C CA  . PHE A 1 98  ? 1.754   -6.222  -5.917  1.00 8.17  ? 98  PHE A CA  1 
ATOM   764 C C   . PHE A 1 98  ? 1.847   -6.876  -7.283  1.00 8.39  ? 98  PHE A C   1 
ATOM   765 O O   . PHE A 1 98  ? 0.824   -7.173  -7.897  1.00 9.32  ? 98  PHE A O   1 
ATOM   766 C CB  . PHE A 1 98  ? 2.063   -7.231  -4.795  1.00 14.80 ? 98  PHE A CB  1 
ATOM   767 C CG  . PHE A 1 98  ? 1.134   -8.420  -4.743  1.00 13.13 ? 98  PHE A CG  1 
ATOM   768 C CD1 . PHE A 1 98  ? -0.102  -8.331  -4.119  1.00 10.31 ? 98  PHE A CD1 1 
ATOM   769 C CD2 . PHE A 1 98  ? 1.510   -9.635  -5.310  1.00 12.35 ? 98  PHE A CD2 1 
ATOM   770 C CE1 . PHE A 1 98  ? -0.945  -9.427  -4.060  1.00 8.17  ? 98  PHE A CE1 1 
ATOM   771 C CE2 . PHE A 1 98  ? 0.675   -10.734 -5.255  1.00 8.17  ? 98  PHE A CE2 1 
ATOM   772 C CZ  . PHE A 1 98  ? -0.555  -10.630 -4.628  1.00 8.17  ? 98  PHE A CZ  1 
ATOM   773 N N   . GLU A 1 99  ? 3.067   -7.089  -7.769  1.00 11.75 ? 99  GLU A N   1 
ATOM   774 C CA  . GLU A 1 99  ? 3.250   -7.687  -9.089  1.00 11.33 ? 99  GLU A CA  1 
ATOM   775 C C   . GLU A 1 99  ? 4.317   -8.759  -9.099  1.00 9.65  ? 99  GLU A C   1 
ATOM   776 O O   . GLU A 1 99  ? 5.188   -8.774  -8.242  1.00 19.96 ? 99  GLU A O   1 
ATOM   777 C CB  . GLU A 1 99  ? 3.604   -6.594  -10.097 1.00 8.17  ? 99  GLU A CB  1 
ATOM   778 C CG  . GLU A 1 99  ? 2.597   -5.458  -10.098 1.00 20.59 ? 99  GLU A CG  1 
ATOM   779 C CD  . GLU A 1 99  ? 2.922   -4.352  -11.079 1.00 22.67 ? 99  GLU A CD  1 
ATOM   780 O OE1 . GLU A 1 99  ? 4.045   -3.809  -11.016 1.00 32.69 ? 99  GLU A OE1 1 
ATOM   781 O OE2 . GLU A 1 99  ? 2.045   -4.016  -11.902 1.00 35.42 ? 99  GLU A OE2 1 
ATOM   782 N N   . ILE A 1 100 ? 4.235   -9.663  -10.071 1.00 15.26 ? 100 ILE A N   1 
ATOM   783 C CA  . ILE A 1 100 ? 5.201   -10.745 -10.215 1.00 13.24 ? 100 ILE A CA  1 
ATOM   784 C C   . ILE A 1 100 ? 5.507   -10.967 -11.696 1.00 24.06 ? 100 ILE A C   1 
ATOM   785 O O   . ILE A 1 100 ? 6.651   -10.839 -12.129 1.00 33.76 ? 100 ILE A O   1 
ATOM   786 C CB  . ILE A 1 100 ? 4.663   -12.045 -9.608  1.00 8.17  ? 100 ILE A CB  1 
ATOM   787 C CG1 . ILE A 1 100 ? 4.482   -11.872 -8.097  1.00 8.17  ? 100 ILE A CG1 1 
ATOM   788 C CG2 . ILE A 1 100 ? 5.600   -13.192 -9.935  1.00 11.16 ? 100 ILE A CG2 1 
ATOM   789 C CD1 . ILE A 1 100 ? 3.947   -13.093 -7.380  1.00 8.17  ? 100 ILE A CD1 1 
ATOM   790 N N   . SER A 1 101 ? 4.472   -11.296 -12.464 1.00 29.61 ? 101 SER A N   1 
ATOM   791 C CA  . SER A 1 101 ? 4.594   -11.526 -13.905 1.00 32.89 ? 101 SER A CA  1 
ATOM   792 C C   . SER A 1 101 ? 3.511   -10.743 -14.648 1.00 34.18 ? 101 SER A C   1 
ATOM   793 O O   . SER A 1 101 ? 2.518   -10.335 -14.054 1.00 40.63 ? 101 SER A O   1 
ATOM   794 C CB  . SER A 1 101 ? 4.453   -13.015 -14.226 1.00 43.64 ? 101 SER A CB  1 
ATOM   795 O OG  . SER A 1 101 ? 4.313   -13.222 -15.623 1.00 59.23 ? 101 SER A OG  1 
ATOM   796 N N   . ASP A 1 102 ? 3.699   -10.543 -15.947 1.00 37.17 ? 102 ASP A N   1 
ATOM   797 C CA  . ASP A 1 102 ? 2.741   -9.786  -16.747 1.00 40.24 ? 102 ASP A CA  1 
ATOM   798 C C   . ASP A 1 102 ? 1.281   -9.951  -16.327 1.00 33.19 ? 102 ASP A C   1 
ATOM   799 O O   . ASP A 1 102 ? 0.544   -8.966  -16.250 1.00 34.71 ? 102 ASP A O   1 
ATOM   800 C CB  . ASP A 1 102 ? 2.878   -10.138 -18.238 1.00 51.69 ? 102 ASP A CB  1 
ATOM   801 C CG  . ASP A 1 102 ? 4.150   -9.577  -18.865 1.00 62.88 ? 102 ASP A CG  1 
ATOM   802 O OD1 . ASP A 1 102 ? 4.364   -8.344  -18.793 1.00 66.29 ? 102 ASP A OD1 1 
ATOM   803 O OD2 . ASP A 1 102 ? 4.931   -10.371 -19.439 1.00 66.86 ? 102 ASP A OD2 1 
ATOM   804 N N   . SER A 1 103 ? 0.859   -11.184 -16.059 1.00 26.53 ? 103 SER A N   1 
ATOM   805 C CA  . SER A 1 103 ? -0.532  -11.426 -15.678 1.00 25.78 ? 103 SER A CA  1 
ATOM   806 C C   . SER A 1 103 ? -0.718  -11.778 -14.207 1.00 20.00 ? 103 SER A C   1 
ATOM   807 O O   . SER A 1 103 ? -1.837  -11.768 -13.689 1.00 14.80 ? 103 SER A O   1 
ATOM   808 C CB  . SER A 1 103 ? -1.137  -12.520 -16.564 1.00 26.15 ? 103 SER A CB  1 
ATOM   809 O OG  . SER A 1 103 ? -0.265  -13.630 -16.677 1.00 46.35 ? 103 SER A OG  1 
ATOM   810 N N   . ASN A 1 104 ? 0.386   -12.094 -13.539 1.00 19.20 ? 104 ASN A N   1 
ATOM   811 C CA  . ASN A 1 104 ? 0.343   -12.424 -12.128 1.00 12.65 ? 104 ASN A CA  1 
ATOM   812 C C   . ASN A 1 104 ? 0.533   -11.181 -11.285 1.00 8.17  ? 104 ASN A C   1 
ATOM   813 O O   . ASN A 1 104 ? 1.470   -11.095 -10.511 1.00 13.64 ? 104 ASN A O   1 
ATOM   814 C CB  . ASN A 1 104 ? 1.431   -13.431 -11.775 1.00 8.17  ? 104 ASN A CB  1 
ATOM   815 C CG  . ASN A 1 104 ? 1.130   -14.801 -12.287 1.00 8.84  ? 104 ASN A CG  1 
ATOM   816 O OD1 . ASN A 1 104 ? 0.003   -15.276 -12.181 1.00 28.21 ? 104 ASN A OD1 1 
ATOM   817 N ND2 . ASN A 1 104 ? 2.136   -15.461 -12.834 1.00 24.82 ? 104 ASN A ND2 1 
ATOM   818 N N   . ARG A 1 105 ? -0.339  -10.202 -11.455 1.00 13.35 ? 105 ARG A N   1 
ATOM   819 C CA  . ARG A 1 105 ? -0.255  -8.986  -10.665 1.00 11.89 ? 105 ARG A CA  1 
ATOM   820 C C   . ARG A 1 105 ? -1.608  -8.897  -9.988  1.00 9.39  ? 105 ARG A C   1 
ATOM   821 O O   . ARG A 1 105 ? -2.548  -9.577  -10.393 1.00 8.17  ? 105 ARG A O   1 
ATOM   822 C CB  . ARG A 1 105 ? 0.004   -7.764  -11.552 1.00 11.90 ? 105 ARG A CB  1 
ATOM   823 C CG  . ARG A 1 105 ? -1.090  -7.469  -12.554 1.00 21.89 ? 105 ARG A CG  1 
ATOM   824 C CD  . ARG A 1 105 ? -0.609  -7.532  -14.002 1.00 33.31 ? 105 ARG A CD  1 
ATOM   825 N NE  . ARG A 1 105 ? 0.417   -6.539  -14.334 1.00 52.18 ? 105 ARG A NE  1 
ATOM   826 C CZ  . ARG A 1 105 ? 1.726   -6.689  -14.119 1.00 51.48 ? 105 ARG A CZ  1 
ATOM   827 N NH1 . ARG A 1 105 ? 2.189   -7.802  -13.562 1.00 46.28 ? 105 ARG A NH1 1 
ATOM   828 N NH2 . ARG A 1 105 ? 2.579   -5.732  -14.479 1.00 48.81 ? 105 ARG A NH2 1 
ATOM   829 N N   . TRP A 1 106 ? -1.716  -8.068  -8.959  1.00 15.90 ? 106 TRP A N   1 
ATOM   830 C CA  . TRP A 1 106 ? -2.977  -7.971  -8.251  1.00 8.17  ? 106 TRP A CA  1 
ATOM   831 C C   . TRP A 1 106 ? -3.143  -6.714  -7.417  1.00 8.17  ? 106 TRP A C   1 
ATOM   832 O O   . TRP A 1 106 ? -2.279  -6.365  -6.615  1.00 10.69 ? 106 TRP A O   1 
ATOM   833 C CB  . TRP A 1 106 ? -3.122  -9.193  -7.373  1.00 8.17  ? 106 TRP A CB  1 
ATOM   834 C CG  . TRP A 1 106 ? -4.406  -9.294  -6.689  1.00 8.17  ? 106 TRP A CG  1 
ATOM   835 C CD1 . TRP A 1 106 ? -4.801  -8.613  -5.584  1.00 8.17  ? 106 TRP A CD1 1 
ATOM   836 C CD2 . TRP A 1 106 ? -5.463  -10.190 -7.013  1.00 12.51 ? 106 TRP A CD2 1 
ATOM   837 N NE1 . TRP A 1 106 ? -6.043  -9.035  -5.187  1.00 8.17  ? 106 TRP A NE1 1 
ATOM   838 C CE2 . TRP A 1 106 ? -6.473  -10.008 -6.048  1.00 10.98 ? 106 TRP A CE2 1 
ATOM   839 C CE3 . TRP A 1 106 ? -5.655  -11.139 -8.025  1.00 15.06 ? 106 TRP A CE3 1 
ATOM   840 C CZ2 . TRP A 1 106 ? -7.659  -10.739 -6.062  1.00 11.24 ? 106 TRP A CZ2 1 
ATOM   841 C CZ3 . TRP A 1 106 ? -6.832  -11.865 -8.043  1.00 9.50  ? 106 TRP A CZ3 1 
ATOM   842 C CH2 . TRP A 1 106 ? -7.819  -11.661 -7.065  1.00 25.34 ? 106 TRP A CH2 1 
ATOM   843 N N   . LEU A 1 107 ? -4.272  -6.044  -7.619  1.00 8.17  ? 107 LEU A N   1 
ATOM   844 C CA  . LEU A 1 107 ? -4.610  -4.827  -6.897  1.00 8.17  ? 107 LEU A CA  1 
ATOM   845 C C   . LEU A 1 107 ? -5.813  -5.140  -6.013  1.00 8.85  ? 107 LEU A C   1 
ATOM   846 O O   . LEU A 1 107 ? -6.839  -5.612  -6.513  1.00 8.17  ? 107 LEU A O   1 
ATOM   847 C CB  . LEU A 1 107 ? -4.960  -3.719  -7.887  1.00 8.17  ? 107 LEU A CB  1 
ATOM   848 C CG  . LEU A 1 107 ? -5.642  -2.470  -7.331  1.00 8.17  ? 107 LEU A CG  1 
ATOM   849 C CD1 . LEU A 1 107 ? -4.711  -1.734  -6.400  1.00 10.39 ? 107 LEU A CD1 1 
ATOM   850 C CD2 . LEU A 1 107 ? -6.054  -1.582  -8.470  1.00 11.95 ? 107 LEU A CD2 1 
ATOM   851 N N   . ASP A 1 108 ? -5.691  -4.881  -4.710  1.00 8.17  ? 108 ASP A N   1 
ATOM   852 C CA  . ASP A 1 108 ? -6.787  -5.165  -3.783  1.00 15.80 ? 108 ASP A CA  1 
ATOM   853 C C   . ASP A 1 108 ? -7.999  -4.275  -3.997  1.00 14.11 ? 108 ASP A C   1 
ATOM   854 O O   . ASP A 1 108 ? -7.887  -3.052  -3.948  1.00 16.21 ? 108 ASP A O   1 
ATOM   855 C CB  . ASP A 1 108 ? -6.321  -5.041  -2.331  1.00 16.78 ? 108 ASP A CB  1 
ATOM   856 C CG  . ASP A 1 108 ? -7.454  -5.257  -1.346  1.00 8.17  ? 108 ASP A CG  1 
ATOM   857 O OD1 . ASP A 1 108 ? -8.378  -6.013  -1.696  1.00 15.65 ? 108 ASP A OD1 1 
ATOM   858 O OD2 . ASP A 1 108 ? -7.421  -4.689  -0.234  1.00 8.17  ? 108 ASP A OD2 1 
ATOM   859 N N   . VAL A 1 109 ? -9.158  -4.894  -4.222  1.00 21.90 ? 109 VAL A N   1 
ATOM   860 C CA  . VAL A 1 109 ? -10.396 -4.149  -4.457  1.00 25.01 ? 109 VAL A CA  1 
ATOM   861 C C   . VAL A 1 109 ? -10.983 -3.544  -3.192  1.00 28.14 ? 109 VAL A C   1 
ATOM   862 O O   . VAL A 1 109 ? -11.716 -2.558  -3.257  1.00 34.60 ? 109 VAL A O   1 
ATOM   863 C CB  . VAL A 1 109 ? -11.487 -5.033  -5.084  1.00 20.26 ? 109 VAL A CB  1 
ATOM   864 C CG1 . VAL A 1 109 ? -11.823 -6.178  -4.153  1.00 10.83 ? 109 VAL A CG1 1 
ATOM   865 C CG2 . VAL A 1 109 ? -12.728 -4.198  -5.366  1.00 8.17  ? 109 VAL A CG2 1 
ATOM   866 N N   . LYS A 1 110 ? -10.663 -4.139  -2.049  1.00 28.25 ? 110 LYS A N   1 
ATOM   867 C CA  . LYS A 1 110 ? -11.171 -3.668  -0.762  1.00 25.92 ? 110 LYS A CA  1 
ATOM   868 C C   . LYS A 1 110 ? -10.564 -2.329  -0.335  1.00 18.76 ? 110 LYS A C   1 
ATOM   869 O O   . LYS A 1 110 ? -11.263 -1.326  -0.234  1.00 16.75 ? 110 LYS A O   1 
ATOM   870 C CB  . LYS A 1 110 ? -10.916 -4.731  0.318   1.00 25.04 ? 110 LYS A CB  1 
ATOM   871 C CG  . LYS A 1 110 ? -11.757 -6.006  0.173   1.00 17.63 ? 110 LYS A CG  1 
ATOM   872 C CD  . LYS A 1 110 ? -10.920 -7.282  0.330   1.00 9.56  ? 110 LYS A CD  1 
ATOM   873 C CE  . LYS A 1 110 ? -10.172 -7.309  1.658   1.00 24.21 ? 110 LYS A CE  1 
ATOM   874 N NZ  . LYS A 1 110 ? -9.322  -8.516  1.827   1.00 17.33 ? 110 LYS A NZ  1 
ATOM   875 N N   . GLY A 1 111 ? -9.263  -2.313  -0.083  1.00 16.54 ? 111 GLY A N   1 
ATOM   876 C CA  . GLY A 1 111 ? -8.624  -1.081  0.336   1.00 16.65 ? 111 GLY A CA  1 
ATOM   877 C C   . GLY A 1 111 ? -8.849  -0.758  1.807   1.00 15.29 ? 111 GLY A C   1 
ATOM   878 O O   . GLY A 1 111 ? -9.670  -1.387  2.491   1.00 9.88  ? 111 GLY A O   1 
ATOM   879 N N   . THR A 1 112 ? -8.111  0.234   2.294   1.00 12.74 ? 112 THR A N   1 
ATOM   880 C CA  . THR A 1 112 ? -8.204  0.663   3.684   1.00 13.51 ? 112 THR A CA  1 
ATOM   881 C C   . THR A 1 112 ? -8.560  2.136   3.777   1.00 11.83 ? 112 THR A C   1 
ATOM   882 O O   . THR A 1 112 ? -7.956  2.969   3.099   1.00 9.62  ? 112 THR A O   1 
ATOM   883 C CB  . THR A 1 112 ? -6.873  0.437   4.413   1.00 11.15 ? 112 THR A CB  1 
ATOM   884 O OG1 . THR A 1 112 ? -6.599  -0.969  4.466   1.00 9.23  ? 112 THR A OG1 1 
ATOM   885 C CG2 . THR A 1 112 ? -6.927  1.011   5.821   1.00 8.17  ? 112 THR A CG2 1 
ATOM   886 N N   . THR A 1 113 ? -9.535  2.461   4.620   1.00 12.06 ? 113 THR A N   1 
ATOM   887 C CA  . THR A 1 113 ? -9.940  3.852   4.762   1.00 18.20 ? 113 THR A CA  1 
ATOM   888 C C   . THR A 1 113 ? -9.292  4.548   5.957   1.00 14.85 ? 113 THR A C   1 
ATOM   889 O O   . THR A 1 113 ? -9.630  4.304   7.119   1.00 20.11 ? 113 THR A O   1 
ATOM   890 C CB  . THR A 1 113 ? -11.473 3.989   4.852   1.00 18.98 ? 113 THR A CB  1 
ATOM   891 O OG1 . THR A 1 113 ? -12.072 3.348   3.720   1.00 26.28 ? 113 THR A OG1 1 
ATOM   892 C CG2 . THR A 1 113 ? -11.871 5.456   4.845   1.00 19.04 ? 113 THR A CG2 1 
ATOM   893 N N   . VAL A 1 114 ? -8.349  5.425   5.640   1.00 8.17  ? 114 VAL A N   1 
ATOM   894 C CA  . VAL A 1 114 ? -7.624  6.181   6.640   1.00 8.83  ? 114 VAL A CA  1 
ATOM   895 C C   . VAL A 1 114 ? -8.351  7.467   7.007   1.00 9.92  ? 114 VAL A C   1 
ATOM   896 O O   . VAL A 1 114 ? -8.752  8.241   6.137   1.00 9.48  ? 114 VAL A O   1 
ATOM   897 C CB  . VAL A 1 114 ? -6.211  6.544   6.125   1.00 14.78 ? 114 VAL A CB  1 
ATOM   898 C CG1 . VAL A 1 114 ? -5.510  7.489   7.097   1.00 9.11  ? 114 VAL A CG1 1 
ATOM   899 C CG2 . VAL A 1 114 ? -5.397  5.277   5.929   1.00 12.17 ? 114 VAL A CG2 1 
ATOM   900 N N   . THR A 1 115 ? -8.524  7.684   8.305   1.00 8.95  ? 115 THR A N   1 
ATOM   901 C CA  . THR A 1 115 ? -9.159  8.899   8.793   1.00 10.27 ? 115 THR A CA  1 
ATOM   902 C C   . THR A 1 115 ? -8.117  9.606   9.639   1.00 16.79 ? 115 THR A C   1 
ATOM   903 O O   . THR A 1 115 ? -7.564  9.006   10.564  1.00 22.04 ? 115 THR A O   1 
ATOM   904 C CB  . THR A 1 115 ? -10.363 8.591   9.675   1.00 8.17  ? 115 THR A CB  1 
ATOM   905 O OG1 . THR A 1 115 ? -11.143 7.557   9.067   1.00 27.71 ? 115 THR A OG1 1 
ATOM   906 C CG2 . THR A 1 115 ? -11.215 9.833   9.846   1.00 8.17  ? 115 THR A CG2 1 
ATOM   907 N N   . VAL A 1 116 ? -7.836  10.867  9.313   1.00 20.99 ? 116 VAL A N   1 
ATOM   908 C CA  . VAL A 1 116 ? -6.851  11.649  10.059  1.00 22.77 ? 116 VAL A CA  1 
ATOM   909 C C   . VAL A 1 116 ? -7.507  12.820  10.781  1.00 26.89 ? 116 VAL A C   1 
ATOM   910 O O   . VAL A 1 116 ? -7.935  13.796  10.159  1.00 19.76 ? 116 VAL A O   1 
ATOM   911 C CB  . VAL A 1 116 ? -5.741  12.195  9.138   1.00 23.63 ? 116 VAL A CB  1 
ATOM   912 C CG1 . VAL A 1 116 ? -4.726  12.968  9.960   1.00 21.01 ? 116 VAL A CG1 1 
ATOM   913 C CG2 . VAL A 1 116 ? -5.060  11.046  8.399   1.00 23.48 ? 116 VAL A CG2 1 
ATOM   914 N N   . THR A 1 117 ? -7.575  12.705  12.105  1.00 32.52 ? 117 THR A N   1 
ATOM   915 C CA  . THR A 1 117 ? -8.173  13.724  12.959  1.00 35.69 ? 117 THR A CA  1 
ATOM   916 C C   . THR A 1 117 ? -7.134  14.643  13.592  1.00 33.88 ? 117 THR A C   1 
ATOM   917 O O   . THR A 1 117 ? -5.931  14.402  13.508  1.00 32.29 ? 117 THR A O   1 
ATOM   918 C CB  . THR A 1 117 ? -8.982  13.084  14.086  1.00 38.64 ? 117 THR A CB  1 
ATOM   919 O OG1 . THR A 1 117 ? -8.111  12.295  14.903  1.00 42.54 ? 117 THR A OG1 1 
ATOM   920 C CG2 . THR A 1 117 ? -10.074 12.198  13.511  1.00 46.45 ? 117 THR A CG2 1 
ATOM   921 N N   . THR A 1 118 ? -7.614  15.693  14.244  1.00 38.47 ? 118 THR A N   1 
ATOM   922 C CA  . THR A 1 118 ? -6.738  16.663  14.877  1.00 46.99 ? 118 THR A CA  1 
ATOM   923 C C   . THR A 1 118 ? -6.933  16.670  16.384  1.00 49.84 ? 118 THR A C   1 
ATOM   924 O O   . THR A 1 118 ? -5.919  16.543  17.109  1.00 54.56 ? 118 THR A O   1 
ATOM   925 C CB  . THR A 1 118 ? -7.010  18.072  14.332  1.00 47.76 ? 118 THR A CB  1 
ATOM   926 O OG1 . THR A 1 118 ? -6.939  18.045  12.901  1.00 56.15 ? 118 THR A OG1 1 
ATOM   927 C CG2 . THR A 1 118 ? -5.979  19.060  14.871  1.00 54.27 ? 118 THR A CG2 1 
ATOM   928 N N   . ASP A 1 119 ? -8.097  16.815  16.815  1.00 60.81 ? 119 ASP A N   1 
HETATM 929 C CX1 . SUW B 2 .   ? -4.386  -6.313  -13.154 1.00 20.24 ? 201 SUW A CX1 1 
HETATM 930 O O1A . SUW B 2 .   ? -3.420  -5.904  -13.852 1.00 23.50 ? 201 SUW A O1A 1 
HETATM 931 O O1B . SUW B 2 .   ? -4.598  -5.960  -11.956 1.00 18.83 ? 201 SUW A O1B 1 
HETATM 932 C CX2 . SUW B 2 .   ? -5.360  -7.288  -13.793 1.00 13.30 ? 201 SUW A CX2 1 
HETATM 933 O OX2 . SUW B 2 .   ? -6.110  -6.456  -14.632 1.00 8.17  ? 201 SUW A OX2 1 
HETATM 934 C CX3 . SUW B 2 .   ? -4.762  -8.398  -14.660 1.00 9.57  ? 201 SUW A CX3 1 
HETATM 935 C CX4 . SUW B 2 .   ? -4.284  -9.559  -13.764 1.00 8.17  ? 201 SUW A CX4 1 
HETATM 936 O OX4 . SUW B 2 .   ? -3.941  -10.686 -14.552 1.00 8.17  ? 201 SUW A OX4 1 
HETATM 937 C CX5 . SUW B 2 .   ? -5.337  -10.015 -12.736 1.00 8.17  ? 201 SUW A CX5 1 
HETATM 938 N NX5 . SUW B 2 .   ? -4.696  -11.044 -11.933 1.00 12.00 ? 201 SUW A NX5 1 
HETATM 939 C C10 . SUW B 2 .   ? -5.275  -12.240 -11.780 1.00 11.75 ? 201 SUW A C10 1 
HETATM 940 O O10 . SUW B 2 .   ? -6.291  -12.606 -12.405 1.00 24.19 ? 201 SUW A O10 1 
HETATM 941 C C11 . SUW B 2 .   ? -4.656  -13.191 -10.785 1.00 8.40  ? 201 SUW A C11 1 
HETATM 942 C CX6 . SUW B 2 .   ? -5.784  -8.780  -11.925 1.00 8.17  ? 201 SUW A CX6 1 
HETATM 943 O OX6 . SUW B 2 .   ? -6.306  -7.748  -12.824 1.00 17.42 ? 201 SUW A OX6 1 
HETATM 944 C CX7 . SUW B 2 .   ? -6.819  -9.029  -10.865 1.00 13.22 ? 201 SUW A CX7 1 
HETATM 945 O OX7 . SUW B 2 .   ? -7.925  -9.649  -11.480 1.00 26.46 ? 201 SUW A OX7 1 
HETATM 946 C CX8 . SUW B 2 .   ? -7.343  -7.726  -10.249 1.00 13.11 ? 201 SUW A CX8 1 
HETATM 947 O OX8 . SUW B 2 .   ? -6.302  -6.814  -9.875  1.00 19.38 ? 201 SUW A OX8 1 
HETATM 948 C CX9 . SUW B 2 .   ? -8.262  -8.101  -9.046  1.00 8.17  ? 201 SUW A CX9 1 
HETATM 949 N NX6 . SUW B 2 .   ? -8.977  -6.938  -8.519  1.00 9.53  ? 201 SUW A NX6 1 
HETATM 950 C C12 . SUW B 2 .   ? -10.146 -6.504  -9.036  1.00 12.01 ? 201 SUW A C12 1 
HETATM 951 O O12 . SUW B 2 .   ? -10.851 -7.314  -9.633  1.00 16.61 ? 201 SUW A O12 1 
HETATM 952 C C25 . SUW B 2 .   ? -9.776  -4.136  -8.169  1.00 12.38 ? 201 SUW A C25 1 
HETATM 953 C C26 . SUW B 2 .   ? -10.600 -5.063  -8.887  1.00 10.04 ? 201 SUW A C26 1 
HETATM 954 C C27 . SUW B 2 .   ? -11.829 -4.596  -9.442  1.00 8.17  ? 201 SUW A C27 1 
HETATM 955 C C28 . SUW B 2 .   ? -12.234 -3.241  -9.292  1.00 20.11 ? 201 SUW A C28 1 
HETATM 956 C C2B . SUW B 2 .   ? -11.419 -2.317  -8.581  1.00 16.18 ? 201 SUW A C2B 1 
HETATM 957 C C21 . SUW B 2 .   ? -11.818 -0.958  -8.428  1.00 8.17  ? 201 SUW A C21 1 
HETATM 958 C C22 . SUW B 2 .   ? -10.987 -0.054  -7.712  1.00 8.17  ? 201 SUW A C22 1 
HETATM 959 C C23 . SUW B 2 .   ? -9.753  -0.502  -7.144  1.00 10.06 ? 201 SUW A C23 1 
HETATM 960 C C24 . SUW B 2 .   ? -9.345  -1.857  -7.292  1.00 14.23 ? 201 SUW A C24 1 
HETATM 961 C C2A . SUW B 2 .   ? -10.164 -2.776  -8.006  1.00 15.62 ? 201 SUW A C2A 1 
# 
